data_4KAM
#
_entry.id   4KAM
#
_cell.length_a   84.670
_cell.length_b   109.100
_cell.length_c   98.630
_cell.angle_alpha   90.00
_cell.angle_beta   98.59
_cell.angle_gamma   90.00
#
_symmetry.space_group_name_H-M   'P 1 21 1'
#
loop_
_entity.id
_entity.type
_entity.pdbx_description
1 polymer 'O-acetylhomoserine sulfhydrylase MetC'
2 non-polymer 'SULFATE ION'
3 water water
#
_entity_poly.entity_id   1
_entity_poly.type   'polypeptide(L)'
_entity_poly.pdbx_seq_one_letter_code
;GPGSMSAENTSTDADPTAHWSFETKQIHAGQQPDSATNARALPIYQTTSYTFENTAHAAALFGLEVPGNIYTRLGNPTTD
VVEQRIAALEGGVAALFLSSGQAAETFAILNLAGAGDHIVSSPRLYGGTYNLFHYSLAKLGIEVSFVDDPDNLDSWQAAV
RPNTKAFFGETISNPQIDLLDTPGVAEVAHRNGIPLIVDNTIATPYLIRPFTQGADIVVHSATKYLGGHGAAIAGVIVDG
GTFDWTQGRFPEFTTPDPSYHGVVFAELGAPAYALKARVQLLRDLGSAASPFNAFLVAQGLETLSLRIERHVSNAQRVAE
FLADREDVVTVNYAGLPGSPWHERAKKLSPKGTGAVLSFELAGGVEAGKAFVNALKLHSHVANIGDVRSLVIHPASTTHA
QLSPAEQLSTGVSPGLVRLAVGIEGIEDILADLELGFAAARKFSGDSQAVAAI
;
_entity_poly.pdbx_strand_id   A,B,C,D
#
loop_
_chem_comp.id
_chem_comp.type
_chem_comp.name
_chem_comp.formula
SO4 non-polymer 'SULFATE ION' 'O4 S -2'
#
# COMPACT_ATOMS: atom_id res chain seq x y z
N PRO A 16 0.63 27.61 -19.44
CA PRO A 16 1.77 27.46 -18.54
C PRO A 16 2.67 26.27 -18.93
N THR A 17 2.02 25.13 -19.13
CA THR A 17 2.64 23.85 -19.28
C THR A 17 1.88 23.07 -20.36
N ALA A 18 1.15 23.81 -21.20
CA ALA A 18 0.26 23.21 -22.20
C ALA A 18 1.12 22.71 -23.34
N HIS A 19 2.09 23.53 -23.72
CA HIS A 19 3.22 23.20 -24.62
C HIS A 19 4.23 22.04 -24.25
N TRP A 20 4.16 21.51 -23.02
CA TRP A 20 4.98 20.33 -22.63
C TRP A 20 4.73 19.18 -23.59
N SER A 21 5.71 18.35 -23.83
CA SER A 21 5.47 17.07 -24.54
C SER A 21 4.66 16.05 -23.70
N PHE A 22 4.15 15.06 -24.40
CA PHE A 22 3.49 13.96 -23.80
C PHE A 22 4.33 13.35 -22.65
N GLU A 23 5.62 13.15 -22.92
CA GLU A 23 6.55 12.52 -22.00
C GLU A 23 6.63 13.33 -20.70
N THR A 24 6.62 14.64 -20.83
CA THR A 24 6.69 15.49 -19.69
C THR A 24 5.40 15.43 -18.89
N LYS A 25 4.26 15.46 -19.59
CA LYS A 25 2.96 15.42 -19.01
C LYS A 25 2.72 14.15 -18.22
N GLN A 26 3.20 13.01 -18.71
CA GLN A 26 2.84 11.75 -18.04
C GLN A 26 3.50 11.62 -16.67
N ILE A 27 4.52 12.45 -16.43
CA ILE A 27 5.15 12.55 -15.14
C ILE A 27 4.67 13.73 -14.33
N HIS A 28 4.56 14.90 -14.93
CA HIS A 28 4.37 16.14 -14.19
C HIS A 28 2.96 16.73 -14.28
N ALA A 29 2.15 16.39 -15.27
CA ALA A 29 0.83 17.08 -15.37
C ALA A 29 0.00 16.81 -14.08
N GLY A 30 -0.68 17.85 -13.61
CA GLY A 30 -1.48 17.77 -12.38
C GLY A 30 -0.70 17.82 -11.07
N GLN A 31 0.63 17.91 -11.12
CA GLN A 31 1.44 17.89 -9.89
C GLN A 31 1.16 19.12 -9.05
N GLN A 32 1.41 19.05 -7.74
CA GLN A 32 1.30 20.21 -6.82
C GLN A 32 2.17 21.37 -7.34
N PRO A 33 1.66 22.62 -7.31
CA PRO A 33 2.49 23.74 -7.84
C PRO A 33 3.86 23.95 -7.15
N ASP A 34 4.08 23.32 -5.98
CA ASP A 34 5.39 23.36 -5.30
C ASP A 34 6.17 22.00 -5.28
N SER A 35 5.78 21.07 -6.14
CA SER A 35 6.44 19.74 -6.19
C SER A 35 7.96 19.84 -6.43
N ALA A 36 8.37 20.85 -7.20
CA ALA A 36 9.76 21.04 -7.54
C ALA A 36 10.58 21.38 -6.32
N LEU A 42 4.15 12.15 -4.50
CA LEU A 42 2.70 11.94 -4.40
C LEU A 42 2.24 11.14 -3.13
N PRO A 43 1.94 11.85 -2.00
CA PRO A 43 1.41 11.19 -0.73
C PRO A 43 0.13 10.41 -0.93
N ILE A 44 0.00 9.21 -0.37
CA ILE A 44 -1.21 8.43 -0.53
C ILE A 44 -2.20 8.84 0.55
N TYR A 45 -3.24 9.60 0.17
CA TYR A 45 -4.28 10.05 1.14
C TYR A 45 -5.33 8.98 1.32
N GLN A 46 -4.95 8.01 2.09
CA GLN A 46 -5.77 6.85 2.34
C GLN A 46 -6.67 7.19 3.52
N THR A 47 -7.70 7.98 3.22
CA THR A 47 -8.55 8.63 4.23
C THR A 47 -9.97 8.67 3.69
N THR A 48 -10.93 8.54 4.59
CA THR A 48 -12.34 8.62 4.24
C THR A 48 -13.02 9.84 4.87
N SER A 49 -12.23 10.86 5.19
CA SER A 49 -12.76 12.08 5.81
C SER A 49 -13.31 12.97 4.70
N ASN A 76 -10.51 13.49 -3.30
CA ASN A 76 -9.23 13.07 -2.74
C ASN A 76 -7.95 13.67 -3.44
N PRO A 77 -6.98 14.20 -2.67
CA PRO A 77 -5.88 14.75 -3.41
C PRO A 77 -5.08 13.76 -4.25
N THR A 78 -4.89 12.52 -3.80
CA THR A 78 -4.17 11.51 -4.60
C THR A 78 -4.90 11.23 -5.93
N THR A 79 -6.21 11.01 -5.82
CA THR A 79 -7.02 10.78 -7.01
C THR A 79 -7.09 11.96 -7.99
N ASP A 80 -7.19 13.18 -7.45
N ASP A 80 -7.21 13.18 -7.43
CA ASP A 80 -7.29 14.37 -8.28
CA ASP A 80 -7.25 14.45 -8.17
C ASP A 80 -6.06 14.52 -9.19
C ASP A 80 -6.07 14.55 -9.14
N VAL A 81 -4.88 14.18 -8.66
CA VAL A 81 -3.68 14.28 -9.46
C VAL A 81 -3.73 13.34 -10.65
N VAL A 82 -4.14 12.09 -10.41
CA VAL A 82 -4.24 11.14 -11.48
C VAL A 82 -5.31 11.55 -12.52
N GLU A 83 -6.41 12.16 -12.05
CA GLU A 83 -7.46 12.67 -12.91
C GLU A 83 -6.91 13.80 -13.79
N GLN A 84 -6.26 14.80 -13.18
CA GLN A 84 -5.62 15.89 -13.94
C GLN A 84 -4.60 15.39 -14.94
N ARG A 85 -3.80 14.39 -14.57
CA ARG A 85 -2.79 13.87 -15.48
C ARG A 85 -3.44 13.19 -16.71
N ILE A 86 -4.46 12.37 -16.50
CA ILE A 86 -5.09 11.67 -17.62
C ILE A 86 -5.81 12.67 -18.52
N ALA A 87 -6.45 13.66 -17.93
CA ALA A 87 -7.10 14.73 -18.72
C ALA A 87 -6.10 15.45 -19.60
N ALA A 88 -4.93 15.74 -19.04
CA ALA A 88 -3.88 16.44 -19.75
C ALA A 88 -3.35 15.55 -20.89
N LEU A 89 -3.18 14.24 -20.66
CA LEU A 89 -2.71 13.39 -21.75
C LEU A 89 -3.69 13.32 -22.93
N GLU A 90 -4.99 13.30 -22.64
CA GLU A 90 -6.04 13.34 -23.68
C GLU A 90 -6.36 14.77 -24.24
N GLY A 91 -5.89 15.80 -23.56
CA GLY A 91 -6.23 17.19 -23.89
C GLY A 91 -7.68 17.49 -23.53
N GLY A 92 -8.23 16.78 -22.52
CA GLY A 92 -9.57 17.03 -22.00
C GLY A 92 -9.57 18.12 -20.94
N VAL A 93 -10.77 18.52 -20.53
CA VAL A 93 -10.90 19.56 -19.50
C VAL A 93 -10.99 19.02 -18.10
N ALA A 94 -11.27 17.73 -17.93
CA ALA A 94 -11.47 17.19 -16.58
C ALA A 94 -11.66 15.71 -16.71
N ALA A 95 -11.39 14.99 -15.65
CA ALA A 95 -11.58 13.54 -15.64
C ALA A 95 -12.06 13.08 -14.27
N LEU A 96 -12.67 11.88 -14.27
CA LEU A 96 -13.22 11.29 -13.06
C LEU A 96 -12.73 9.84 -12.96
N PHE A 97 -11.95 9.56 -11.93
CA PHE A 97 -11.32 8.26 -11.70
C PHE A 97 -12.22 7.39 -10.81
N LEU A 98 -12.38 6.13 -11.20
CA LEU A 98 -13.40 5.25 -10.65
C LEU A 98 -12.88 3.85 -10.36
N SER A 99 -13.69 3.05 -9.73
CA SER A 99 -13.31 1.73 -9.24
C SER A 99 -12.86 0.72 -10.30
N SER A 100 -13.37 0.84 -11.54
CA SER A 100 -13.02 -0.08 -12.60
C SER A 100 -13.36 0.50 -13.97
N GLY A 101 -12.89 -0.14 -15.04
CA GLY A 101 -13.36 0.24 -16.38
C GLY A 101 -14.86 0.02 -16.56
N GLN A 102 -15.34 -1.10 -16.06
CA GLN A 102 -16.80 -1.36 -16.12
C GLN A 102 -17.56 -0.20 -15.51
N ALA A 103 -17.12 0.32 -14.35
CA ALA A 103 -17.86 1.43 -13.74
C ALA A 103 -17.73 2.72 -14.54
N ALA A 104 -16.58 2.89 -15.21
CA ALA A 104 -16.41 4.07 -16.09
C ALA A 104 -17.37 4.01 -17.29
N GLU A 105 -17.57 2.81 -17.87
CA GLU A 105 -18.51 2.70 -19.00
C GLU A 105 -19.92 2.95 -18.49
N THR A 106 -20.20 2.40 -17.31
CA THR A 106 -21.51 2.53 -16.68
C THR A 106 -21.84 4.02 -16.44
N PHE A 107 -20.92 4.71 -15.78
CA PHE A 107 -21.11 6.11 -15.46
C PHE A 107 -21.18 6.97 -16.74
N ALA A 108 -20.42 6.63 -17.77
CA ALA A 108 -20.39 7.46 -18.99
C ALA A 108 -21.78 7.49 -19.63
N ILE A 109 -22.46 6.35 -19.60
CA ILE A 109 -23.81 6.20 -20.11
C ILE A 109 -24.87 6.79 -19.14
N LEU A 110 -24.82 6.36 -17.88
CA LEU A 110 -25.80 6.78 -16.89
C LEU A 110 -25.76 8.29 -16.63
N ASN A 111 -24.63 8.96 -16.98
CA ASN A 111 -24.58 10.42 -16.78
C ASN A 111 -25.56 11.15 -17.73
N LEU A 112 -25.90 10.50 -18.85
CA LEU A 112 -26.79 10.98 -19.88
C LEU A 112 -28.14 10.25 -19.98
N ALA A 113 -28.19 8.95 -19.70
CA ALA A 113 -29.32 8.15 -20.02
C ALA A 113 -29.89 7.48 -18.79
N GLY A 114 -31.23 7.46 -18.66
CA GLY A 114 -31.90 6.57 -17.73
C GLY A 114 -33.06 5.81 -18.36
N ALA A 115 -34.00 5.38 -17.54
CA ALA A 115 -35.12 4.57 -18.04
C ALA A 115 -35.85 5.31 -19.18
N GLY A 116 -36.01 4.61 -20.28
CA GLY A 116 -36.71 5.13 -21.49
C GLY A 116 -35.82 5.85 -22.47
N ASP A 117 -34.51 5.85 -22.21
CA ASP A 117 -33.57 6.45 -23.11
C ASP A 117 -32.86 5.38 -23.94
N HIS A 118 -32.08 5.85 -24.92
CA HIS A 118 -31.52 4.98 -25.95
C HIS A 118 -30.09 5.40 -26.31
N ILE A 119 -29.32 4.39 -26.66
CA ILE A 119 -27.95 4.55 -27.06
C ILE A 119 -27.72 3.85 -28.37
N VAL A 120 -26.92 4.47 -29.25
CA VAL A 120 -26.49 3.80 -30.51
C VAL A 120 -25.01 3.43 -30.35
N SER A 121 -24.69 2.13 -30.50
CA SER A 121 -23.34 1.58 -30.31
C SER A 121 -22.86 0.86 -31.55
N SER A 122 -21.56 0.90 -31.77
CA SER A 122 -20.90 -0.04 -32.63
C SER A 122 -21.11 -1.44 -32.11
N PRO A 123 -21.21 -2.42 -33.02
CA PRO A 123 -21.32 -3.83 -32.56
C PRO A 123 -19.95 -4.37 -32.19
N ARG A 124 -18.88 -3.65 -32.54
CA ARG A 124 -17.54 -4.14 -32.22
C ARG A 124 -17.16 -3.71 -30.80
N LEU A 125 -17.43 -4.57 -29.84
CA LEU A 125 -17.31 -4.20 -28.46
C LEU A 125 -16.59 -5.26 -27.68
N TYR A 126 -15.90 -4.79 -26.67
CA TYR A 126 -15.38 -5.64 -25.62
C TYR A 126 -16.51 -6.35 -24.93
N GLY A 127 -16.32 -7.64 -24.64
CA GLY A 127 -17.38 -8.46 -24.10
C GLY A 127 -17.97 -7.89 -22.81
N GLY A 128 -17.10 -7.37 -21.93
CA GLY A 128 -17.59 -6.73 -20.69
C GLY A 128 -18.52 -5.52 -20.94
N THR A 129 -18.24 -4.75 -21.99
CA THR A 129 -19.12 -3.63 -22.33
C THR A 129 -20.41 -4.14 -22.96
N TYR A 130 -20.32 -5.12 -23.87
CA TYR A 130 -21.53 -5.71 -24.42
C TYR A 130 -22.50 -6.24 -23.33
N ASN A 131 -21.95 -6.95 -22.35
CA ASN A 131 -22.76 -7.54 -21.26
C ASN A 131 -23.47 -6.42 -20.46
N LEU A 132 -22.74 -5.38 -20.16
CA LEU A 132 -23.29 -4.20 -19.49
C LEU A 132 -24.43 -3.59 -20.29
N PHE A 133 -24.18 -3.35 -21.57
CA PHE A 133 -25.17 -2.67 -22.39
C PHE A 133 -26.43 -3.53 -22.61
N HIS A 134 -26.21 -4.80 -22.89
CA HIS A 134 -27.24 -5.72 -23.31
C HIS A 134 -28.02 -6.33 -22.13
N TYR A 135 -27.38 -6.54 -20.98
CA TYR A 135 -28.08 -7.11 -19.83
C TYR A 135 -28.39 -6.09 -18.75
N SER A 136 -27.40 -5.61 -18.01
CA SER A 136 -27.68 -4.76 -16.82
C SER A 136 -28.32 -3.41 -17.20
N LEU A 137 -27.87 -2.73 -18.26
CA LEU A 137 -28.51 -1.45 -18.65
C LEU A 137 -29.96 -1.63 -19.16
N ALA A 138 -30.21 -2.71 -19.90
CA ALA A 138 -31.56 -3.03 -20.40
C ALA A 138 -32.54 -3.14 -19.20
N LYS A 139 -32.06 -3.66 -18.07
CA LYS A 139 -32.95 -3.83 -16.90
C LYS A 139 -33.25 -2.50 -16.21
N LEU A 140 -32.40 -1.50 -16.51
CA LEU A 140 -32.60 -0.12 -16.05
C LEU A 140 -33.36 0.74 -17.09
N GLY A 141 -33.95 0.08 -18.10
CA GLY A 141 -34.78 0.75 -19.08
C GLY A 141 -34.01 1.54 -20.13
N ILE A 142 -32.70 1.29 -20.29
CA ILE A 142 -31.90 1.91 -21.32
C ILE A 142 -31.71 0.90 -22.45
N GLU A 143 -32.19 1.24 -23.64
CA GLU A 143 -32.03 0.38 -24.81
C GLU A 143 -30.81 0.78 -25.61
N VAL A 144 -29.91 -0.17 -25.78
CA VAL A 144 -28.71 0.06 -26.59
C VAL A 144 -28.90 -0.64 -27.88
N SER A 145 -28.95 0.11 -29.00
CA SER A 145 -28.99 -0.50 -30.33
C SER A 145 -27.61 -0.56 -30.94
N PHE A 146 -27.33 -1.61 -31.70
CA PHE A 146 -26.06 -1.82 -32.36
C PHE A 146 -26.22 -1.59 -33.84
N VAL A 147 -25.40 -0.76 -34.45
CA VAL A 147 -25.46 -0.63 -35.92
C VAL A 147 -24.94 -1.91 -36.60
N ASP A 148 -25.39 -2.14 -37.82
CA ASP A 148 -24.97 -3.40 -38.55
C ASP A 148 -23.49 -3.32 -38.87
N ASP A 149 -23.07 -2.15 -39.31
CA ASP A 149 -21.71 -1.99 -39.77
C ASP A 149 -21.25 -0.60 -39.34
N PRO A 150 -20.32 -0.55 -38.38
CA PRO A 150 -19.93 0.72 -37.85
C PRO A 150 -19.15 1.58 -38.86
N ASP A 151 -18.69 0.99 -39.96
CA ASP A 151 -18.07 1.77 -41.03
C ASP A 151 -19.09 2.42 -41.96
N ASN A 152 -20.37 2.16 -41.76
CA ASN A 152 -21.39 2.71 -42.65
C ASN A 152 -22.09 3.85 -41.92
N LEU A 153 -21.69 5.06 -42.25
CA LEU A 153 -22.18 6.24 -41.55
C LEU A 153 -23.69 6.41 -41.68
N ASP A 154 -24.26 6.02 -42.80
CA ASP A 154 -25.69 6.07 -42.95
C ASP A 154 -26.37 5.16 -41.94
N SER A 155 -25.72 4.05 -41.54
CA SER A 155 -26.33 3.15 -40.59
C SER A 155 -26.45 3.83 -39.23
N TRP A 156 -25.50 4.68 -38.88
CA TRP A 156 -25.57 5.39 -37.60
C TRP A 156 -26.74 6.39 -37.60
N GLN A 157 -26.84 7.17 -38.67
CA GLN A 157 -27.96 8.07 -38.84
C GLN A 157 -29.31 7.36 -38.70
N ALA A 158 -29.47 6.20 -39.34
CA ALA A 158 -30.76 5.49 -39.37
C ALA A 158 -31.18 4.95 -38.01
N ALA A 159 -30.19 4.72 -37.14
CA ALA A 159 -30.43 4.24 -35.80
C ALA A 159 -30.83 5.33 -34.81
N VAL A 160 -30.65 6.59 -35.19
CA VAL A 160 -31.01 7.71 -34.32
C VAL A 160 -32.51 7.71 -33.99
N ARG A 161 -32.83 7.83 -32.71
N ARG A 161 -32.80 7.88 -32.71
CA ARG A 161 -34.24 7.97 -32.29
CA ARG A 161 -34.18 8.03 -32.24
C ARG A 161 -34.40 9.20 -31.36
C ARG A 161 -34.38 9.35 -31.50
N PRO A 162 -35.64 9.67 -31.16
CA PRO A 162 -35.87 10.85 -30.35
C PRO A 162 -35.32 10.75 -28.94
N ASN A 163 -35.24 9.56 -28.38
CA ASN A 163 -34.70 9.38 -27.06
C ASN A 163 -33.20 8.99 -27.06
N THR A 164 -32.53 9.05 -28.19
CA THR A 164 -31.10 8.69 -28.26
C THR A 164 -30.30 9.74 -27.48
N LYS A 165 -29.44 9.30 -26.59
CA LYS A 165 -28.64 10.19 -25.75
C LYS A 165 -27.15 10.20 -26.02
N ALA A 166 -26.64 9.21 -26.76
CA ALA A 166 -25.23 9.13 -27.10
C ALA A 166 -25.02 8.14 -28.20
N PHE A 167 -23.88 8.33 -28.87
CA PHE A 167 -23.29 7.32 -29.69
C PHE A 167 -22.09 6.75 -28.92
N PHE A 168 -21.76 5.48 -29.15
CA PHE A 168 -20.63 4.81 -28.47
C PHE A 168 -19.84 3.94 -29.43
N GLY A 169 -18.52 4.03 -29.38
CA GLY A 169 -17.66 3.04 -30.03
C GLY A 169 -16.32 2.96 -29.40
N GLU A 170 -15.52 2.01 -29.86
CA GLU A 170 -14.17 1.81 -29.40
C GLU A 170 -13.20 2.27 -30.50
N THR A 171 -12.16 3.01 -30.14
CA THR A 171 -11.26 3.56 -31.17
C THR A 171 -10.52 2.48 -31.98
N ILE A 172 -10.14 1.39 -31.29
CA ILE A 172 -9.62 0.20 -31.92
C ILE A 172 -10.35 -0.95 -31.23
N SER A 173 -10.98 -1.87 -31.95
CA SER A 173 -11.69 -2.97 -31.27
C SER A 173 -10.90 -4.25 -31.43
N ASN A 174 -11.23 -5.26 -30.63
CA ASN A 174 -10.49 -6.52 -30.65
C ASN A 174 -11.52 -7.61 -30.57
N PRO A 175 -11.41 -8.63 -31.41
CA PRO A 175 -10.27 -9.10 -32.16
C PRO A 175 -10.05 -8.55 -33.56
N GLN A 176 -10.95 -7.70 -34.05
CA GLN A 176 -10.86 -7.23 -35.43
C GLN A 176 -9.63 -6.36 -35.70
N ILE A 177 -9.26 -5.58 -34.70
CA ILE A 177 -8.25 -4.52 -34.86
C ILE A 177 -8.57 -3.62 -36.05
N ASP A 178 -9.83 -3.18 -36.10
CA ASP A 178 -10.27 -2.09 -36.95
C ASP A 178 -9.92 -0.78 -36.24
N LEU A 179 -10.17 0.35 -36.92
CA LEU A 179 -10.24 1.65 -36.25
C LEU A 179 -11.61 2.21 -36.48
N LEU A 180 -12.21 2.77 -35.45
CA LEU A 180 -13.43 3.48 -35.63
C LEU A 180 -13.16 4.71 -36.49
N ASP A 181 -14.11 5.04 -37.34
CA ASP A 181 -14.12 6.31 -38.05
C ASP A 181 -14.62 7.39 -37.14
N THR A 182 -13.77 7.80 -36.23
CA THR A 182 -14.21 8.75 -35.18
C THR A 182 -14.71 10.10 -35.78
N PRO A 183 -13.99 10.66 -36.79
CA PRO A 183 -14.53 11.91 -37.37
C PRO A 183 -15.90 11.77 -38.03
N GLY A 184 -16.08 10.72 -38.81
CA GLY A 184 -17.35 10.49 -39.48
C GLY A 184 -18.49 10.11 -38.56
N VAL A 185 -18.20 9.30 -37.55
CA VAL A 185 -19.27 8.98 -36.58
C VAL A 185 -19.62 10.20 -35.74
N ALA A 186 -18.58 10.95 -35.31
CA ALA A 186 -18.83 12.16 -34.57
C ALA A 186 -19.66 13.17 -35.38
N GLU A 187 -19.38 13.27 -36.67
N GLU A 187 -19.40 13.29 -36.68
CA GLU A 187 -20.11 14.21 -37.55
CA GLU A 187 -20.17 14.25 -37.50
C GLU A 187 -21.61 13.86 -37.57
C GLU A 187 -21.64 13.86 -37.49
N VAL A 188 -21.93 12.57 -37.67
CA VAL A 188 -23.35 12.11 -37.62
C VAL A 188 -23.99 12.40 -36.24
N ALA A 189 -23.27 12.09 -35.17
CA ALA A 189 -23.79 12.35 -33.83
C ALA A 189 -24.13 13.85 -33.66
N HIS A 190 -23.11 14.65 -33.90
CA HIS A 190 -23.25 16.09 -33.69
C HIS A 190 -24.33 16.74 -34.52
N ARG A 191 -24.53 16.30 -35.75
CA ARG A 191 -25.57 16.95 -36.52
C ARG A 191 -26.96 16.66 -35.96
N ASN A 192 -27.11 15.59 -35.17
CA ASN A 192 -28.37 15.27 -34.46
C ASN A 192 -28.46 15.81 -33.04
N GLY A 193 -27.43 16.52 -32.61
CA GLY A 193 -27.34 17.04 -31.28
C GLY A 193 -27.00 15.97 -30.25
N ILE A 194 -26.18 14.99 -30.64
CA ILE A 194 -25.86 13.83 -29.83
C ILE A 194 -24.33 13.79 -29.62
N PRO A 195 -23.88 13.48 -28.40
CA PRO A 195 -22.44 13.37 -28.21
C PRO A 195 -21.90 11.99 -28.50
N LEU A 196 -20.63 11.94 -28.81
CA LEU A 196 -19.92 10.68 -29.03
C LEU A 196 -19.01 10.34 -27.87
N ILE A 197 -19.27 9.18 -27.29
CA ILE A 197 -18.44 8.55 -26.24
C ILE A 197 -17.58 7.49 -26.93
N VAL A 198 -16.27 7.52 -26.70
CA VAL A 198 -15.43 6.40 -27.21
C VAL A 198 -14.60 5.81 -26.10
N ASP A 199 -14.35 4.51 -26.20
CA ASP A 199 -13.44 3.85 -25.38
C ASP A 199 -12.11 3.89 -26.13
N ASN A 200 -11.08 4.44 -25.51
CA ASN A 200 -9.74 4.57 -26.10
C ASN A 200 -8.69 3.71 -25.42
N THR A 201 -9.11 2.64 -24.73
CA THR A 201 -8.24 1.83 -23.91
C THR A 201 -7.08 1.21 -24.67
N ILE A 202 -7.41 0.51 -25.75
CA ILE A 202 -6.40 -0.16 -26.55
C ILE A 202 -5.44 0.81 -27.23
N ALA A 203 -5.94 1.87 -27.85
CA ALA A 203 -5.01 2.83 -28.47
C ALA A 203 -4.12 3.57 -27.47
N THR A 204 -4.76 3.97 -26.35
CA THR A 204 -4.21 4.87 -25.32
C THR A 204 -4.08 6.29 -25.89
N PRO A 205 -3.97 7.31 -25.02
CA PRO A 205 -3.72 8.68 -25.46
C PRO A 205 -2.39 8.89 -26.18
N TYR A 206 -1.47 7.95 -26.06
CA TYR A 206 -0.19 8.05 -26.79
C TYR A 206 -0.37 7.89 -28.30
N LEU A 207 -1.30 7.04 -28.69
CA LEU A 207 -1.56 6.83 -30.09
C LEU A 207 -2.67 7.69 -30.69
N ILE A 208 -3.75 7.90 -29.94
CA ILE A 208 -4.92 8.64 -30.43
C ILE A 208 -5.45 9.52 -29.35
N ARG A 209 -5.70 10.80 -29.67
N ARG A 209 -5.70 10.80 -29.69
CA ARG A 209 -6.42 11.68 -28.78
CA ARG A 209 -6.42 11.75 -28.86
C ARG A 209 -7.76 12.01 -29.47
C ARG A 209 -7.77 12.00 -29.54
N PRO A 210 -8.78 11.18 -29.20
CA PRO A 210 -10.05 11.24 -29.92
C PRO A 210 -10.78 12.59 -29.86
N PHE A 211 -10.51 13.41 -28.84
CA PHE A 211 -11.13 14.74 -28.83
C PHE A 211 -10.70 15.53 -30.06
N THR A 212 -9.49 15.26 -30.58
CA THR A 212 -9.03 15.98 -31.77
C THR A 212 -9.74 15.47 -33.01
N GLN A 213 -10.50 14.38 -32.85
CA GLN A 213 -11.12 13.73 -33.96
C GLN A 213 -12.63 13.78 -33.91
N GLY A 214 -13.17 14.51 -32.96
CA GLY A 214 -14.61 14.68 -32.85
C GLY A 214 -15.26 14.05 -31.63
N ALA A 215 -14.56 13.15 -30.92
CA ALA A 215 -15.20 12.54 -29.73
C ALA A 215 -15.42 13.61 -28.67
N ASP A 216 -16.47 13.45 -27.86
CA ASP A 216 -16.77 14.37 -26.73
C ASP A 216 -16.44 13.82 -25.39
N ILE A 217 -16.47 12.49 -25.24
CA ILE A 217 -16.20 11.83 -23.95
C ILE A 217 -15.31 10.61 -24.23
N VAL A 218 -14.26 10.42 -23.44
CA VAL A 218 -13.32 9.32 -23.58
C VAL A 218 -13.31 8.49 -22.32
N VAL A 219 -13.39 7.16 -22.47
CA VAL A 219 -13.33 6.24 -21.37
C VAL A 219 -12.10 5.35 -21.52
N HIS A 220 -11.40 5.10 -20.43
CA HIS A 220 -10.39 4.09 -20.35
C HIS A 220 -10.65 3.08 -19.24
N SER A 221 -10.34 1.81 -19.53
CA SER A 221 -10.06 0.85 -18.44
C SER A 221 -8.59 1.10 -18.04
N ALA A 222 -8.40 1.89 -16.99
CA ALA A 222 -7.05 2.23 -16.48
C ALA A 222 -6.36 1.02 -15.89
N THR A 223 -7.15 0.01 -15.56
CA THR A 223 -6.64 -1.34 -15.23
C THR A 223 -5.58 -1.83 -16.21
N LYS A 224 -5.78 -1.45 -17.47
CA LYS A 224 -5.03 -1.99 -18.56
C LYS A 224 -3.78 -1.15 -18.82
N TYR A 225 -3.61 -0.57 -20.01
CA TYR A 225 -2.33 0.12 -20.36
C TYR A 225 -1.96 1.32 -19.45
N LEU A 226 -2.94 2.11 -19.00
CA LEU A 226 -2.62 3.33 -18.22
C LEU A 226 -1.83 2.97 -16.97
N GLY A 227 -2.33 2.01 -16.20
CA GLY A 227 -1.57 1.55 -15.01
C GLY A 227 -0.44 0.64 -15.41
N GLY A 228 -0.71 -0.27 -16.33
CA GLY A 228 0.30 -1.02 -17.04
C GLY A 228 0.96 -2.23 -16.43
N HIS A 229 0.69 -2.51 -15.18
CA HIS A 229 1.43 -3.54 -14.45
C HIS A 229 0.52 -4.58 -13.81
N GLY A 230 -0.75 -4.57 -14.17
CA GLY A 230 -1.67 -5.54 -13.68
C GLY A 230 -1.90 -5.46 -12.18
N ALA A 231 -1.76 -4.27 -11.62
CA ALA A 231 -1.71 -4.13 -10.18
C ALA A 231 -2.80 -3.22 -9.63
N ALA A 232 -3.68 -2.71 -10.49
CA ALA A 232 -4.70 -1.83 -9.99
C ALA A 232 -5.89 -1.74 -10.93
N ILE A 233 -7.01 -2.25 -10.45
CA ILE A 233 -8.28 -2.13 -11.20
C ILE A 233 -8.73 -0.67 -11.07
N ALA A 234 -9.10 -0.10 -12.19
CA ALA A 234 -9.48 1.32 -12.24
C ALA A 234 -10.14 1.69 -13.54
N GLY A 235 -11.01 2.70 -13.51
CA GLY A 235 -11.61 3.27 -14.74
C GLY A 235 -11.47 4.76 -14.67
N VAL A 236 -11.58 5.41 -15.81
CA VAL A 236 -11.54 6.85 -15.88
C VAL A 236 -12.40 7.33 -17.03
N ILE A 237 -13.15 8.40 -16.78
CA ILE A 237 -13.91 9.13 -17.80
C ILE A 237 -13.27 10.49 -17.96
N VAL A 238 -13.02 10.89 -19.20
CA VAL A 238 -12.43 12.16 -19.52
C VAL A 238 -13.45 12.99 -20.35
N ASP A 239 -13.66 14.23 -19.94
CA ASP A 239 -14.63 15.16 -20.53
C ASP A 239 -13.84 16.06 -21.44
N GLY A 240 -14.19 16.03 -22.72
CA GLY A 240 -13.53 16.83 -23.74
C GLY A 240 -13.84 18.31 -23.64
N GLY A 241 -15.00 18.65 -23.06
CA GLY A 241 -15.45 20.03 -23.02
C GLY A 241 -15.77 20.63 -24.39
N THR A 242 -16.14 19.77 -25.33
CA THR A 242 -16.30 20.06 -26.75
C THR A 242 -17.79 20.10 -27.14
N PHE A 243 -18.71 19.70 -26.26
CA PHE A 243 -20.11 19.50 -26.63
C PHE A 243 -21.08 20.52 -26.01
N ASP A 244 -21.96 21.07 -26.82
CA ASP A 244 -23.01 21.95 -26.29
C ASP A 244 -24.18 21.15 -25.75
N TRP A 245 -24.36 21.19 -24.44
CA TRP A 245 -25.40 20.44 -23.68
C TRP A 245 -26.81 21.06 -23.70
N THR A 246 -26.94 22.19 -24.40
CA THR A 246 -28.18 22.98 -24.37
C THR A 246 -28.99 22.89 -25.65
N GLN A 247 -28.66 21.97 -26.54
CA GLN A 247 -29.34 21.91 -27.82
C GLN A 247 -30.71 21.23 -27.76
N GLY A 248 -31.08 20.57 -26.65
CA GLY A 248 -32.44 20.00 -26.58
C GLY A 248 -32.53 18.60 -25.97
N ARG A 249 -31.56 17.73 -26.21
CA ARG A 249 -31.77 16.36 -25.75
C ARG A 249 -31.42 16.17 -24.30
N PHE A 250 -30.83 17.20 -23.66
CA PHE A 250 -30.33 17.03 -22.32
C PHE A 250 -30.88 17.98 -21.25
N PRO A 251 -32.17 17.81 -20.94
CA PRO A 251 -32.77 18.69 -19.92
C PRO A 251 -32.14 18.58 -18.56
N GLU A 252 -31.49 17.46 -18.26
CA GLU A 252 -30.77 17.34 -16.97
C GLU A 252 -29.57 18.29 -16.85
N PHE A 253 -29.10 18.80 -17.96
CA PHE A 253 -28.01 19.79 -17.97
C PHE A 253 -28.51 21.25 -17.91
N THR A 254 -29.81 21.47 -18.19
CA THR A 254 -30.33 22.84 -18.28
C THR A 254 -31.42 23.12 -17.22
N THR A 255 -31.75 22.15 -16.37
CA THR A 255 -32.73 22.35 -15.32
C THR A 255 -32.03 22.36 -13.97
N PRO A 256 -32.37 23.33 -13.07
CA PRO A 256 -31.78 23.32 -11.74
C PRO A 256 -31.95 21.95 -11.05
N ASP A 257 -30.88 21.49 -10.43
CA ASP A 257 -30.83 20.20 -9.79
C ASP A 257 -31.08 20.41 -8.33
N PRO A 258 -32.28 20.02 -7.86
CA PRO A 258 -32.48 20.26 -6.45
C PRO A 258 -31.61 19.35 -5.57
N SER A 259 -30.99 18.31 -6.14
CA SER A 259 -30.07 17.47 -5.35
C SER A 259 -28.76 18.21 -5.04
N TYR A 260 -28.48 19.28 -5.79
CA TYR A 260 -27.22 20.01 -5.61
C TYR A 260 -27.39 21.52 -5.76
N HIS A 261 -28.03 22.14 -4.77
CA HIS A 261 -28.14 23.58 -4.64
C HIS A 261 -28.81 24.27 -5.82
N GLY A 262 -29.62 23.54 -6.55
CA GLY A 262 -30.27 24.10 -7.74
C GLY A 262 -29.29 24.44 -8.85
N VAL A 263 -28.14 23.81 -8.87
CA VAL A 263 -27.18 24.06 -9.94
C VAL A 263 -27.72 23.65 -11.31
N VAL A 264 -27.40 24.43 -12.34
CA VAL A 264 -27.69 24.11 -13.74
C VAL A 264 -26.35 23.71 -14.37
N PHE A 265 -26.18 22.42 -14.68
CA PHE A 265 -24.82 21.98 -15.02
C PHE A 265 -24.20 22.65 -16.23
N ALA A 266 -25.01 22.90 -17.25
CA ALA A 266 -24.50 23.55 -18.44
C ALA A 266 -23.93 24.93 -18.14
N GLU A 267 -24.43 25.63 -17.12
CA GLU A 267 -23.86 26.92 -16.72
C GLU A 267 -22.46 26.78 -16.12
N LEU A 268 -22.00 25.57 -15.85
CA LEU A 268 -20.61 25.37 -15.37
C LEU A 268 -19.59 25.38 -16.49
N GLY A 269 -20.04 25.50 -17.72
CA GLY A 269 -19.17 25.58 -18.85
C GLY A 269 -18.53 24.25 -19.23
N ALA A 270 -17.27 24.30 -19.65
CA ALA A 270 -16.65 23.19 -20.37
C ALA A 270 -16.74 21.84 -19.58
N PRO A 271 -16.48 21.83 -18.26
CA PRO A 271 -16.44 20.52 -17.56
C PRO A 271 -17.78 20.09 -16.99
N ALA A 272 -18.87 20.66 -17.49
CA ALA A 272 -20.23 20.25 -17.10
C ALA A 272 -20.48 18.76 -16.90
N TYR A 273 -20.16 17.99 -17.92
CA TYR A 273 -20.40 16.57 -17.87
C TYR A 273 -19.63 15.86 -16.74
N ALA A 274 -18.34 16.15 -16.63
CA ALA A 274 -17.51 15.57 -15.58
C ALA A 274 -17.98 15.95 -14.17
N LEU A 275 -18.37 17.20 -13.99
CA LEU A 275 -18.88 17.64 -12.68
C LEU A 275 -20.20 17.00 -12.33
N LYS A 276 -21.12 16.91 -13.28
CA LYS A 276 -22.36 16.21 -13.08
C LYS A 276 -22.17 14.72 -12.68
N ALA A 277 -21.24 14.04 -13.34
CA ALA A 277 -20.93 12.65 -13.01
C ALA A 277 -20.42 12.50 -11.57
N ARG A 278 -19.60 13.43 -11.13
CA ARG A 278 -19.03 13.37 -9.81
C ARG A 278 -20.12 13.64 -8.75
N VAL A 279 -20.90 14.71 -8.92
CA VAL A 279 -21.82 15.13 -7.85
C VAL A 279 -23.11 14.32 -7.83
N GLN A 280 -23.49 13.68 -8.93
CA GLN A 280 -24.66 12.86 -8.90
C GLN A 280 -24.29 11.36 -8.84
N LEU A 281 -23.55 10.88 -9.83
CA LEU A 281 -23.31 9.44 -9.92
C LEU A 281 -22.33 8.89 -8.87
N LEU A 282 -21.16 9.50 -8.75
CA LEU A 282 -20.18 9.05 -7.76
C LEU A 282 -20.78 9.15 -6.36
N ARG A 283 -21.43 10.27 -6.08
CA ARG A 283 -22.09 10.48 -4.81
C ARG A 283 -23.12 9.38 -4.52
N ASP A 284 -24.00 9.06 -5.49
CA ASP A 284 -25.12 8.16 -5.24
C ASP A 284 -24.76 6.67 -5.44
N LEU A 285 -24.07 6.38 -6.54
CA LEU A 285 -23.82 4.99 -6.93
C LEU A 285 -22.52 4.43 -6.37
N GLY A 286 -21.59 5.31 -6.05
CA GLY A 286 -20.47 4.98 -5.19
C GLY A 286 -19.34 4.11 -5.71
N SER A 287 -19.12 4.10 -7.02
CA SER A 287 -18.02 3.38 -7.65
C SER A 287 -16.68 4.12 -7.48
N ALA A 288 -16.30 4.34 -6.23
CA ALA A 288 -15.14 5.12 -5.90
C ALA A 288 -13.90 4.29 -6.08
N ALA A 289 -12.80 4.96 -6.49
CA ALA A 289 -11.49 4.37 -6.54
C ALA A 289 -10.79 4.48 -5.20
N SER A 290 -10.10 3.40 -4.78
CA SER A 290 -9.15 3.49 -3.66
C SER A 290 -8.02 4.46 -4.01
N PRO A 291 -7.65 5.33 -3.07
CA PRO A 291 -6.48 6.24 -3.31
C PRO A 291 -5.17 5.47 -3.59
N PHE A 292 -5.07 4.29 -3.01
CA PHE A 292 -3.95 3.39 -3.25
C PHE A 292 -3.92 2.99 -4.72
N ASN A 293 -5.08 2.65 -5.30
CA ASN A 293 -5.12 2.32 -6.72
C ASN A 293 -4.79 3.51 -7.61
N ALA A 294 -5.25 4.69 -7.21
CA ALA A 294 -4.88 5.93 -7.90
C ALA A 294 -3.35 6.16 -7.94
N PHE A 295 -2.72 5.96 -6.79
CA PHE A 295 -1.29 6.02 -6.63
C PHE A 295 -0.59 5.07 -7.58
N LEU A 296 -1.03 3.82 -7.59
CA LEU A 296 -0.44 2.81 -8.49
C LEU A 296 -0.59 3.15 -10.00
N VAL A 297 -1.76 3.65 -10.40
CA VAL A 297 -1.97 3.99 -11.80
C VAL A 297 -1.09 5.21 -12.14
N ALA A 298 -0.99 6.14 -11.23
CA ALA A 298 -0.13 7.33 -11.48
C ALA A 298 1.30 6.89 -11.66
N GLN A 299 1.72 5.91 -10.88
CA GLN A 299 3.04 5.38 -11.00
C GLN A 299 3.23 4.70 -12.38
N GLY A 300 2.25 3.96 -12.86
CA GLY A 300 2.36 3.37 -14.17
C GLY A 300 2.36 4.39 -15.29
N LEU A 301 1.61 5.48 -15.11
CA LEU A 301 1.52 6.55 -16.13
C LEU A 301 2.86 7.22 -16.42
N GLU A 302 3.73 7.20 -15.42
CA GLU A 302 5.06 7.78 -15.56
C GLU A 302 5.91 7.21 -16.65
N THR A 303 5.58 5.98 -17.11
CA THR A 303 6.29 5.36 -18.20
C THR A 303 5.39 5.04 -19.37
N LEU A 304 4.16 5.60 -19.41
CA LEU A 304 3.20 5.22 -20.46
C LEU A 304 3.74 5.20 -21.92
N SER A 305 4.32 6.32 -22.36
CA SER A 305 4.80 6.42 -23.74
C SER A 305 5.90 5.40 -23.99
N LEU A 306 6.78 5.21 -23.03
N LEU A 306 6.78 5.21 -23.02
CA LEU A 306 7.88 4.25 -23.21
CA LEU A 306 7.88 4.26 -23.18
C LEU A 306 7.34 2.83 -23.41
C LEU A 306 7.35 2.84 -23.39
N ARG A 307 6.37 2.48 -22.59
CA ARG A 307 5.74 1.18 -22.69
C ARG A 307 5.01 1.01 -24.00
N ILE A 308 4.17 1.97 -24.35
CA ILE A 308 3.39 1.82 -25.55
C ILE A 308 4.33 1.74 -26.76
N GLU A 309 5.40 2.51 -26.77
N GLU A 309 5.40 2.50 -26.75
CA GLU A 309 6.32 2.44 -27.91
CA GLU A 309 6.36 2.46 -27.86
C GLU A 309 6.84 1.03 -28.11
C GLU A 309 6.84 1.05 -28.10
N ARG A 310 7.19 0.38 -27.02
CA ARG A 310 7.72 -1.01 -27.09
C ARG A 310 6.64 -2.04 -27.35
N HIS A 311 5.47 -1.89 -26.73
CA HIS A 311 4.31 -2.75 -27.02
C HIS A 311 4.03 -2.72 -28.53
N VAL A 312 4.00 -1.53 -29.09
CA VAL A 312 3.63 -1.34 -30.47
C VAL A 312 4.71 -1.89 -31.43
N SER A 313 5.99 -1.65 -31.17
CA SER A 313 6.98 -2.14 -32.08
C SER A 313 7.06 -3.69 -32.01
N ASN A 314 6.95 -4.26 -30.81
CA ASN A 314 6.80 -5.72 -30.64
C ASN A 314 5.58 -6.27 -31.37
N ALA A 315 4.41 -5.63 -31.22
CA ALA A 315 3.20 -6.08 -31.93
C ALA A 315 3.30 -6.04 -33.44
N GLN A 316 3.87 -4.96 -33.98
CA GLN A 316 4.13 -4.85 -35.39
C GLN A 316 5.00 -6.01 -35.89
N ARG A 317 6.06 -6.31 -35.15
CA ARG A 317 6.90 -7.41 -35.50
C ARG A 317 6.20 -8.80 -35.39
N VAL A 318 5.40 -9.00 -34.36
CA VAL A 318 4.67 -10.25 -34.24
C VAL A 318 3.71 -10.36 -35.40
N ALA A 319 2.98 -9.26 -35.72
CA ALA A 319 2.05 -9.29 -36.82
C ALA A 319 2.70 -9.72 -38.14
N GLU A 320 3.85 -9.09 -38.43
CA GLU A 320 4.56 -9.30 -39.68
C GLU A 320 5.06 -10.79 -39.76
N PHE A 321 5.63 -11.23 -38.66
CA PHE A 321 6.07 -12.60 -38.47
C PHE A 321 4.93 -13.55 -38.82
N LEU A 322 3.77 -13.31 -38.24
CA LEU A 322 2.61 -14.16 -38.44
C LEU A 322 2.13 -14.10 -39.90
N ALA A 323 2.11 -12.90 -40.46
CA ALA A 323 1.60 -12.71 -41.80
C ALA A 323 2.45 -13.41 -42.83
N ASP A 324 3.71 -13.66 -42.51
CA ASP A 324 4.58 -14.29 -43.46
C ASP A 324 4.57 -15.83 -43.38
N ARG A 325 3.81 -16.42 -42.47
CA ARG A 325 3.85 -17.87 -42.29
C ARG A 325 2.80 -18.55 -43.12
N GLU A 326 3.22 -19.63 -43.79
CA GLU A 326 2.33 -20.48 -44.58
C GLU A 326 1.21 -21.10 -43.72
N ASP A 327 1.46 -21.37 -42.44
CA ASP A 327 0.52 -22.07 -41.56
C ASP A 327 -0.44 -21.06 -40.82
N VAL A 328 -0.39 -19.79 -41.20
CA VAL A 328 -1.34 -18.77 -40.72
C VAL A 328 -2.22 -18.30 -41.88
N VAL A 329 -3.53 -18.46 -41.76
CA VAL A 329 -4.49 -18.13 -42.80
C VAL A 329 -4.70 -16.61 -42.88
N THR A 330 -4.81 -15.97 -41.72
CA THR A 330 -4.94 -14.52 -41.77
C THR A 330 -4.55 -13.92 -40.44
N VAL A 331 -4.10 -12.67 -40.51
CA VAL A 331 -3.76 -11.86 -39.37
C VAL A 331 -4.62 -10.61 -39.35
N ASN A 332 -5.23 -10.32 -38.21
CA ASN A 332 -5.93 -9.06 -37.99
C ASN A 332 -5.05 -8.11 -37.16
N TYR A 333 -4.59 -7.02 -37.79
CA TYR A 333 -3.74 -6.00 -37.14
C TYR A 333 -3.67 -4.78 -38.09
N ALA A 334 -4.24 -3.63 -37.69
CA ALA A 334 -4.35 -2.47 -38.58
C ALA A 334 -3.01 -1.95 -39.07
N GLY A 335 -1.95 -2.24 -38.33
CA GLY A 335 -0.61 -1.87 -38.70
C GLY A 335 -0.05 -2.64 -39.89
N LEU A 336 -0.72 -3.70 -40.33
CA LEU A 336 -0.27 -4.44 -41.50
C LEU A 336 -0.81 -3.75 -42.77
N PRO A 337 0.03 -3.62 -43.81
CA PRO A 337 -0.46 -3.11 -45.10
C PRO A 337 -1.74 -3.70 -45.62
N GLY A 338 -1.96 -4.98 -45.46
CA GLY A 338 -3.22 -5.55 -45.98
C GLY A 338 -4.51 -5.40 -45.11
N SER A 339 -4.41 -4.81 -43.93
CA SER A 339 -5.64 -4.60 -43.15
C SER A 339 -6.57 -3.62 -43.88
N PRO A 340 -7.87 -3.87 -43.83
CA PRO A 340 -8.81 -2.88 -44.39
C PRO A 340 -8.76 -1.54 -43.64
N TRP A 341 -8.18 -1.51 -42.43
CA TRP A 341 -8.14 -0.24 -41.66
C TRP A 341 -6.77 0.37 -41.58
N HIS A 342 -5.87 -0.11 -42.44
CA HIS A 342 -4.47 0.41 -42.43
C HIS A 342 -4.39 1.89 -42.89
N GLU A 343 -5.08 2.24 -43.97
CA GLU A 343 -5.10 3.62 -44.45
C GLU A 343 -5.73 4.55 -43.40
N ARG A 344 -6.83 4.12 -42.79
CA ARG A 344 -7.41 4.88 -41.71
C ARG A 344 -6.39 5.07 -40.58
N ALA A 345 -5.65 4.01 -40.26
CA ALA A 345 -4.62 4.09 -39.21
C ALA A 345 -3.55 5.14 -39.54
N LYS A 346 -3.18 5.24 -40.81
CA LYS A 346 -2.17 6.24 -41.17
C LYS A 346 -2.70 7.65 -40.90
N LYS A 347 -3.99 7.82 -41.05
CA LYS A 347 -4.64 9.11 -40.87
C LYS A 347 -4.94 9.39 -39.37
N LEU A 348 -5.47 8.39 -38.64
CA LEU A 348 -5.96 8.65 -37.30
C LEU A 348 -4.99 8.25 -36.17
N SER A 349 -4.07 7.37 -36.48
CA SER A 349 -3.17 6.81 -35.47
C SER A 349 -1.81 6.49 -36.07
N PRO A 350 -1.09 7.51 -36.60
CA PRO A 350 0.11 7.23 -37.37
C PRO A 350 1.26 6.55 -36.61
N LYS A 351 1.33 6.66 -35.30
CA LYS A 351 2.43 5.99 -34.58
C LYS A 351 2.25 4.47 -34.37
N GLY A 352 1.13 3.88 -34.78
CA GLY A 352 0.86 2.46 -34.51
C GLY A 352 -0.58 2.20 -34.12
N THR A 353 -0.92 0.90 -34.03
CA THR A 353 -2.28 0.47 -33.93
C THR A 353 -2.51 -0.44 -32.72
N GLY A 354 -1.86 -0.12 -31.62
CA GLY A 354 -1.94 -0.82 -30.35
C GLY A 354 -1.14 -2.11 -30.34
N ALA A 355 -1.32 -2.85 -29.28
CA ALA A 355 -0.50 -4.07 -28.97
C ALA A 355 -1.30 -5.36 -29.04
N VAL A 356 -2.58 -5.27 -29.37
CA VAL A 356 -3.45 -6.45 -29.49
C VAL A 356 -3.63 -6.90 -30.94
N LEU A 357 -3.62 -8.22 -31.15
CA LEU A 357 -3.84 -8.75 -32.47
C LEU A 357 -4.54 -10.09 -32.38
N SER A 358 -4.98 -10.60 -33.53
CA SER A 358 -5.51 -11.95 -33.63
C SER A 358 -5.15 -12.56 -34.94
N PHE A 359 -5.16 -13.90 -34.97
CA PHE A 359 -4.88 -14.60 -36.21
C PHE A 359 -5.57 -15.97 -36.22
N GLU A 360 -5.70 -16.50 -37.42
CA GLU A 360 -6.32 -17.80 -37.63
C GLU A 360 -5.29 -18.78 -38.14
N LEU A 361 -5.22 -19.94 -37.50
CA LEU A 361 -4.42 -21.07 -37.96
C LEU A 361 -5.15 -21.90 -39.00
N ALA A 362 -4.37 -22.41 -39.94
CA ALA A 362 -4.81 -23.37 -40.95
C ALA A 362 -5.57 -24.55 -40.37
N GLY A 363 -5.18 -25.04 -39.21
CA GLY A 363 -5.84 -26.26 -38.69
C GLY A 363 -7.11 -26.08 -37.90
N GLY A 364 -7.62 -24.85 -37.81
CA GLY A 364 -8.91 -24.65 -37.22
C GLY A 364 -8.92 -24.60 -35.71
N VAL A 365 -10.06 -24.96 -35.14
CA VAL A 365 -10.30 -24.74 -33.74
C VAL A 365 -9.31 -25.54 -32.90
N GLU A 366 -9.02 -26.78 -33.31
CA GLU A 366 -8.10 -27.62 -32.55
C GLU A 366 -6.68 -27.15 -32.65
N ALA A 367 -6.28 -26.68 -33.82
CA ALA A 367 -4.99 -26.03 -33.95
C ALA A 367 -4.87 -24.83 -32.99
N GLY A 368 -5.90 -23.99 -32.94
CA GLY A 368 -5.91 -22.78 -32.06
C GLY A 368 -5.71 -23.11 -30.58
N LYS A 369 -6.49 -24.08 -30.11
CA LYS A 369 -6.32 -24.58 -28.74
C LYS A 369 -4.95 -25.16 -28.48
N ALA A 370 -4.46 -26.02 -29.38
CA ALA A 370 -3.17 -26.64 -29.18
C ALA A 370 -2.05 -25.55 -29.12
N PHE A 371 -2.19 -24.58 -30.00
CA PHE A 371 -1.23 -23.51 -30.11
C PHE A 371 -1.17 -22.76 -28.76
N VAL A 372 -2.32 -22.30 -28.29
CA VAL A 372 -2.31 -21.49 -27.06
C VAL A 372 -1.85 -22.26 -25.82
N ASN A 373 -2.26 -23.53 -25.73
CA ASN A 373 -1.98 -24.36 -24.55
C ASN A 373 -0.50 -24.72 -24.48
N ALA A 374 0.22 -24.58 -25.59
CA ALA A 374 1.66 -24.90 -25.61
C ALA A 374 2.54 -23.71 -25.19
N LEU A 375 1.99 -22.51 -25.19
CA LEU A 375 2.82 -21.33 -24.91
C LEU A 375 3.29 -21.35 -23.48
N LYS A 376 4.57 -21.02 -23.25
CA LYS A 376 5.12 -21.03 -21.89
C LYS A 376 5.35 -19.60 -21.38
N LEU A 377 5.88 -18.73 -22.21
CA LEU A 377 6.13 -17.36 -21.80
C LEU A 377 4.86 -16.53 -21.75
N HIS A 378 3.98 -16.66 -22.75
CA HIS A 378 2.71 -15.94 -22.73
C HIS A 378 1.89 -16.38 -21.53
N SER A 379 1.36 -15.41 -20.79
CA SER A 379 0.46 -15.70 -19.67
C SER A 379 -0.95 -16.08 -20.18
N HIS A 380 -1.62 -16.94 -19.41
CA HIS A 380 -3.02 -17.30 -19.57
C HIS A 380 -3.91 -16.65 -18.54
N VAL A 381 -3.34 -15.92 -17.59
CA VAL A 381 -4.11 -15.28 -16.54
C VAL A 381 -4.02 -13.72 -16.49
N ALA A 382 -3.00 -13.14 -17.11
CA ALA A 382 -2.80 -11.69 -17.11
C ALA A 382 -3.90 -10.99 -17.93
N ASN A 383 -4.15 -9.73 -17.57
N ASN A 383 -4.21 -9.75 -17.61
CA ASN A 383 -5.07 -8.82 -18.24
CA ASN A 383 -5.15 -9.01 -18.44
C ASN A 383 -4.38 -8.06 -19.38
C ASN A 383 -4.40 -8.14 -19.42
N ILE A 384 -5.10 -7.81 -20.49
CA ILE A 384 -4.65 -6.91 -21.53
C ILE A 384 -4.10 -5.64 -20.91
N GLY A 385 -2.95 -5.21 -21.39
CA GLY A 385 -2.42 -3.93 -20.88
C GLY A 385 -1.39 -4.09 -19.81
N ASP A 386 -1.15 -5.32 -19.39
CA ASP A 386 0.00 -5.63 -18.53
C ASP A 386 1.28 -5.47 -19.35
N VAL A 387 2.43 -5.30 -18.71
CA VAL A 387 3.71 -5.42 -19.43
C VAL A 387 3.94 -6.80 -20.04
N ARG A 388 3.32 -7.83 -19.45
CA ARG A 388 3.43 -9.24 -19.85
C ARG A 388 2.67 -9.53 -21.13
N SER A 389 3.29 -10.30 -22.03
CA SER A 389 2.56 -10.94 -23.12
C SER A 389 1.50 -11.94 -22.62
N LEU A 390 0.38 -12.00 -23.32
CA LEU A 390 -0.66 -12.90 -22.91
C LEU A 390 -1.58 -13.35 -24.01
N VAL A 391 -2.17 -14.51 -23.78
CA VAL A 391 -3.32 -15.01 -24.53
C VAL A 391 -4.60 -14.42 -23.91
N ILE A 392 -5.38 -13.75 -24.74
CA ILE A 392 -6.64 -13.15 -24.34
C ILE A 392 -7.69 -14.27 -24.31
N HIS A 393 -8.30 -14.48 -23.15
CA HIS A 393 -9.40 -15.49 -22.96
C HIS A 393 -10.70 -15.19 -23.72
N GLY A 415 -11.11 -21.21 -34.82
CA GLY A 415 -9.64 -21.21 -34.95
C GLY A 415 -8.81 -19.92 -34.62
N LEU A 416 -9.42 -18.93 -33.96
CA LEU A 416 -8.78 -17.59 -33.76
C LEU A 416 -7.91 -17.56 -32.52
N VAL A 417 -6.66 -17.15 -32.65
CA VAL A 417 -5.82 -16.94 -31.48
C VAL A 417 -5.70 -15.42 -31.27
N ARG A 418 -5.87 -14.96 -30.03
CA ARG A 418 -5.89 -13.57 -29.67
C ARG A 418 -4.76 -13.28 -28.68
N LEU A 419 -3.89 -12.34 -29.01
CA LEU A 419 -2.71 -12.03 -28.18
C LEU A 419 -2.71 -10.56 -27.80
N ALA A 420 -2.27 -10.25 -26.57
CA ALA A 420 -1.87 -8.91 -26.22
C ALA A 420 -0.37 -9.03 -26.06
N VAL A 421 0.35 -8.31 -26.92
CA VAL A 421 1.82 -8.44 -27.01
C VAL A 421 2.46 -7.55 -25.99
N GLY A 422 3.37 -8.15 -25.18
CA GLY A 422 4.02 -7.47 -24.09
C GLY A 422 5.33 -6.75 -24.50
N ILE A 423 6.08 -6.29 -23.50
CA ILE A 423 7.35 -5.63 -23.73
C ILE A 423 8.57 -6.47 -23.49
N GLU A 424 8.36 -7.80 -23.43
CA GLU A 424 9.50 -8.69 -23.32
C GLU A 424 10.37 -8.54 -24.56
N GLY A 425 11.55 -9.16 -24.51
CA GLY A 425 12.38 -9.26 -25.72
C GLY A 425 11.63 -9.96 -26.88
N ILE A 426 11.67 -9.31 -28.03
CA ILE A 426 10.90 -9.74 -29.17
C ILE A 426 11.33 -11.17 -29.57
N GLU A 427 12.61 -11.49 -29.42
CA GLU A 427 13.09 -12.81 -29.82
C GLU A 427 12.53 -13.89 -28.89
N ASP A 428 12.29 -13.57 -27.61
CA ASP A 428 11.73 -14.52 -26.67
C ASP A 428 10.28 -14.69 -26.97
N ILE A 429 9.61 -13.63 -27.38
CA ILE A 429 8.21 -13.71 -27.73
C ILE A 429 8.04 -14.60 -28.96
N LEU A 430 8.89 -14.39 -29.98
CA LEU A 430 8.76 -15.18 -31.21
C LEU A 430 9.14 -16.65 -30.96
N ALA A 431 10.11 -16.91 -30.07
CA ALA A 431 10.51 -18.27 -29.75
C ALA A 431 9.33 -18.97 -29.05
N ASP A 432 8.58 -18.25 -28.25
CA ASP A 432 7.44 -18.82 -27.57
C ASP A 432 6.34 -19.19 -28.57
N LEU A 433 6.07 -18.29 -29.50
CA LEU A 433 5.10 -18.58 -30.57
C LEU A 433 5.48 -19.84 -31.38
N GLU A 434 6.79 -20.07 -31.55
CA GLU A 434 7.25 -21.28 -32.28
C GLU A 434 6.82 -22.56 -31.54
N LEU A 435 6.74 -22.52 -30.21
CA LEU A 435 6.19 -23.62 -29.42
C LEU A 435 4.75 -23.91 -29.83
N GLY A 436 3.97 -22.86 -29.99
CA GLY A 436 2.59 -23.00 -30.41
C GLY A 436 2.46 -23.55 -31.82
N PHE A 437 3.31 -23.09 -32.73
CA PHE A 437 3.33 -23.65 -34.08
C PHE A 437 3.70 -25.16 -34.15
N ALA A 438 4.62 -25.58 -33.31
CA ALA A 438 5.01 -26.97 -33.21
C ALA A 438 3.86 -27.84 -32.73
N ALA A 439 3.11 -27.32 -31.77
CA ALA A 439 1.94 -28.00 -31.25
C ALA A 439 0.79 -28.08 -32.25
N ALA A 440 0.63 -27.04 -33.06
CA ALA A 440 -0.47 -26.98 -34.02
C ALA A 440 -0.24 -27.87 -35.24
N ARG A 441 1.01 -28.25 -35.43
CA ARG A 441 1.43 -29.02 -36.57
C ARG A 441 0.68 -30.34 -36.72
N LYS A 442 0.32 -31.00 -35.64
CA LYS A 442 -0.49 -32.22 -35.77
C LYS A 442 -1.87 -31.96 -36.40
N PHE A 443 -2.33 -30.70 -36.41
CA PHE A 443 -3.62 -30.32 -36.99
C PHE A 443 -3.37 -29.52 -38.26
N SER A 444 -2.72 -30.14 -39.21
CA SER A 444 -2.70 -29.68 -40.58
C SER A 444 -4.04 -29.02 -40.98
N PRO B 16 -18.95 -25.88 11.22
CA PRO B 16 -17.61 -26.28 11.66
C PRO B 16 -17.05 -25.40 12.79
N THR B 17 -16.93 -24.10 12.54
CA THR B 17 -16.46 -23.13 13.53
C THR B 17 -17.53 -22.06 13.80
N ALA B 18 -18.79 -22.39 13.48
CA ALA B 18 -19.91 -21.53 13.77
C ALA B 18 -20.07 -21.35 15.28
N HIS B 19 -19.63 -22.34 16.07
CA HIS B 19 -19.67 -22.25 17.54
C HIS B 19 -18.62 -21.28 18.22
N TRP B 20 -17.62 -20.78 17.50
CA TRP B 20 -16.73 -19.77 18.06
C TRP B 20 -17.45 -18.55 18.58
N SER B 21 -16.89 -17.89 19.59
CA SER B 21 -17.32 -16.54 19.97
C SER B 21 -17.07 -15.47 18.86
N PHE B 22 -17.79 -14.35 18.97
CA PHE B 22 -17.70 -13.20 18.05
C PHE B 22 -16.21 -12.75 17.97
N GLU B 23 -15.59 -12.66 19.14
CA GLU B 23 -14.14 -12.30 19.27
C GLU B 23 -13.23 -13.20 18.51
N THR B 24 -13.49 -14.49 18.54
CA THR B 24 -12.66 -15.42 17.78
C THR B 24 -12.89 -15.29 16.26
N LYS B 25 -14.17 -15.15 15.89
CA LYS B 25 -14.54 -15.06 14.50
C LYS B 25 -13.93 -13.84 13.80
N GLN B 26 -13.91 -12.70 14.48
CA GLN B 26 -13.42 -11.45 13.90
C GLN B 26 -11.93 -11.48 13.51
N ILE B 27 -11.19 -12.43 14.08
CA ILE B 27 -9.79 -12.69 13.79
C ILE B 27 -9.66 -13.86 12.85
N HIS B 28 -10.41 -14.93 13.08
CA HIS B 28 -10.16 -16.15 12.34
C HIS B 28 -11.20 -16.57 11.30
N ALA B 29 -12.40 -16.01 11.31
CA ALA B 29 -13.41 -16.61 10.44
C ALA B 29 -13.00 -16.44 8.98
N GLY B 30 -13.29 -17.46 8.16
CA GLY B 30 -12.98 -17.45 6.75
C GLY B 30 -11.57 -17.91 6.39
N GLN B 31 -10.67 -18.02 7.37
CA GLN B 31 -9.21 -18.22 7.12
C GLN B 31 -8.91 -19.41 6.20
N ASN B 38 -1.67 -22.71 11.27
CA ASN B 38 -0.80 -21.73 10.65
C ASN B 38 -1.44 -20.36 10.35
N ALA B 39 -2.34 -19.94 11.23
CA ALA B 39 -3.02 -18.62 11.16
C ALA B 39 -2.03 -17.47 11.28
N ARG B 40 -2.20 -16.50 10.38
CA ARG B 40 -1.38 -15.30 10.33
C ARG B 40 -2.16 -14.16 9.59
N ALA B 41 -1.51 -13.00 9.47
CA ALA B 41 -2.08 -11.89 8.70
C ALA B 41 -2.42 -12.29 7.26
N LEU B 42 -3.32 -11.51 6.69
CA LEU B 42 -3.88 -11.76 5.37
C LEU B 42 -2.93 -11.17 4.30
N PRO B 43 -2.50 -11.97 3.31
CA PRO B 43 -1.73 -11.34 2.23
C PRO B 43 -2.59 -10.38 1.37
N ILE B 44 -1.92 -9.51 0.63
CA ILE B 44 -2.62 -8.60 -0.25
C ILE B 44 -2.45 -9.03 -1.70
N TYR B 45 -3.51 -9.55 -2.32
CA TYR B 45 -3.45 -9.96 -3.70
C TYR B 45 -3.72 -8.74 -4.60
N GLN B 46 -2.76 -7.84 -4.64
CA GLN B 46 -2.94 -6.58 -5.37
C GLN B 46 -2.65 -6.81 -6.84
N THR B 47 -3.67 -7.27 -7.52
CA THR B 47 -3.55 -7.85 -8.85
C THR B 47 -4.92 -7.81 -9.52
N THR B 48 -4.87 -7.49 -10.81
CA THR B 48 -5.99 -7.60 -11.71
C THR B 48 -6.04 -8.83 -12.62
N SER B 49 -5.08 -9.77 -12.50
CA SER B 49 -5.19 -11.06 -13.26
C SER B 49 -6.44 -11.79 -12.79
N THR B 72 -11.00 -16.36 -12.05
CA THR B 72 -11.96 -15.26 -12.07
C THR B 72 -11.28 -13.92 -11.83
N ARG B 73 -11.77 -12.90 -12.52
CA ARG B 73 -11.52 -11.52 -12.14
C ARG B 73 -12.64 -11.08 -11.20
N LEU B 74 -13.59 -11.98 -10.94
CA LEU B 74 -14.79 -11.64 -10.18
C LEU B 74 -14.72 -12.04 -8.71
N GLY B 75 -13.55 -12.56 -8.30
CA GLY B 75 -13.17 -12.83 -6.89
C GLY B 75 -11.71 -12.41 -6.66
N ASN B 76 -11.27 -12.40 -5.40
CA ASN B 76 -9.90 -12.09 -5.05
C ASN B 76 -9.66 -12.77 -3.70
N PRO B 77 -8.54 -13.44 -3.53
CA PRO B 77 -8.34 -14.18 -2.28
C PRO B 77 -8.34 -13.29 -1.03
N THR B 78 -7.83 -12.07 -1.16
CA THR B 78 -7.89 -11.16 0.00
C THR B 78 -9.36 -10.79 0.29
N THR B 79 -10.06 -10.33 -0.73
CA THR B 79 -11.43 -9.90 -0.53
C THR B 79 -12.35 -11.06 -0.07
N ASP B 80 -12.12 -12.28 -0.60
N ASP B 80 -12.13 -12.27 -0.60
CA ASP B 80 -12.91 -13.48 -0.22
CA ASP B 80 -12.98 -13.39 -0.25
C ASP B 80 -12.90 -13.68 1.28
C ASP B 80 -12.90 -13.73 1.25
N VAL B 81 -11.72 -13.55 1.88
CA VAL B 81 -11.62 -13.76 3.29
C VAL B 81 -12.42 -12.71 4.09
N VAL B 82 -12.34 -11.47 3.69
CA VAL B 82 -13.08 -10.43 4.37
C VAL B 82 -14.60 -10.62 4.26
N GLU B 83 -15.05 -11.03 3.07
CA GLU B 83 -16.43 -11.40 2.82
C GLU B 83 -16.87 -12.53 3.77
N GLN B 84 -16.15 -13.63 3.75
CA GLN B 84 -16.48 -14.76 4.58
C GLN B 84 -16.53 -14.37 6.06
N ARG B 85 -15.61 -13.49 6.49
CA ARG B 85 -15.55 -13.06 7.90
C ARG B 85 -16.75 -12.23 8.33
N ILE B 86 -17.13 -11.29 7.47
CA ILE B 86 -18.27 -10.42 7.76
C ILE B 86 -19.56 -11.25 7.77
N ALA B 87 -19.69 -12.16 6.81
CA ALA B 87 -20.80 -13.09 6.78
C ALA B 87 -20.87 -13.90 8.07
N ALA B 88 -19.74 -14.43 8.54
CA ALA B 88 -19.68 -15.15 9.81
C ALA B 88 -20.12 -14.30 10.99
N LEU B 89 -19.69 -13.07 11.08
CA LEU B 89 -20.10 -12.17 12.16
C LEU B 89 -21.63 -11.83 12.20
N GLU B 90 -22.27 -11.75 11.03
CA GLU B 90 -23.73 -11.54 10.95
C GLU B 90 -24.53 -12.85 10.99
N GLY B 91 -23.84 -13.97 10.82
CA GLY B 91 -24.49 -15.28 10.72
C GLY B 91 -25.16 -15.50 9.38
N GLY B 92 -24.64 -14.88 8.34
CA GLY B 92 -25.22 -14.97 6.99
C GLY B 92 -24.52 -16.08 6.23
N VAL B 93 -24.95 -16.36 4.99
CA VAL B 93 -24.38 -17.43 4.21
C VAL B 93 -23.33 -16.98 3.20
N ALA B 94 -23.31 -15.71 2.84
CA ALA B 94 -22.35 -15.20 1.86
C ALA B 94 -22.32 -13.71 1.99
N ALA B 95 -21.23 -13.08 1.54
CA ALA B 95 -21.18 -11.64 1.43
C ALA B 95 -20.42 -11.20 0.19
N LEU B 96 -20.67 -9.94 -0.20
CA LEU B 96 -20.07 -9.35 -1.33
C LEU B 96 -19.51 -8.00 -0.94
N PHE B 97 -18.19 -7.86 -1.06
CA PHE B 97 -17.46 -6.66 -0.66
C PHE B 97 -17.26 -5.74 -1.88
N LEU B 98 -17.49 -4.45 -1.69
CA LEU B 98 -17.61 -3.47 -2.77
C LEU B 98 -16.87 -2.16 -2.46
N SER B 99 -16.82 -1.30 -3.45
CA SER B 99 -16.08 -0.04 -3.44
C SER B 99 -16.48 0.92 -2.35
N SER B 100 -17.77 0.94 -2.03
CA SER B 100 -18.31 1.85 -0.98
C SER B 100 -19.65 1.37 -0.42
N GLY B 101 -20.05 1.97 0.69
CA GLY B 101 -21.36 1.75 1.27
C GLY B 101 -22.44 2.17 0.29
N GLN B 102 -22.24 3.27 -0.41
CA GLN B 102 -23.18 3.71 -1.40
C GLN B 102 -23.39 2.65 -2.48
N ALA B 103 -22.31 2.00 -2.91
CA ALA B 103 -22.41 0.97 -3.94
C ALA B 103 -23.10 -0.26 -3.41
N ALA B 104 -22.86 -0.56 -2.14
CA ALA B 104 -23.59 -1.68 -1.53
C ALA B 104 -25.09 -1.43 -1.46
N GLU B 105 -25.50 -0.22 -1.08
CA GLU B 105 -26.94 0.08 -1.11
C GLU B 105 -27.45 -0.06 -2.52
N THR B 106 -26.74 0.56 -3.48
CA THR B 106 -27.10 0.49 -4.89
C THR B 106 -27.29 -0.95 -5.35
N PHE B 107 -26.28 -1.78 -5.12
CA PHE B 107 -26.34 -3.15 -5.59
C PHE B 107 -27.44 -3.93 -4.84
N ALA B 108 -27.68 -3.57 -3.59
CA ALA B 108 -28.65 -4.38 -2.82
C ALA B 108 -30.06 -4.21 -3.46
N ILE B 109 -30.38 -2.98 -3.87
CA ILE B 109 -31.61 -2.66 -4.57
C ILE B 109 -31.63 -3.18 -6.02
N LEU B 110 -30.56 -2.93 -6.78
CA LEU B 110 -30.56 -3.27 -8.18
C LEU B 110 -30.53 -4.77 -8.41
N ASN B 111 -30.11 -5.54 -7.41
CA ASN B 111 -30.09 -6.97 -7.58
C ASN B 111 -31.55 -7.48 -7.64
N LEU B 112 -32.50 -6.68 -7.15
CA LEU B 112 -33.93 -7.05 -7.10
C LEU B 112 -34.87 -6.25 -7.99
N ALA B 113 -34.54 -4.98 -8.24
CA ALA B 113 -35.40 -4.03 -8.86
C ALA B 113 -34.75 -3.37 -10.05
N GLY B 114 -35.54 -3.20 -11.10
CA GLY B 114 -35.14 -2.46 -12.29
C GLY B 114 -36.23 -1.46 -12.66
N ALA B 115 -36.12 -0.87 -13.84
CA ALA B 115 -37.09 0.10 -14.34
C ALA B 115 -38.49 -0.47 -14.25
N GLY B 116 -39.40 0.33 -13.74
CA GLY B 116 -40.80 -0.08 -13.54
C GLY B 116 -41.07 -0.75 -12.18
N ASP B 117 -40.02 -0.95 -11.35
CA ASP B 117 -40.20 -1.56 -10.06
C ASP B 117 -40.34 -0.55 -8.88
N HIS B 118 -40.61 -1.07 -7.69
CA HIS B 118 -41.00 -0.26 -6.55
C HIS B 118 -40.30 -0.80 -5.31
N ILE B 119 -40.02 0.09 -4.36
CA ILE B 119 -39.34 -0.21 -3.09
C ILE B 119 -40.13 0.58 -1.99
N VAL B 120 -40.30 -0.01 -0.83
CA VAL B 120 -40.84 0.70 0.34
C VAL B 120 -39.72 0.92 1.39
N SER B 121 -39.51 2.16 1.78
CA SER B 121 -38.44 2.50 2.68
C SER B 121 -38.94 3.25 3.89
N SER B 122 -38.22 3.13 5.00
CA SER B 122 -38.37 4.03 6.09
C SER B 122 -37.93 5.42 5.64
N PRO B 123 -38.56 6.48 6.16
CA PRO B 123 -38.11 7.84 5.90
C PRO B 123 -36.87 8.21 6.76
N ARG B 124 -36.52 7.38 7.72
CA ARG B 124 -35.37 7.68 8.60
C ARG B 124 -34.14 7.12 7.91
N LEU B 125 -33.53 7.96 7.09
CA LEU B 125 -32.45 7.51 6.26
C LEU B 125 -31.22 8.40 6.32
N TYR B 126 -30.07 7.76 6.32
CA TYR B 126 -28.83 8.41 5.98
C TYR B 126 -29.00 9.23 4.69
N GLY B 127 -28.59 10.50 4.75
CA GLY B 127 -28.63 11.42 3.61
C GLY B 127 -28.16 10.86 2.26
N GLY B 128 -27.05 10.11 2.26
CA GLY B 128 -26.60 9.45 1.02
C GLY B 128 -27.55 8.40 0.44
N THR B 129 -28.22 7.67 1.33
CA THR B 129 -29.20 6.67 0.89
C THR B 129 -30.46 7.33 0.41
N TYR B 130 -30.88 8.37 1.10
CA TYR B 130 -31.97 9.19 0.64
C TYR B 130 -31.75 9.69 -0.82
N ASN B 131 -30.57 10.25 -1.08
CA ASN B 131 -30.29 10.81 -2.39
C ASN B 131 -30.28 9.76 -3.47
N LEU B 132 -29.71 8.61 -3.12
CA LEU B 132 -29.69 7.48 -4.04
C LEU B 132 -31.14 7.08 -4.38
N PHE B 133 -31.96 6.93 -3.34
CA PHE B 133 -33.31 6.41 -3.48
C PHE B 133 -34.15 7.41 -4.26
N HIS B 134 -34.04 8.69 -3.90
CA HIS B 134 -34.92 9.71 -4.40
C HIS B 134 -34.48 10.30 -5.73
N TYR B 135 -33.19 10.39 -6.00
CA TYR B 135 -32.73 10.97 -7.25
C TYR B 135 -32.22 9.94 -8.25
N SER B 136 -31.14 9.24 -7.93
CA SER B 136 -30.51 8.39 -8.90
C SER B 136 -31.41 7.18 -9.25
N LEU B 137 -32.07 6.55 -8.27
CA LEU B 137 -32.90 5.39 -8.63
C LEU B 137 -34.14 5.77 -9.44
N ALA B 138 -34.70 6.92 -9.15
CA ALA B 138 -35.81 7.44 -9.91
C ALA B 138 -35.42 7.56 -11.39
N LYS B 139 -34.18 7.94 -11.66
CA LYS B 139 -33.73 8.10 -13.01
C LYS B 139 -33.69 6.78 -13.71
N LEU B 140 -33.50 5.71 -12.95
CA LEU B 140 -33.42 4.38 -13.49
C LEU B 140 -34.82 3.74 -13.52
N GLY B 141 -35.86 4.56 -13.35
CA GLY B 141 -37.21 4.04 -13.37
C GLY B 141 -37.72 3.35 -12.13
N ILE B 142 -37.02 3.47 -11.01
CA ILE B 142 -37.39 2.80 -9.76
C ILE B 142 -37.99 3.81 -8.81
N GLU B 143 -39.24 3.53 -8.40
CA GLU B 143 -39.97 4.37 -7.48
C GLU B 143 -39.77 3.91 -6.05
N VAL B 144 -39.21 4.78 -5.22
CA VAL B 144 -39.05 4.50 -3.78
C VAL B 144 -40.09 5.33 -3.03
N SER B 145 -40.97 4.64 -2.30
CA SER B 145 -42.02 5.30 -1.53
C SER B 145 -41.59 5.20 -0.09
N PHE B 146 -41.75 6.28 0.69
CA PHE B 146 -41.38 6.30 2.13
C PHE B 146 -42.61 6.18 3.03
N VAL B 147 -42.65 5.25 3.97
CA VAL B 147 -43.77 5.24 4.91
C VAL B 147 -43.79 6.54 5.73
N ASP B 148 -44.97 6.97 6.16
CA ASP B 148 -45.06 8.19 6.99
C ASP B 148 -44.35 8.00 8.34
N ASP B 149 -44.53 6.83 8.92
CA ASP B 149 -43.96 6.56 10.23
C ASP B 149 -43.56 5.11 10.25
N PRO B 150 -42.26 4.84 10.28
CA PRO B 150 -41.81 3.46 10.18
C PRO B 150 -42.13 2.58 11.42
N ASP B 151 -42.58 3.18 12.51
CA ASP B 151 -43.04 2.38 13.64
C ASP B 151 -44.50 1.94 13.45
N ASN B 152 -45.19 2.50 12.46
CA ASN B 152 -46.58 2.07 12.21
C ASN B 152 -46.55 0.95 11.19
N LEU B 153 -46.74 -0.27 11.66
CA LEU B 153 -46.65 -1.40 10.80
C LEU B 153 -47.75 -1.42 9.71
N ASP B 154 -48.93 -0.86 9.98
CA ASP B 154 -49.99 -0.83 8.97
C ASP B 154 -49.59 0.03 7.79
N SER B 155 -48.84 1.11 8.07
CA SER B 155 -48.28 1.95 7.01
C SER B 155 -47.37 1.21 6.04
N TRP B 156 -46.57 0.28 6.54
CA TRP B 156 -45.73 -0.53 5.64
C TRP B 156 -46.65 -1.39 4.76
N GLN B 157 -47.66 -1.99 5.38
CA GLN B 157 -48.62 -2.81 4.61
C GLN B 157 -49.29 -1.98 3.53
N ALA B 158 -49.71 -0.76 3.89
CA ALA B 158 -50.44 0.09 2.94
C ALA B 158 -49.63 0.54 1.75
N ALA B 159 -48.31 0.55 1.88
CA ALA B 159 -47.42 1.03 0.78
C ALA B 159 -47.08 -0.09 -0.20
N VAL B 160 -47.50 -1.33 0.11
CA VAL B 160 -47.20 -2.46 -0.75
C VAL B 160 -47.92 -2.33 -2.08
N ARG B 161 -47.20 -2.54 -3.18
CA ARG B 161 -47.79 -2.49 -4.51
C ARG B 161 -47.43 -3.78 -5.24
N PRO B 162 -48.10 -4.05 -6.36
CA PRO B 162 -47.80 -5.28 -7.04
C PRO B 162 -46.36 -5.33 -7.57
N ASN B 163 -45.77 -4.18 -7.87
CA ASN B 163 -44.39 -4.13 -8.31
C ASN B 163 -43.32 -3.90 -7.21
N THR B 164 -43.73 -4.03 -5.94
CA THR B 164 -42.78 -3.83 -4.83
C THR B 164 -41.82 -4.99 -4.77
N LYS B 165 -40.52 -4.67 -4.66
CA LYS B 165 -39.50 -5.68 -4.69
C LYS B 165 -38.70 -5.83 -3.38
N ALA B 166 -38.83 -4.86 -2.49
CA ALA B 166 -38.16 -4.96 -1.20
C ALA B 166 -38.67 -3.91 -0.25
N PHE B 167 -38.43 -4.16 1.06
CA PHE B 167 -38.57 -3.16 2.09
C PHE B 167 -37.12 -2.80 2.51
N PHE B 168 -36.94 -1.57 2.99
CA PHE B 168 -35.62 -1.09 3.43
C PHE B 168 -35.75 -0.23 4.68
N GLY B 169 -34.82 -0.43 5.62
CA GLY B 169 -34.71 0.44 6.79
C GLY B 169 -33.34 0.31 7.43
N GLU B 170 -33.04 1.21 8.34
CA GLU B 170 -31.76 1.20 9.08
C GLU B 170 -32.01 0.70 10.49
N THR B 171 -31.21 -0.24 10.98
CA THR B 171 -31.53 -0.81 12.28
C THR B 171 -31.45 0.24 13.40
N ILE B 172 -30.50 1.18 13.30
CA ILE B 172 -30.49 2.39 14.14
C ILE B 172 -30.30 3.56 13.21
N SER B 173 -31.18 4.56 13.27
CA SER B 173 -31.03 5.70 12.39
C SER B 173 -30.49 6.87 13.16
N ASN B 174 -30.02 7.86 12.43
CA ASN B 174 -29.25 8.95 12.96
C ASN B 174 -29.70 10.19 12.22
N PRO B 175 -30.04 11.27 12.93
CA PRO B 175 -29.83 11.65 14.34
C PRO B 175 -30.95 11.25 15.33
N GLN B 176 -31.98 10.56 14.89
CA GLN B 176 -33.05 10.19 15.81
C GLN B 176 -32.59 9.22 16.89
N ILE B 177 -31.67 8.36 16.52
CA ILE B 177 -31.31 7.20 17.30
C ILE B 177 -32.55 6.40 17.74
N ASP B 178 -33.44 6.11 16.78
CA ASP B 178 -34.48 5.11 17.02
C ASP B 178 -33.87 3.74 16.74
N LEU B 179 -34.63 2.70 17.03
CA LEU B 179 -34.37 1.41 16.45
C LEU B 179 -35.53 1.06 15.54
N LEU B 180 -35.20 0.46 14.39
CA LEU B 180 -36.18 -0.16 13.53
C LEU B 180 -36.80 -1.38 14.20
N ASP B 181 -38.10 -1.61 13.96
CA ASP B 181 -38.80 -2.78 14.49
C ASP B 181 -38.60 -3.89 13.47
N THR B 182 -37.41 -4.45 13.48
CA THR B 182 -37.01 -5.42 12.50
C THR B 182 -37.95 -6.62 12.46
N PRO B 183 -38.29 -7.22 13.63
CA PRO B 183 -39.28 -8.29 13.57
C PRO B 183 -40.63 -7.92 12.95
N GLY B 184 -41.17 -6.80 13.37
CA GLY B 184 -42.46 -6.37 12.91
C GLY B 184 -42.47 -6.04 11.44
N VAL B 185 -41.43 -5.31 10.99
CA VAL B 185 -41.35 -4.89 9.59
C VAL B 185 -41.10 -6.11 8.71
N ALA B 186 -40.20 -7.00 9.15
CA ALA B 186 -39.95 -8.23 8.44
C ALA B 186 -41.21 -9.06 8.25
N GLU B 187 -42.02 -9.13 9.29
CA GLU B 187 -43.25 -9.94 9.21
C GLU B 187 -44.21 -9.40 8.12
N VAL B 188 -44.43 -8.10 8.07
CA VAL B 188 -45.21 -7.51 7.00
C VAL B 188 -44.61 -7.81 5.61
N ALA B 189 -43.30 -7.60 5.47
CA ALA B 189 -42.63 -7.91 4.20
C ALA B 189 -42.85 -9.36 3.78
N HIS B 190 -42.58 -10.27 4.70
CA HIS B 190 -42.68 -11.70 4.35
C HIS B 190 -44.10 -12.17 4.05
N ARG B 191 -45.09 -11.63 4.72
CA ARG B 191 -46.46 -12.10 4.43
C ARG B 191 -46.92 -11.62 3.04
N ASN B 192 -46.22 -10.63 2.45
CA ASN B 192 -46.48 -10.19 1.07
C ASN B 192 -45.49 -10.76 0.05
N GLY B 193 -44.66 -11.70 0.47
CA GLY B 193 -43.64 -12.28 -0.40
C GLY B 193 -42.49 -11.32 -0.78
N ILE B 194 -42.13 -10.45 0.14
CA ILE B 194 -41.16 -9.37 -0.09
C ILE B 194 -40.02 -9.55 0.92
N PRO B 195 -38.75 -9.34 0.49
CA PRO B 195 -37.67 -9.48 1.46
C PRO B 195 -37.40 -8.14 2.14
N LEU B 196 -36.79 -8.21 3.33
CA LEU B 196 -36.39 -7.02 4.04
C LEU B 196 -34.88 -6.84 3.95
N ILE B 197 -34.47 -5.67 3.45
CA ILE B 197 -33.07 -5.26 3.46
C ILE B 197 -32.90 -4.26 4.58
N VAL B 198 -31.89 -4.44 5.45
CA VAL B 198 -31.56 -3.43 6.44
C VAL B 198 -30.09 -3.01 6.38
N ASP B 199 -29.87 -1.74 6.63
CA ASP B 199 -28.52 -1.20 6.82
C ASP B 199 -28.20 -1.33 8.31
N ASN B 200 -27.14 -2.03 8.66
CA ASN B 200 -26.80 -2.32 10.07
C ASN B 200 -25.49 -1.67 10.43
N THR B 201 -25.18 -0.57 9.74
CA THR B 201 -23.92 0.13 9.91
C THR B 201 -23.64 0.67 11.34
N ILE B 202 -24.58 1.43 11.86
CA ILE B 202 -24.37 2.10 13.17
C ILE B 202 -24.37 1.05 14.30
N ALA B 203 -25.23 0.05 14.22
CA ALA B 203 -25.30 -0.96 15.26
C ALA B 203 -24.08 -1.86 15.27
N THR B 204 -23.69 -2.25 14.07
CA THR B 204 -22.71 -3.31 13.81
C THR B 204 -23.23 -4.67 14.21
N PRO B 205 -22.62 -5.71 13.66
CA PRO B 205 -23.01 -7.07 14.04
C PRO B 205 -22.74 -7.41 15.52
N TYR B 206 -21.89 -6.61 16.18
CA TYR B 206 -21.61 -6.84 17.59
C TYR B 206 -22.85 -6.54 18.42
N LEU B 207 -23.66 -5.59 18.00
CA LEU B 207 -24.86 -5.21 18.74
C LEU B 207 -26.15 -5.84 18.26
N ILE B 208 -26.30 -6.00 16.95
CA ILE B 208 -27.53 -6.62 16.37
C ILE B 208 -27.14 -7.49 15.18
N ARG B 209 -27.64 -8.72 15.18
CA ARG B 209 -27.54 -9.61 14.04
C ARG B 209 -28.95 -9.68 13.46
N PRO B 210 -29.24 -8.82 12.48
CA PRO B 210 -30.63 -8.66 12.01
C PRO B 210 -31.22 -9.88 11.36
N PHE B 211 -30.39 -10.77 10.85
CA PHE B 211 -30.91 -12.03 10.33
C PHE B 211 -31.75 -12.78 11.41
N THR B 212 -31.45 -12.59 12.69
CA THR B 212 -32.10 -13.33 13.76
C THR B 212 -33.43 -12.64 14.12
N GLN B 213 -33.67 -11.47 13.51
CA GLN B 213 -34.83 -10.68 13.78
C GLN B 213 -35.69 -10.54 12.54
N GLY B 214 -35.40 -11.33 11.51
CA GLY B 214 -36.24 -11.35 10.29
C GLY B 214 -35.72 -10.69 9.05
N ALA B 215 -34.62 -9.96 9.15
CA ALA B 215 -34.04 -9.36 7.95
C ALA B 215 -33.52 -10.44 7.03
N ASP B 216 -33.58 -10.19 5.72
CA ASP B 216 -33.05 -11.15 4.73
C ASP B 216 -31.69 -10.75 4.17
N ILE B 217 -31.44 -9.45 4.12
CA ILE B 217 -30.24 -8.86 3.51
C ILE B 217 -29.76 -7.76 4.42
N VAL B 218 -28.45 -7.77 4.66
CA VAL B 218 -27.83 -6.78 5.50
C VAL B 218 -26.77 -6.00 4.73
N VAL B 219 -26.82 -4.67 4.78
CA VAL B 219 -25.80 -3.83 4.18
C VAL B 219 -24.99 -3.10 5.26
N HIS B 220 -23.66 -3.01 5.09
CA HIS B 220 -22.83 -2.08 5.90
C HIS B 220 -22.03 -1.15 5.00
N SER B 221 -21.92 0.11 5.41
CA SER B 221 -20.78 0.91 5.02
C SER B 221 -19.61 0.48 5.88
N ALA B 222 -18.78 -0.38 5.34
CA ALA B 222 -17.58 -0.82 6.00
C ALA B 222 -16.53 0.25 6.16
N THR B 223 -16.66 1.31 5.37
CA THR B 223 -15.96 2.56 5.60
C THR B 223 -15.96 2.98 7.08
N LYS B 224 -17.09 2.70 7.75
CA LYS B 224 -17.28 3.20 9.09
C LYS B 224 -16.71 2.23 10.16
N TYR B 225 -17.55 1.66 11.03
CA TYR B 225 -17.12 0.86 12.18
C TYR B 225 -16.38 -0.39 11.83
N LEU B 226 -16.78 -1.07 10.78
CA LEU B 226 -16.12 -2.36 10.47
C LEU B 226 -14.60 -2.18 10.25
N GLY B 227 -14.23 -1.25 9.36
CA GLY B 227 -12.80 -0.92 9.14
C GLY B 227 -12.25 -0.14 10.35
N GLY B 228 -13.04 0.82 10.85
CA GLY B 228 -12.75 1.40 12.17
C GLY B 228 -11.72 2.52 12.24
N HIS B 229 -10.90 2.73 11.20
CA HIS B 229 -9.78 3.68 11.31
C HIS B 229 -9.80 4.80 10.29
N GLY B 230 -10.94 5.04 9.63
CA GLY B 230 -11.00 6.13 8.67
C GLY B 230 -10.04 5.97 7.50
N ALA B 231 -9.71 4.72 7.12
CA ALA B 231 -8.62 4.51 6.21
C ALA B 231 -9.04 3.76 4.94
N ALA B 232 -10.30 3.38 4.79
CA ALA B 232 -10.67 2.52 3.67
C ALA B 232 -12.18 2.63 3.38
N ILE B 233 -12.51 3.30 2.30
CA ILE B 233 -13.89 3.36 1.81
C ILE B 233 -14.27 1.97 1.29
N ALA B 234 -15.41 1.45 1.75
CA ALA B 234 -15.87 0.11 1.39
C ALA B 234 -17.31 -0.13 1.81
N GLY B 235 -17.96 -1.03 1.07
CA GLY B 235 -19.32 -1.47 1.37
C GLY B 235 -19.39 -2.98 1.35
N VAL B 236 -20.41 -3.53 2.01
CA VAL B 236 -20.59 -4.96 1.98
C VAL B 236 -22.09 -5.27 2.05
N ILE B 237 -22.49 -6.28 1.30
CA ILE B 237 -23.83 -6.81 1.32
C ILE B 237 -23.71 -8.23 1.84
N VAL B 238 -24.50 -8.56 2.87
CA VAL B 238 -24.52 -9.91 3.40
C VAL B 238 -25.91 -10.53 3.14
N ASP B 239 -25.88 -11.75 2.63
CA ASP B 239 -27.05 -12.53 2.25
C ASP B 239 -27.38 -13.49 3.40
N GLY B 240 -28.56 -13.32 3.99
CA GLY B 240 -28.98 -14.19 5.12
C GLY B 240 -29.27 -15.61 4.69
N GLY B 241 -29.66 -15.79 3.44
CA GLY B 241 -30.04 -17.11 2.91
C GLY B 241 -31.35 -17.63 3.51
N THR B 242 -32.21 -16.72 3.97
CA THR B 242 -33.47 -17.05 4.68
C THR B 242 -34.72 -16.80 3.86
N PHE B 243 -34.58 -16.36 2.61
CA PHE B 243 -35.76 -15.92 1.85
C PHE B 243 -35.99 -16.83 0.66
N ASP B 244 -37.25 -17.21 0.43
CA ASP B 244 -37.61 -18.03 -0.70
C ASP B 244 -37.85 -17.11 -1.88
N TRP B 245 -37.00 -17.25 -2.90
CA TRP B 245 -36.99 -16.36 -4.08
C TRP B 245 -38.00 -16.80 -5.16
N THR B 246 -38.78 -17.87 -4.91
CA THR B 246 -39.66 -18.53 -5.92
C THR B 246 -41.15 -18.28 -5.68
N GLN B 247 -41.51 -17.41 -4.73
CA GLN B 247 -42.91 -17.13 -4.40
C GLN B 247 -43.67 -16.34 -5.48
N GLY B 248 -42.96 -15.59 -6.33
CA GLY B 248 -43.52 -15.09 -7.55
C GLY B 248 -43.16 -13.67 -7.95
N ARG B 249 -42.68 -12.86 -7.02
CA ARG B 249 -42.24 -11.50 -7.37
C ARG B 249 -40.84 -11.44 -8.02
N PHE B 250 -40.15 -12.57 -8.19
CA PHE B 250 -38.75 -12.58 -8.57
C PHE B 250 -38.39 -13.51 -9.72
N PRO B 251 -38.96 -13.24 -10.91
CA PRO B 251 -38.72 -14.14 -12.04
C PRO B 251 -37.25 -14.13 -12.51
N GLU B 252 -36.53 -13.06 -12.21
CA GLU B 252 -35.06 -13.08 -12.40
C GLU B 252 -34.33 -14.15 -11.60
N PHE B 253 -34.95 -14.60 -10.51
CA PHE B 253 -34.40 -15.71 -9.73
C PHE B 253 -34.85 -17.10 -10.23
N THR B 254 -35.89 -17.15 -11.08
CA THR B 254 -36.50 -18.45 -11.46
C THR B 254 -36.41 -18.73 -12.97
N THR B 255 -35.71 -17.84 -13.67
CA THR B 255 -35.61 -17.87 -15.12
C THR B 255 -34.15 -18.07 -15.52
N PRO B 256 -33.86 -19.09 -16.39
CA PRO B 256 -32.50 -19.32 -16.85
C PRO B 256 -31.87 -18.02 -17.32
N ASP B 257 -30.66 -17.71 -16.88
CA ASP B 257 -30.06 -16.40 -17.21
C ASP B 257 -29.20 -16.50 -18.45
N PRO B 258 -29.63 -15.88 -19.55
CA PRO B 258 -28.82 -15.99 -20.76
C PRO B 258 -27.41 -15.40 -20.59
N SER B 259 -27.23 -14.48 -19.64
CA SER B 259 -25.90 -13.88 -19.43
C SER B 259 -24.95 -14.83 -18.70
N TYR B 260 -25.49 -15.85 -18.06
CA TYR B 260 -24.66 -16.67 -17.20
C TYR B 260 -25.03 -18.14 -17.32
N HIS B 261 -24.83 -18.68 -18.51
CA HIS B 261 -24.91 -20.11 -18.81
C HIS B 261 -26.29 -20.70 -18.52
N GLY B 262 -27.34 -19.89 -18.54
CA GLY B 262 -28.69 -20.39 -18.29
C GLY B 262 -28.94 -20.78 -16.84
N VAL B 263 -28.07 -20.35 -15.94
CA VAL B 263 -28.27 -20.62 -14.55
C VAL B 263 -29.61 -20.05 -14.06
N VAL B 264 -30.26 -20.79 -13.19
CA VAL B 264 -31.47 -20.35 -12.51
C VAL B 264 -31.04 -20.10 -11.08
N PHE B 265 -30.95 -18.83 -10.69
CA PHE B 265 -30.33 -18.48 -9.44
C PHE B 265 -30.95 -19.16 -8.23
N ALA B 266 -32.27 -19.27 -8.17
CA ALA B 266 -32.91 -19.90 -7.00
C ALA B 266 -32.47 -21.34 -6.78
N GLU B 267 -32.10 -22.02 -7.85
CA GLU B 267 -31.58 -23.39 -7.75
C GLU B 267 -30.20 -23.47 -7.14
N LEU B 268 -29.55 -22.33 -6.91
CA LEU B 268 -28.29 -22.35 -6.23
C LEU B 268 -28.50 -22.34 -4.73
N GLY B 269 -29.74 -22.34 -4.26
CA GLY B 269 -30.00 -22.52 -2.84
C GLY B 269 -29.75 -21.24 -2.05
N ALA B 270 -29.28 -21.41 -0.81
CA ALA B 270 -29.23 -20.33 0.16
C ALA B 270 -28.54 -19.03 -0.29
N PRO B 271 -27.39 -19.10 -1.00
CA PRO B 271 -26.72 -17.82 -1.37
C PRO B 271 -27.05 -17.32 -2.77
N ALA B 272 -28.23 -17.64 -3.27
CA ALA B 272 -28.67 -17.22 -4.58
C ALA B 272 -28.51 -15.71 -4.78
N TYR B 273 -28.92 -14.92 -3.79
CA TYR B 273 -28.89 -13.48 -3.95
C TYR B 273 -27.49 -12.95 -4.04
N ALA B 274 -26.61 -13.41 -3.15
CA ALA B 274 -25.21 -13.02 -3.24
C ALA B 274 -24.56 -13.40 -4.56
N LEU B 275 -24.84 -14.60 -5.04
CA LEU B 275 -24.21 -15.07 -6.26
C LEU B 275 -24.69 -14.26 -7.44
N LYS B 276 -25.99 -14.05 -7.52
CA LYS B 276 -26.54 -13.21 -8.57
C LYS B 276 -25.90 -11.83 -8.57
N ALA B 277 -25.73 -11.25 -7.40
CA ALA B 277 -25.22 -9.88 -7.35
C ALA B 277 -23.78 -9.88 -7.90
N ARG B 278 -22.99 -10.90 -7.54
CA ARG B 278 -21.62 -10.95 -8.02
C ARG B 278 -21.53 -11.16 -9.54
N VAL B 279 -22.30 -12.10 -10.08
CA VAL B 279 -22.08 -12.48 -11.46
C VAL B 279 -22.76 -11.55 -12.44
N GLN B 280 -23.74 -10.77 -11.98
CA GLN B 280 -24.44 -9.83 -12.82
C GLN B 280 -23.99 -8.41 -12.49
N LEU B 281 -24.18 -7.94 -11.26
CA LEU B 281 -23.94 -6.51 -10.96
C LEU B 281 -22.47 -6.13 -10.85
N LEU B 282 -21.70 -6.92 -10.14
CA LEU B 282 -20.27 -6.63 -10.02
C LEU B 282 -19.60 -6.78 -11.37
N ARG B 283 -19.95 -7.85 -12.06
CA ARG B 283 -19.51 -8.02 -13.43
C ARG B 283 -19.78 -6.81 -14.33
N ASP B 284 -21.04 -6.35 -14.41
CA ASP B 284 -21.41 -5.28 -15.36
C ASP B 284 -21.13 -3.86 -14.89
N LEU B 285 -21.50 -3.61 -13.64
CA LEU B 285 -21.47 -2.24 -13.07
C LEU B 285 -20.13 -1.90 -12.40
N GLY B 286 -19.41 -2.89 -11.92
CA GLY B 286 -17.97 -2.72 -11.64
C GLY B 286 -17.60 -1.92 -10.41
N SER B 287 -18.47 -1.93 -9.40
CA SER B 287 -18.18 -1.31 -8.12
C SER B 287 -17.27 -2.17 -7.24
N ALA B 288 -16.09 -2.50 -7.79
CA ALA B 288 -15.15 -3.42 -7.18
C ALA B 288 -14.35 -2.73 -6.07
N ALA B 289 -14.00 -3.52 -5.04
CA ALA B 289 -13.08 -3.05 -4.02
C ALA B 289 -11.63 -3.34 -4.38
N SER B 290 -10.75 -2.43 -4.03
CA SER B 290 -9.33 -2.74 -4.09
C SER B 290 -8.99 -3.79 -3.07
N PRO B 291 -8.16 -4.78 -3.41
CA PRO B 291 -7.67 -5.72 -2.38
C PRO B 291 -6.96 -5.04 -1.19
N PHE B 292 -6.35 -3.89 -1.40
CA PHE B 292 -5.71 -3.15 -0.32
C PHE B 292 -6.75 -2.61 0.68
N ASN B 293 -7.84 -2.04 0.16
CA ASN B 293 -8.96 -1.67 1.02
C ASN B 293 -9.61 -2.84 1.80
N ALA B 294 -9.70 -4.00 1.20
CA ALA B 294 -10.18 -5.18 1.91
C ALA B 294 -9.21 -5.60 3.02
N PHE B 295 -7.92 -5.59 2.72
CA PHE B 295 -6.88 -5.83 3.74
C PHE B 295 -7.02 -4.87 4.91
N LEU B 296 -7.20 -3.56 4.63
CA LEU B 296 -7.37 -2.58 5.72
C LEU B 296 -8.62 -2.84 6.52
N VAL B 297 -9.70 -3.24 5.86
CA VAL B 297 -10.91 -3.53 6.61
C VAL B 297 -10.70 -4.75 7.48
N ALA B 298 -10.05 -5.77 6.97
CA ALA B 298 -9.73 -6.97 7.76
C ALA B 298 -8.96 -6.62 9.04
N GLN B 299 -8.07 -5.64 8.94
N GLN B 299 -8.02 -5.68 8.90
CA GLN B 299 -7.26 -5.24 10.05
CA GLN B 299 -7.24 -5.14 10.00
C GLN B 299 -8.12 -4.53 11.10
C GLN B 299 -8.19 -4.65 11.06
N GLY B 300 -9.16 -3.85 10.64
CA GLY B 300 -10.11 -3.23 11.55
C GLY B 300 -10.99 -4.28 12.22
N LEU B 301 -11.40 -5.28 11.45
CA LEU B 301 -12.23 -6.36 11.98
C LEU B 301 -11.60 -7.11 13.16
N GLU B 302 -10.28 -7.23 13.10
CA GLU B 302 -9.58 -7.93 14.13
C GLU B 302 -9.79 -7.33 15.49
N THR B 303 -10.20 -6.05 15.60
CA THR B 303 -10.52 -5.44 16.90
C THR B 303 -11.98 -4.95 17.02
N LEU B 304 -12.84 -5.36 16.11
CA LEU B 304 -14.20 -4.76 16.07
C LEU B 304 -14.92 -4.72 17.42
N SER B 305 -15.08 -5.89 18.02
CA SER B 305 -15.84 -6.00 19.31
C SER B 305 -15.21 -5.14 20.43
N LEU B 306 -13.88 -5.11 20.49
CA LEU B 306 -13.19 -4.28 21.49
C LEU B 306 -13.50 -2.81 21.30
N ARG B 307 -13.44 -2.39 20.03
CA ARG B 307 -13.71 -1.02 19.72
C ARG B 307 -15.19 -0.70 19.98
N ILE B 308 -16.11 -1.53 19.50
CA ILE B 308 -17.56 -1.20 19.73
C ILE B 308 -17.85 -1.14 21.25
N GLU B 309 -17.27 -2.03 22.04
N GLU B 309 -17.27 -2.05 22.04
CA GLU B 309 -17.48 -1.98 23.49
CA GLU B 309 -17.45 -2.03 23.50
C GLU B 309 -17.16 -0.64 24.08
C GLU B 309 -17.15 -0.66 24.09
N ARG B 310 -16.03 -0.04 23.66
CA ARG B 310 -15.60 1.24 24.24
C ARG B 310 -16.33 2.40 23.59
N HIS B 311 -16.59 2.30 22.30
CA HIS B 311 -17.40 3.34 21.63
C HIS B 311 -18.75 3.45 22.37
N VAL B 312 -19.34 2.30 22.65
CA VAL B 312 -20.68 2.25 23.29
C VAL B 312 -20.65 2.70 24.77
N SER B 313 -19.68 2.21 25.56
CA SER B 313 -19.61 2.65 26.96
C SER B 313 -19.35 4.17 27.00
N ASN B 314 -18.48 4.69 26.12
CA ASN B 314 -18.27 6.15 26.06
C ASN B 314 -19.53 6.93 25.67
N ALA B 315 -20.23 6.47 24.65
CA ALA B 315 -21.41 7.13 24.12
C ALA B 315 -22.55 7.17 25.17
N GLN B 316 -22.74 6.06 25.86
CA GLN B 316 -23.69 5.99 26.97
C GLN B 316 -23.40 7.09 28.03
N ARG B 317 -22.13 7.14 28.47
CA ARG B 317 -21.70 8.16 29.41
C ARG B 317 -21.89 9.56 28.84
N VAL B 318 -21.57 9.77 27.57
CA VAL B 318 -21.79 11.13 27.00
C VAL B 318 -23.32 11.46 27.02
N ALA B 319 -24.12 10.48 26.65
CA ALA B 319 -25.58 10.70 26.61
C ALA B 319 -26.14 11.08 27.99
N GLU B 320 -25.72 10.33 29.01
CA GLU B 320 -26.12 10.56 30.41
C GLU B 320 -25.64 11.91 30.89
N PHE B 321 -24.35 12.14 30.68
CA PHE B 321 -23.77 13.44 30.91
C PHE B 321 -24.69 14.53 30.35
N LEU B 322 -25.02 14.40 29.08
CA LEU B 322 -25.84 15.40 28.43
C LEU B 322 -27.28 15.46 28.99
N ALA B 323 -27.87 14.32 29.34
CA ALA B 323 -29.27 14.28 29.75
C ALA B 323 -29.46 14.95 31.11
N ASP B 324 -28.39 15.01 31.89
CA ASP B 324 -28.41 15.60 33.21
C ASP B 324 -28.15 17.13 33.21
N ARG B 325 -27.86 17.73 32.06
CA ARG B 325 -27.56 19.17 32.02
C ARG B 325 -28.78 20.02 31.78
N GLU B 326 -28.83 21.16 32.47
CA GLU B 326 -29.95 22.09 32.36
C GLU B 326 -29.86 22.91 31.07
N ASP B 327 -28.67 23.08 30.48
CA ASP B 327 -28.56 23.86 29.22
C ASP B 327 -28.72 22.94 27.98
N VAL B 328 -29.11 21.69 28.20
CA VAL B 328 -29.48 20.78 27.13
C VAL B 328 -30.98 20.49 27.13
N VAL B 329 -31.63 20.88 26.03
CA VAL B 329 -33.11 20.76 25.87
C VAL B 329 -33.55 19.31 25.68
N THR B 330 -32.91 18.58 24.77
CA THR B 330 -33.17 17.17 24.71
C THR B 330 -31.99 16.40 24.17
N VAL B 331 -31.89 15.13 24.56
CA VAL B 331 -30.87 14.24 24.03
C VAL B 331 -31.55 13.09 23.30
N ASN B 332 -31.01 12.72 22.15
CA ASN B 332 -31.48 11.55 21.44
C ASN B 332 -30.46 10.44 21.53
N TYR B 333 -30.85 9.33 22.13
CA TYR B 333 -29.97 8.16 22.26
C TYR B 333 -30.77 7.04 22.91
N ALA B 334 -30.95 5.93 22.20
CA ALA B 334 -31.84 4.86 22.65
C ALA B 334 -31.47 4.17 23.97
N GLY B 335 -30.19 4.27 24.33
CA GLY B 335 -29.71 3.74 25.58
C GLY B 335 -30.12 4.54 26.82
N LEU B 336 -30.66 5.75 26.64
CA LEU B 336 -31.21 6.52 27.75
C LEU B 336 -32.61 6.01 28.04
N PRO B 337 -32.94 5.82 29.33
CA PRO B 337 -34.28 5.42 29.75
C PRO B 337 -35.39 6.25 29.14
N GLY B 338 -35.18 7.56 29.00
CA GLY B 338 -36.18 8.45 28.44
C GLY B 338 -36.49 8.27 26.94
N SER B 339 -35.66 7.54 26.20
CA SER B 339 -35.91 7.36 24.78
C SER B 339 -37.15 6.48 24.50
N PRO B 340 -37.99 6.91 23.55
CA PRO B 340 -39.09 6.04 23.15
C PRO B 340 -38.66 4.71 22.59
N TRP B 341 -37.40 4.61 22.14
CA TRP B 341 -36.92 3.32 21.63
C TRP B 341 -36.08 2.57 22.62
N HIS B 342 -36.09 3.01 23.88
CA HIS B 342 -35.29 2.36 24.92
C HIS B 342 -35.68 0.92 25.16
N GLU B 343 -37.00 0.69 25.28
CA GLU B 343 -37.52 -0.67 25.49
C GLU B 343 -37.23 -1.54 24.30
N ARG B 344 -37.41 -1.00 23.10
CA ARG B 344 -37.07 -1.78 21.92
C ARG B 344 -35.57 -2.19 21.95
N ALA B 345 -34.72 -1.28 22.41
CA ALA B 345 -33.27 -1.57 22.51
C ALA B 345 -32.99 -2.70 23.50
N LYS B 346 -33.79 -2.77 24.58
CA LYS B 346 -33.64 -3.85 25.55
C LYS B 346 -33.94 -5.19 24.91
N LYS B 347 -34.90 -5.24 23.98
CA LYS B 347 -35.24 -6.50 23.31
C LYS B 347 -34.32 -6.79 22.12
N LEU B 348 -34.04 -5.79 21.29
CA LEU B 348 -33.33 -6.06 20.02
C LEU B 348 -31.84 -5.83 20.09
N SER B 349 -31.40 -5.03 21.05
CA SER B 349 -30.00 -4.64 21.13
C SER B 349 -29.52 -4.49 22.57
N PRO B 350 -29.51 -5.60 23.34
CA PRO B 350 -29.36 -5.36 24.81
C PRO B 350 -27.99 -4.79 25.22
N LYS B 351 -26.96 -4.95 24.37
CA LYS B 351 -25.62 -4.50 24.74
C LYS B 351 -25.40 -3.02 24.57
N GLY B 352 -26.29 -2.36 23.85
CA GLY B 352 -26.17 -0.95 23.69
C GLY B 352 -26.70 -0.53 22.34
N THR B 353 -26.73 0.77 22.13
CA THR B 353 -27.40 1.35 20.99
C THR B 353 -26.49 2.21 20.14
N GLY B 354 -25.30 1.69 19.85
CA GLY B 354 -24.32 2.40 18.96
C GLY B 354 -23.65 3.60 19.59
N ALA B 355 -22.88 4.34 18.80
CA ALA B 355 -22.02 5.40 19.32
C ALA B 355 -22.32 6.73 18.73
N VAL B 356 -23.45 6.84 18.04
CA VAL B 356 -23.80 8.10 17.51
C VAL B 356 -24.93 8.64 18.39
N LEU B 357 -24.94 9.95 18.57
CA LEU B 357 -26.04 10.60 19.26
C LEU B 357 -26.20 12.00 18.81
N SER B 358 -27.32 12.60 19.22
CA SER B 358 -27.57 14.01 18.97
C SER B 358 -28.28 14.64 20.17
N PHE B 359 -28.23 15.95 20.24
CA PHE B 359 -28.83 16.68 21.36
C PHE B 359 -29.08 18.11 20.95
N GLU B 360 -29.98 18.76 21.68
CA GLU B 360 -30.47 20.07 21.33
C GLU B 360 -30.05 21.09 22.37
N LEU B 361 -29.49 22.20 21.91
CA LEU B 361 -29.07 23.32 22.77
C LEU B 361 -30.12 24.40 22.85
N ALA B 362 -30.15 25.14 23.95
CA ALA B 362 -31.17 26.18 24.18
C ALA B 362 -31.23 27.30 23.12
N GLY B 363 -30.10 27.66 22.53
CA GLY B 363 -30.02 28.88 21.69
C GLY B 363 -30.07 28.73 20.18
N GLY B 364 -30.53 27.58 19.69
CA GLY B 364 -30.59 27.36 18.24
C GLY B 364 -29.26 27.51 17.49
N VAL B 365 -29.35 27.81 16.19
CA VAL B 365 -28.21 27.78 15.29
C VAL B 365 -26.98 28.44 15.88
N GLU B 366 -27.17 29.61 16.47
CA GLU B 366 -26.06 30.41 16.91
C GLU B 366 -25.33 29.82 18.12
N ALA B 367 -26.05 29.26 19.08
CA ALA B 367 -25.40 28.55 20.18
C ALA B 367 -24.65 27.29 19.68
N GLY B 368 -25.23 26.62 18.67
CA GLY B 368 -24.63 25.41 18.12
C GLY B 368 -23.42 25.69 17.27
N LYS B 369 -23.44 26.78 16.49
CA LYS B 369 -22.29 27.18 15.67
C LYS B 369 -21.06 27.44 16.53
N ALA B 370 -21.26 28.17 17.63
CA ALA B 370 -20.15 28.45 18.55
C ALA B 370 -19.83 27.24 19.44
N PHE B 371 -20.81 26.35 19.66
CA PHE B 371 -20.54 25.12 20.42
C PHE B 371 -19.50 24.31 19.62
N VAL B 372 -19.84 23.91 18.40
CA VAL B 372 -18.94 23.06 17.62
C VAL B 372 -17.62 23.76 17.33
N ASN B 373 -17.66 25.07 17.06
CA ASN B 373 -16.44 25.86 16.85
C ASN B 373 -15.45 25.91 18.04
N ALA B 374 -15.91 25.64 19.25
CA ALA B 374 -15.03 25.66 20.43
C ALA B 374 -14.29 24.36 20.75
N LEU B 375 -14.76 23.24 20.20
CA LEU B 375 -14.19 21.94 20.56
C LEU B 375 -12.75 21.79 20.04
N LYS B 376 -11.89 21.24 20.87
CA LYS B 376 -10.48 21.11 20.52
C LYS B 376 -10.10 19.62 20.24
N LEU B 377 -10.82 18.66 20.79
CA LEU B 377 -10.50 17.26 20.59
C LEU B 377 -11.35 16.58 19.49
N HIS B 378 -12.62 16.95 19.44
CA HIS B 378 -13.52 16.43 18.40
C HIS B 378 -13.13 16.87 17.00
N SER B 379 -13.09 15.93 16.05
CA SER B 379 -12.81 16.26 14.68
C SER B 379 -14.04 16.82 13.99
N HIS B 380 -13.86 17.75 13.07
CA HIS B 380 -14.94 18.22 12.20
C HIS B 380 -14.90 17.52 10.84
N VAL B 381 -13.86 16.73 10.58
CA VAL B 381 -13.68 16.07 9.28
C VAL B 381 -13.70 14.55 9.27
N ALA B 382 -13.53 13.91 10.42
CA ALA B 382 -13.53 12.44 10.47
C ALA B 382 -14.91 11.87 10.16
N ASN B 383 -14.93 10.67 9.56
CA ASN B 383 -16.19 9.96 9.23
C ASN B 383 -16.70 9.28 10.43
N ILE B 384 -18.03 9.20 10.57
CA ILE B 384 -18.62 8.26 11.53
C ILE B 384 -17.94 6.89 11.52
N GLY B 385 -17.68 6.32 12.69
CA GLY B 385 -17.12 4.98 12.72
C GLY B 385 -15.60 4.92 12.74
N ASP B 386 -14.97 6.10 12.73
CA ASP B 386 -13.52 6.22 12.99
C ASP B 386 -13.28 6.09 14.50
N VAL B 387 -12.07 5.75 14.90
CA VAL B 387 -11.69 5.77 16.33
C VAL B 387 -11.79 7.17 16.96
N ARG B 388 -11.62 8.19 16.13
CA ARG B 388 -11.65 9.60 16.47
C ARG B 388 -13.11 10.06 16.72
N SER B 389 -13.37 10.75 17.84
CA SER B 389 -14.68 11.41 18.06
C SER B 389 -14.87 12.50 17.01
N LEU B 390 -16.11 12.65 16.53
CA LEU B 390 -16.38 13.75 15.59
C LEU B 390 -17.70 14.47 15.88
N VAL B 391 -17.75 15.69 15.40
CA VAL B 391 -18.83 16.62 15.73
C VAL B 391 -19.33 17.24 14.43
N ILE B 392 -20.62 17.58 14.43
CA ILE B 392 -21.39 18.13 13.28
C ILE B 392 -22.59 18.93 13.85
N HIS B 393 -22.83 20.12 13.32
CA HIS B 393 -23.97 20.91 13.77
C HIS B 393 -25.25 20.64 12.96
N SER B 413 -34.09 20.56 14.56
CA SER B 413 -33.85 21.58 15.57
C SER B 413 -32.64 22.41 15.15
N PRO B 414 -32.74 23.75 15.22
CA PRO B 414 -31.60 24.55 14.75
C PRO B 414 -30.42 24.55 15.72
N GLY B 415 -30.68 24.24 17.00
CA GLY B 415 -29.61 24.03 17.98
C GLY B 415 -29.23 22.56 18.11
N LEU B 416 -29.39 21.79 17.03
CA LEU B 416 -29.11 20.35 17.07
C LEU B 416 -27.63 20.06 16.80
N VAL B 417 -26.96 19.47 17.77
CA VAL B 417 -25.57 19.00 17.59
C VAL B 417 -25.55 17.47 17.53
N ARG B 418 -24.75 16.94 16.61
CA ARG B 418 -24.62 15.51 16.36
C ARG B 418 -23.18 15.05 16.62
N LEU B 419 -23.00 13.97 17.40
CA LEU B 419 -21.68 13.43 17.68
C LEU B 419 -21.59 11.99 17.31
N ALA B 420 -20.43 11.59 16.83
CA ALA B 420 -20.08 10.18 16.78
C ALA B 420 -19.02 10.07 17.83
N VAL B 421 -19.30 9.33 18.90
CA VAL B 421 -18.41 9.29 20.04
C VAL B 421 -17.29 8.26 19.82
N GLY B 422 -16.06 8.71 20.03
CA GLY B 422 -14.88 7.96 19.64
C GLY B 422 -14.44 7.08 20.78
N ILE B 423 -13.21 6.55 20.67
CA ILE B 423 -12.71 5.73 21.76
C ILE B 423 -11.59 6.41 22.57
N GLU B 424 -11.54 7.73 22.53
CA GLU B 424 -10.68 8.49 23.42
C GLU B 424 -11.10 8.28 24.87
N GLY B 425 -10.24 8.70 25.78
CA GLY B 425 -10.55 8.67 27.22
C GLY B 425 -11.81 9.47 27.48
N ILE B 426 -12.75 8.89 28.19
CA ILE B 426 -14.04 9.58 28.41
C ILE B 426 -13.89 10.96 29.05
N GLU B 427 -12.98 11.08 30.01
CA GLU B 427 -12.84 12.35 30.72
C GLU B 427 -12.32 13.44 29.80
N ASP B 428 -11.51 13.07 28.81
CA ASP B 428 -11.06 14.02 27.79
C ASP B 428 -12.22 14.45 26.88
N ILE B 429 -13.03 13.48 26.46
CA ILE B 429 -14.20 13.79 25.64
C ILE B 429 -15.09 14.81 26.36
N LEU B 430 -15.41 14.53 27.62
CA LEU B 430 -16.34 15.39 28.43
C LEU B 430 -15.80 16.79 28.71
N ALA B 431 -14.50 16.84 29.01
CA ALA B 431 -13.81 18.12 29.15
C ALA B 431 -13.94 18.92 27.89
N ASP B 432 -13.81 18.26 26.73
CA ASP B 432 -13.89 18.98 25.45
C ASP B 432 -15.29 19.57 25.25
N LEU B 433 -16.32 18.82 25.62
CA LEU B 433 -17.71 19.27 25.48
C LEU B 433 -17.96 20.49 26.37
N GLU B 434 -17.32 20.56 27.54
CA GLU B 434 -17.51 21.74 28.43
C GLU B 434 -17.06 23.00 27.72
N LEU B 435 -16.01 22.88 26.92
CA LEU B 435 -15.55 24.01 26.12
C LEU B 435 -16.69 24.49 25.22
N GLY B 436 -17.37 23.56 24.57
CA GLY B 436 -18.53 23.89 23.75
C GLY B 436 -19.64 24.61 24.53
N PHE B 437 -19.97 24.11 25.71
CA PHE B 437 -21.05 24.72 26.47
C PHE B 437 -20.68 26.16 26.79
N ALA B 438 -19.46 26.37 27.30
CA ALA B 438 -19.01 27.72 27.63
C ALA B 438 -19.23 28.66 26.43
N ALA B 439 -18.81 28.24 25.24
CA ALA B 439 -18.92 29.07 24.02
C ALA B 439 -20.35 29.38 23.62
N ALA B 440 -21.20 28.35 23.63
CA ALA B 440 -22.64 28.49 23.37
C ALA B 440 -23.36 29.46 24.36
N ARG B 441 -22.86 29.55 25.60
CA ARG B 441 -23.40 30.45 26.66
C ARG B 441 -23.23 31.95 26.36
N LYS B 442 -22.50 32.27 25.28
CA LYS B 442 -22.65 33.54 24.57
C LYS B 442 -23.78 33.43 23.52
N PHE B 443 -24.98 33.03 23.95
CA PHE B 443 -26.14 32.85 23.07
C PHE B 443 -27.18 31.94 23.71
N PRO C 16 17.17 -23.00 -18.18
CA PRO C 16 15.82 -23.02 -18.77
C PRO C 16 15.37 -21.64 -19.28
N THR C 17 15.80 -20.60 -18.57
CA THR C 17 15.38 -19.24 -18.81
C THR C 17 16.59 -18.33 -18.71
N ALA C 18 17.77 -18.86 -19.06
CA ALA C 18 19.04 -18.13 -18.98
C ALA C 18 19.27 -17.34 -20.26
N HIS C 19 18.98 -18.02 -21.40
CA HIS C 19 18.87 -17.44 -22.75
C HIS C 19 17.86 -16.25 -22.99
N TRP C 20 16.94 -16.04 -22.06
CA TRP C 20 16.07 -14.86 -22.11
C TRP C 20 16.85 -13.55 -22.24
N SER C 21 16.29 -12.63 -22.99
CA SER C 21 16.84 -11.25 -23.00
C SER C 21 16.63 -10.53 -21.65
N PHE C 22 17.35 -9.42 -21.49
CA PHE C 22 17.27 -8.55 -20.30
C PHE C 22 15.81 -8.08 -20.11
N GLU C 23 15.17 -7.74 -21.23
CA GLU C 23 13.82 -7.24 -21.24
C GLU C 23 12.83 -8.28 -20.70
N THR C 24 13.04 -9.53 -21.06
CA THR C 24 12.19 -10.62 -20.54
C THR C 24 12.46 -10.84 -19.08
N LYS C 25 13.73 -10.90 -18.69
CA LYS C 25 14.10 -11.11 -17.32
C LYS C 25 13.54 -10.03 -16.39
N GLN C 26 13.53 -8.78 -16.83
CA GLN C 26 13.14 -7.71 -15.85
C GLN C 26 11.66 -7.84 -15.46
N ILE C 27 10.92 -8.60 -16.27
CA ILE C 27 9.53 -8.91 -15.96
C ILE C 27 9.37 -10.28 -15.34
N HIS C 28 10.04 -11.29 -15.89
CA HIS C 28 9.70 -12.66 -15.54
C HIS C 28 10.69 -13.39 -14.63
N ALA C 29 11.93 -12.88 -14.47
CA ALA C 29 12.92 -13.67 -13.74
C ALA C 29 12.48 -13.73 -12.29
N GLY C 30 12.63 -14.91 -11.72
CA GLY C 30 12.20 -15.19 -10.36
C GLY C 30 10.71 -15.40 -10.14
N GLN C 31 9.90 -15.47 -11.20
CA GLN C 31 8.43 -15.65 -11.05
C GLN C 31 8.09 -17.07 -10.58
N GLN C 32 6.91 -17.23 -9.94
CA GLN C 32 6.37 -18.59 -9.63
C GLN C 32 6.41 -19.47 -10.90
N PRO C 33 6.82 -20.74 -10.76
CA PRO C 33 6.87 -21.55 -11.99
C PRO C 33 5.49 -21.81 -12.68
N ASP C 34 4.39 -21.45 -12.01
CA ASP C 34 3.03 -21.56 -12.59
C ASP C 34 2.32 -20.18 -12.76
N SER C 35 3.10 -19.10 -12.81
CA SER C 35 2.53 -17.76 -12.91
C SER C 35 1.84 -17.55 -14.26
N ALA C 36 2.21 -18.37 -15.26
CA ALA C 36 1.58 -18.31 -16.58
C ALA C 36 0.15 -18.78 -16.51
N THR C 37 -0.09 -19.78 -15.67
CA THR C 37 -1.42 -20.38 -15.51
C THR C 37 -1.84 -20.17 -14.07
N LEU C 42 2.04 -11.46 -8.18
CA LEU C 42 3.00 -10.84 -7.29
C LEU C 42 2.38 -10.37 -5.92
N PRO C 43 1.79 -11.33 -5.12
CA PRO C 43 1.10 -10.97 -3.81
C PRO C 43 1.99 -10.26 -2.82
N ILE C 44 1.42 -9.41 -1.97
CA ILE C 44 2.23 -8.66 -1.02
C ILE C 44 2.08 -9.38 0.31
N TYR C 45 3.14 -10.09 0.71
CA TYR C 45 3.19 -10.86 1.97
C TYR C 45 3.65 -9.99 3.11
N GLN C 46 2.71 -9.17 3.55
CA GLN C 46 2.95 -8.15 4.51
C GLN C 46 2.60 -8.80 5.84
N THR C 47 3.45 -9.76 6.24
CA THR C 47 3.28 -10.69 7.39
C THR C 47 4.63 -10.90 8.11
N THR C 48 4.60 -10.82 9.43
CA THR C 48 5.80 -11.01 10.28
C THR C 48 5.76 -12.33 11.05
N SER C 49 5.06 -13.30 10.48
CA SER C 49 4.97 -14.64 11.06
C SER C 49 6.32 -15.35 10.88
N ARG C 73 11.24 -15.97 9.26
CA ARG C 73 11.16 -14.53 9.46
C ARG C 73 12.47 -13.80 9.10
N LEU C 74 13.28 -14.38 8.20
CA LEU C 74 14.47 -13.71 7.62
C LEU C 74 14.32 -13.64 6.10
N GLY C 75 13.05 -13.57 5.66
CA GLY C 75 12.67 -13.86 4.24
C GLY C 75 11.15 -13.92 4.04
N ASN C 76 10.74 -13.86 2.78
CA ASN C 76 9.36 -13.51 2.45
C ASN C 76 9.17 -13.75 0.95
N PRO C 77 8.07 -14.39 0.51
CA PRO C 77 8.04 -14.63 -0.94
C PRO C 77 8.03 -13.35 -1.81
N THR C 78 7.48 -12.25 -1.32
CA THR C 78 7.51 -11.01 -2.11
C THR C 78 8.97 -10.56 -2.29
N THR C 79 9.70 -10.49 -1.21
CA THR C 79 11.08 -10.09 -1.27
C THR C 79 11.96 -11.09 -2.07
N ASP C 80 11.72 -12.39 -1.93
N ASP C 80 11.69 -12.40 -1.91
CA ASP C 80 12.52 -13.35 -2.67
CA ASP C 80 12.41 -13.44 -2.68
C ASP C 80 12.40 -13.20 -4.20
C ASP C 80 12.40 -13.16 -4.18
N VAL C 81 11.20 -12.84 -4.69
CA VAL C 81 11.01 -12.60 -6.12
C VAL C 81 11.90 -11.42 -6.57
N VAL C 82 11.89 -10.33 -5.83
CA VAL C 82 12.71 -9.18 -6.20
C VAL C 82 14.21 -9.50 -6.12
N GLU C 83 14.62 -10.33 -5.16
CA GLU C 83 16.02 -10.73 -5.05
C GLU C 83 16.46 -11.57 -6.25
N GLN C 84 15.64 -12.56 -6.59
CA GLN C 84 15.97 -13.45 -7.69
C GLN C 84 16.00 -12.69 -9.01
N ARG C 85 15.13 -11.70 -9.16
CA ARG C 85 15.05 -10.93 -10.42
C ARG C 85 16.29 -10.04 -10.58
N ILE C 86 16.67 -9.30 -9.54
CA ILE C 86 17.91 -8.49 -9.57
C ILE C 86 19.15 -9.36 -9.78
N ALA C 87 19.24 -10.47 -9.06
CA ALA C 87 20.37 -11.39 -9.26
C ALA C 87 20.43 -11.84 -10.73
N ALA C 88 19.28 -12.14 -11.33
CA ALA C 88 19.23 -12.56 -12.74
C ALA C 88 19.66 -11.43 -13.71
N LEU C 89 19.26 -10.21 -13.40
CA LEU C 89 19.68 -9.11 -14.24
C LEU C 89 21.21 -8.88 -14.20
N GLU C 90 21.82 -9.04 -13.01
CA GLU C 90 23.26 -8.98 -12.91
C GLU C 90 24.01 -10.25 -13.34
N GLY C 91 23.30 -11.37 -13.49
CA GLY C 91 23.94 -12.69 -13.68
C GLY C 91 24.65 -13.17 -12.43
N GLY C 92 24.17 -12.75 -11.25
CA GLY C 92 24.74 -13.23 -10.00
C GLY C 92 24.06 -14.49 -9.54
N VAL C 93 24.52 -15.06 -8.44
CA VAL C 93 23.94 -16.33 -7.93
C VAL C 93 22.90 -16.12 -6.87
N ALA C 94 22.86 -14.96 -6.25
CA ALA C 94 21.90 -14.73 -5.18
C ALA C 94 21.93 -13.25 -4.84
N ALA C 95 20.86 -12.75 -4.24
CA ALA C 95 20.80 -11.37 -3.78
C ALA C 95 20.05 -11.26 -2.47
N LEU C 96 20.32 -10.18 -1.75
CA LEU C 96 19.72 -9.89 -0.49
C LEU C 96 19.21 -8.46 -0.50
N PHE C 97 17.90 -8.31 -0.30
CA PHE C 97 17.21 -7.05 -0.46
C PHE C 97 17.00 -6.50 0.94
N LEU C 98 17.28 -5.22 1.10
CA LEU C 98 17.42 -4.60 2.43
C LEU C 98 16.72 -3.24 2.53
N SER C 99 16.70 -2.67 3.72
CA SER C 99 16.00 -1.43 4.01
C SER C 99 16.41 -0.18 3.21
N SER C 100 17.68 -0.10 2.81
CA SER C 100 18.15 1.02 2.08
C SER C 100 19.47 0.69 1.40
N GLY C 101 19.88 1.58 0.49
CA GLY C 101 21.21 1.51 -0.10
C GLY C 101 22.32 1.64 0.96
N GLN C 102 22.15 2.57 1.92
CA GLN C 102 23.11 2.72 3.03
C GLN C 102 23.25 1.36 3.76
N ALA C 103 22.12 0.64 3.97
CA ALA C 103 22.22 -0.64 4.64
C ALA C 103 22.90 -1.69 3.78
N ALA C 104 22.67 -1.65 2.45
CA ALA C 104 23.40 -2.56 1.57
C ALA C 104 24.90 -2.32 1.60
N GLU C 105 25.36 -1.06 1.60
CA GLU C 105 26.79 -0.79 1.72
C GLU C 105 27.32 -1.31 3.04
N THR C 106 26.56 -1.10 4.12
CA THR C 106 26.93 -1.47 5.46
C THR C 106 27.12 -2.99 5.56
N PHE C 107 26.10 -3.73 5.15
CA PHE C 107 26.11 -5.16 5.18
C PHE C 107 27.18 -5.70 4.23
N ALA C 108 27.42 -5.08 3.10
CA ALA C 108 28.45 -5.62 2.17
C ALA C 108 29.86 -5.63 2.80
N ILE C 109 30.18 -4.60 3.57
CA ILE C 109 31.44 -4.51 4.30
C ILE C 109 31.40 -5.37 5.58
N LEU C 110 30.38 -5.23 6.43
CA LEU C 110 30.35 -5.97 7.70
C LEU C 110 30.27 -7.49 7.49
N ASN C 111 29.86 -7.93 6.30
CA ASN C 111 29.85 -9.36 6.05
C ASN C 111 31.26 -9.93 5.99
N LEU C 112 32.22 -9.05 5.69
CA LEU C 112 33.64 -9.40 5.63
C LEU C 112 34.54 -8.83 6.75
N ALA C 113 34.24 -7.65 7.25
CA ALA C 113 35.16 -6.88 8.08
C ALA C 113 34.51 -6.59 9.40
N GLY C 114 35.26 -6.74 10.52
CA GLY C 114 34.88 -6.15 11.77
C GLY C 114 36.02 -5.38 12.41
N ALA C 115 35.97 -5.24 13.73
CA ALA C 115 36.97 -4.45 14.42
C ALA C 115 38.37 -4.97 14.09
N GLY C 116 39.26 -4.07 13.68
CA GLY C 116 40.65 -4.41 13.38
C GLY C 116 40.90 -4.81 11.93
N ASP C 117 39.87 -4.71 11.10
CA ASP C 117 39.99 -4.99 9.68
C ASP C 117 40.05 -3.68 8.87
N HIS C 118 40.36 -3.87 7.59
CA HIS C 118 40.73 -2.80 6.70
C HIS C 118 40.07 -3.00 5.35
N ILE C 119 39.71 -1.90 4.73
CA ILE C 119 39.20 -1.86 3.37
C ILE C 119 39.98 -0.84 2.55
N VAL C 120 40.24 -1.16 1.27
CA VAL C 120 40.77 -0.19 0.31
C VAL C 120 39.64 0.30 -0.59
N SER C 121 39.42 1.61 -0.67
CA SER C 121 38.38 2.22 -1.49
C SER C 121 38.91 3.25 -2.48
N SER C 122 38.23 3.38 -3.61
CA SER C 122 38.34 4.56 -4.40
C SER C 122 37.96 5.78 -3.58
N PRO C 123 38.63 6.94 -3.82
CA PRO C 123 38.22 8.20 -3.21
C PRO C 123 37.00 8.76 -3.96
N ARG C 124 36.65 8.21 -5.12
CA ARG C 124 35.47 8.73 -5.85
C ARG C 124 34.18 8.06 -5.37
N LEU C 125 33.54 8.69 -4.40
CA LEU C 125 32.48 8.05 -3.66
C LEU C 125 31.32 8.98 -3.49
N TYR C 126 30.13 8.41 -3.54
CA TYR C 126 28.89 9.02 -3.04
C TYR C 126 29.06 9.44 -1.59
N GLY C 127 28.66 10.68 -1.28
CA GLY C 127 28.83 11.25 0.04
C GLY C 127 28.24 10.37 1.14
N GLY C 128 27.11 9.70 0.89
CA GLY C 128 26.52 8.76 1.89
C GLY C 128 27.44 7.55 2.19
N THR C 129 28.13 7.06 1.18
CA THR C 129 29.12 5.97 1.40
C THR C 129 30.37 6.48 2.13
N TYR C 130 30.81 7.66 1.79
CA TYR C 130 32.01 8.18 2.40
C TYR C 130 31.78 8.38 3.87
N ASN C 131 30.61 8.95 4.22
CA ASN C 131 30.26 9.17 5.61
C ASN C 131 30.21 7.87 6.39
N LEU C 132 29.55 6.86 5.82
CA LEU C 132 29.54 5.52 6.43
C LEU C 132 30.99 5.01 6.65
N PHE C 133 31.81 5.07 5.62
CA PHE C 133 33.16 4.51 5.70
C PHE C 133 34.03 5.24 6.71
N HIS C 134 33.99 6.55 6.62
CA HIS C 134 34.89 7.39 7.37
C HIS C 134 34.44 7.65 8.81
N TYR C 135 33.16 7.68 9.08
CA TYR C 135 32.69 7.94 10.43
C TYR C 135 32.16 6.71 11.14
N SER C 136 31.02 6.16 10.71
CA SER C 136 30.41 5.08 11.49
C SER C 136 31.23 3.80 11.48
N LEU C 137 31.76 3.38 10.34
CA LEU C 137 32.54 2.14 10.37
C LEU C 137 33.84 2.30 11.16
N ALA C 138 34.42 3.50 11.15
CA ALA C 138 35.67 3.78 11.89
C ALA C 138 35.46 3.55 13.38
N LYS C 139 34.30 3.95 13.89
CA LYS C 139 33.94 3.69 15.27
C LYS C 139 33.76 2.20 15.59
N LEU C 140 33.48 1.40 14.58
CA LEU C 140 33.38 -0.06 14.77
C LEU C 140 34.74 -0.74 14.58
N GLY C 141 35.79 0.06 14.50
CA GLY C 141 37.16 -0.50 14.40
C GLY C 141 37.52 -0.90 12.98
N ILE C 142 36.78 -0.42 12.00
CA ILE C 142 37.06 -0.72 10.60
C ILE C 142 37.74 0.48 9.95
N GLU C 143 38.95 0.25 9.43
CA GLU C 143 39.73 1.33 8.79
C GLU C 143 39.60 1.25 7.26
N VAL C 144 39.02 2.29 6.68
CA VAL C 144 38.90 2.36 5.25
C VAL C 144 39.90 3.36 4.74
N SER C 145 40.87 2.90 3.95
CA SER C 145 41.85 3.79 3.29
C SER C 145 41.40 4.10 1.88
N PHE C 146 41.71 5.29 1.38
CA PHE C 146 41.36 5.72 0.05
C PHE C 146 42.60 5.82 -0.80
N VAL C 147 42.60 5.21 -1.98
CA VAL C 147 43.77 5.34 -2.86
C VAL C 147 43.80 6.80 -3.41
N ASP C 148 44.99 7.36 -3.65
CA ASP C 148 45.09 8.73 -4.22
C ASP C 148 44.43 8.86 -5.58
N ASP C 149 44.66 7.88 -6.45
CA ASP C 149 44.08 7.91 -7.78
C ASP C 149 43.58 6.51 -8.13
N PRO C 150 42.24 6.31 -8.25
CA PRO C 150 41.77 4.98 -8.50
C PRO C 150 42.08 4.45 -9.91
N ASP C 151 42.60 5.28 -10.81
CA ASP C 151 43.03 4.80 -12.12
C ASP C 151 44.46 4.27 -12.08
N ASN C 152 45.16 4.46 -10.96
CA ASN C 152 46.55 3.95 -10.86
C ASN C 152 46.52 2.60 -10.16
N LEU C 153 46.68 1.53 -10.92
CA LEU C 153 46.56 0.21 -10.35
C LEU C 153 47.62 -0.10 -9.31
N ASP C 154 48.79 0.53 -9.43
CA ASP C 154 49.85 0.32 -8.46
C ASP C 154 49.45 0.96 -7.11
N SER C 155 48.67 2.03 -7.13
CA SER C 155 48.21 2.60 -5.87
C SER C 155 47.34 1.62 -5.12
N TRP C 156 46.48 0.85 -5.81
CA TRP C 156 45.64 -0.14 -5.13
C TRP C 156 46.52 -1.19 -4.47
N GLN C 157 47.51 -1.68 -5.19
CA GLN C 157 48.44 -2.67 -4.64
C GLN C 157 49.15 -2.14 -3.39
N ALA C 158 49.59 -0.89 -3.47
CA ALA C 158 50.39 -0.27 -2.40
C ALA C 158 49.58 -0.07 -1.10
N ALA C 159 48.26 -0.01 -1.22
CA ALA C 159 47.39 0.14 -0.04
C ALA C 159 47.01 -1.20 0.61
N VAL C 160 47.35 -2.31 -0.01
CA VAL C 160 46.98 -3.61 0.56
C VAL C 160 47.72 -3.87 1.87
N ARG C 161 46.97 -4.31 2.89
CA ARG C 161 47.55 -4.64 4.20
C ARG C 161 47.17 -6.08 4.55
N PRO C 162 47.82 -6.67 5.55
CA PRO C 162 47.46 -8.03 5.94
C PRO C 162 46.02 -8.19 6.39
N ASN C 163 45.42 -7.14 6.92
CA ASN C 163 44.05 -7.17 7.42
C ASN C 163 43.01 -6.66 6.40
N THR C 164 43.44 -6.46 5.17
CA THR C 164 42.54 -5.95 4.13
C THR C 164 41.52 -7.07 3.81
N LYS C 165 40.23 -6.73 3.86
CA LYS C 165 39.15 -7.67 3.57
C LYS C 165 38.40 -7.43 2.26
N ALA C 166 38.53 -6.24 1.66
CA ALA C 166 37.84 -5.98 0.41
C ALA C 166 38.42 -4.76 -0.29
N PHE C 167 38.25 -4.74 -1.61
CA PHE C 167 38.39 -3.53 -2.41
C PHE C 167 36.98 -2.97 -2.65
N PHE C 168 36.84 -1.64 -2.77
CA PHE C 168 35.54 -1.02 -3.10
C PHE C 168 35.66 0.11 -4.10
N GLY C 169 34.73 0.16 -5.04
CA GLY C 169 34.61 1.29 -5.92
C GLY C 169 33.25 1.40 -6.55
N GLU C 170 33.02 2.51 -7.24
CA GLU C 170 31.74 2.72 -7.90
C GLU C 170 31.97 2.57 -9.40
N THR C 171 31.10 1.85 -10.12
CA THR C 171 31.39 1.63 -11.54
C THR C 171 31.39 2.96 -12.36
N ILE C 172 30.50 3.88 -12.03
CA ILE C 172 30.49 5.25 -12.55
C ILE C 172 30.30 6.14 -11.31
N SER C 173 31.20 7.08 -11.06
CA SER C 173 31.05 7.97 -9.91
C SER C 173 30.50 9.34 -10.35
N ASN C 174 30.06 10.13 -9.38
CA ASN C 174 29.39 11.39 -9.63
C ASN C 174 29.93 12.34 -8.57
N PRO C 175 30.35 13.56 -8.95
CA PRO C 175 30.16 14.30 -10.21
C PRO C 175 31.15 14.09 -11.33
N GLN C 176 32.21 13.27 -11.12
CA GLN C 176 33.25 13.14 -12.14
C GLN C 176 32.75 12.48 -13.40
N ILE C 177 31.83 11.53 -13.23
CA ILE C 177 31.39 10.64 -14.31
C ILE C 177 32.58 9.97 -14.98
N ASP C 178 33.47 9.45 -14.14
CA ASP C 178 34.50 8.47 -14.60
C ASP C 178 33.87 7.10 -14.73
N LEU C 179 34.66 6.14 -15.24
CA LEU C 179 34.35 4.72 -15.04
C LEU C 179 35.52 4.08 -14.27
N LEU C 180 35.20 3.32 -13.22
CA LEU C 180 36.17 2.48 -12.57
C LEU C 180 36.76 1.51 -13.58
N ASP C 181 38.06 1.27 -13.49
CA ASP C 181 38.73 0.21 -14.25
C ASP C 181 38.48 -1.11 -13.54
N THR C 182 37.26 -1.63 -13.70
CA THR C 182 36.84 -2.79 -12.97
C THR C 182 37.73 -4.04 -13.26
N PRO C 183 38.08 -4.36 -14.52
CA PRO C 183 38.96 -5.51 -14.74
C PRO C 183 40.33 -5.35 -14.06
N GLY C 184 40.92 -4.17 -14.15
CA GLY C 184 42.29 -3.93 -13.63
C GLY C 184 42.31 -3.88 -12.11
N VAL C 185 41.30 -3.24 -11.53
CA VAL C 185 41.16 -3.24 -10.09
C VAL C 185 40.86 -4.64 -9.54
N ALA C 186 39.94 -5.36 -10.20
CA ALA C 186 39.66 -6.75 -9.85
C ALA C 186 40.92 -7.64 -9.89
N GLU C 187 41.75 -7.44 -10.89
CA GLU C 187 42.93 -8.26 -11.04
C GLU C 187 43.86 -8.04 -9.86
N VAL C 188 44.02 -6.78 -9.43
CA VAL C 188 44.86 -6.49 -8.25
C VAL C 188 44.28 -7.15 -6.99
N ALA C 189 42.99 -6.97 -6.77
CA ALA C 189 42.33 -7.55 -5.61
C ALA C 189 42.59 -9.05 -5.59
N HIS C 190 42.29 -9.69 -6.71
CA HIS C 190 42.33 -11.16 -6.75
C HIS C 190 43.74 -11.76 -6.58
N ARG C 191 44.74 -11.10 -7.10
CA ARG C 191 46.08 -11.68 -6.90
C ARG C 191 46.51 -11.59 -5.44
N ASN C 192 45.85 -10.74 -4.64
CA ASN C 192 46.10 -10.68 -3.22
C ASN C 192 45.11 -11.50 -2.37
N GLY C 193 44.22 -12.26 -3.02
CA GLY C 193 43.22 -13.03 -2.30
C GLY C 193 42.12 -12.16 -1.69
N ILE C 194 41.80 -11.07 -2.37
CA ILE C 194 40.83 -10.05 -1.90
C ILE C 194 39.67 -9.91 -2.92
N PRO C 195 38.41 -9.89 -2.43
CA PRO C 195 37.26 -9.66 -3.28
C PRO C 195 37.07 -8.17 -3.63
N LEU C 196 36.47 -7.91 -4.80
CA LEU C 196 36.07 -6.57 -5.22
C LEU C 196 34.56 -6.40 -5.13
N ILE C 197 34.17 -5.45 -4.26
CA ILE C 197 32.80 -4.95 -4.15
C ILE C 197 32.66 -3.69 -5.01
N VAL C 198 31.65 -3.63 -5.90
CA VAL C 198 31.36 -2.37 -6.59
C VAL C 198 29.92 -1.97 -6.39
N ASP C 199 29.71 -0.65 -6.38
CA ASP C 199 28.39 -0.08 -6.39
C ASP C 199 28.12 0.23 -7.83
N ASN C 200 27.05 -0.37 -8.36
CA ASN C 200 26.68 -0.27 -9.76
C ASN C 200 25.40 0.52 -9.94
N THR C 201 25.07 1.38 -8.95
CA THR C 201 23.80 2.09 -8.92
C THR C 201 23.54 2.97 -10.16
N ILE C 202 24.48 3.88 -10.41
CA ILE C 202 24.33 4.80 -11.51
C ILE C 202 24.31 4.08 -12.87
N ALA C 203 25.17 3.10 -13.09
CA ALA C 203 25.15 2.43 -14.42
C ALA C 203 23.89 1.55 -14.65
N THR C 204 23.49 0.84 -13.59
CA THR C 204 22.50 -0.22 -13.57
C THR C 204 23.00 -1.43 -14.34
N PRO C 205 22.42 -2.60 -14.05
CA PRO C 205 22.70 -3.80 -14.80
C PRO C 205 22.41 -3.68 -16.30
N TYR C 206 21.58 -2.76 -16.72
CA TYR C 206 21.33 -2.55 -18.19
C TYR C 206 22.58 -2.06 -18.93
N LEU C 207 23.41 -1.27 -18.27
CA LEU C 207 24.60 -0.74 -18.93
C LEU C 207 25.84 -1.57 -18.61
N ILE C 208 25.99 -2.00 -17.36
CA ILE C 208 27.17 -2.77 -16.96
C ILE C 208 26.80 -3.92 -16.08
N ARG C 209 27.33 -5.10 -16.38
N ARG C 209 27.32 -5.11 -16.37
CA ARG C 209 27.25 -6.28 -15.51
CA ARG C 209 27.22 -6.24 -15.45
C ARG C 209 28.64 -6.53 -14.93
C ARG C 209 28.62 -6.54 -14.92
N PRO C 210 28.97 -5.93 -13.77
CA PRO C 210 30.37 -5.95 -13.32
C PRO C 210 30.93 -7.36 -12.99
N PHE C 211 30.07 -8.33 -12.71
CA PHE C 211 30.59 -9.72 -12.54
C PHE C 211 31.32 -10.19 -13.82
N THR C 212 30.93 -9.67 -14.99
CA THR C 212 31.62 -10.05 -16.23
C THR C 212 32.99 -9.37 -16.39
N GLN C 213 33.29 -8.41 -15.53
CA GLN C 213 34.50 -7.60 -15.61
C GLN C 213 35.37 -7.81 -14.37
N GLY C 214 35.05 -8.81 -13.55
CA GLY C 214 35.88 -9.15 -12.38
C GLY C 214 35.38 -8.80 -11.01
N ALA C 215 34.34 -7.99 -10.88
CA ALA C 215 33.75 -7.75 -9.57
C ALA C 215 33.18 -9.06 -8.96
N ASP C 216 33.16 -9.15 -7.65
CA ASP C 216 32.63 -10.31 -6.93
C ASP C 216 31.31 -10.05 -6.21
N ILE C 217 31.09 -8.79 -5.83
N ILE C 217 31.10 -8.79 -5.79
CA ILE C 217 29.93 -8.38 -5.10
CA ILE C 217 29.92 -8.38 -5.05
C ILE C 217 29.46 -7.06 -5.73
C ILE C 217 29.46 -7.06 -5.68
N VAL C 218 28.15 -6.95 -5.95
CA VAL C 218 27.55 -5.72 -6.48
C VAL C 218 26.54 -5.17 -5.51
N VAL C 219 26.59 -3.86 -5.28
CA VAL C 219 25.59 -3.16 -4.47
C VAL C 219 24.83 -2.16 -5.31
N HIS C 220 23.54 -2.10 -5.09
CA HIS C 220 22.69 -1.03 -5.57
C HIS C 220 21.89 -0.38 -4.48
N SER C 221 21.77 0.97 -4.59
CA SER C 221 20.70 1.71 -3.94
C SER C 221 19.48 1.53 -4.85
N ALA C 222 18.65 0.53 -4.52
CA ALA C 222 17.42 0.24 -5.30
C ALA C 222 16.42 1.36 -5.20
N THR C 223 16.60 2.21 -4.21
CA THR C 223 15.91 3.47 -4.07
C THR C 223 15.89 4.26 -5.37
N LYS C 224 17.00 4.18 -6.11
CA LYS C 224 17.21 5.01 -7.25
C LYS C 224 16.66 4.34 -8.53
N TYR C 225 17.52 4.00 -9.49
CA TYR C 225 17.05 3.56 -10.83
C TYR C 225 16.30 2.21 -10.84
N LEU C 226 16.64 1.28 -9.96
CA LEU C 226 15.96 -0.03 -9.97
C LEU C 226 14.47 0.12 -9.73
N GLY C 227 14.09 0.80 -8.64
CA GLY C 227 12.69 1.11 -8.41
C GLY C 227 12.18 2.19 -9.35
N GLY C 228 12.97 3.26 -9.49
CA GLY C 228 12.77 4.20 -10.57
C GLY C 228 11.76 5.34 -10.38
N HIS C 229 10.95 5.27 -9.33
CA HIS C 229 9.81 6.19 -9.20
C HIS C 229 9.84 6.95 -7.91
N GLY C 230 10.98 6.99 -7.23
CA GLY C 230 11.07 7.75 -6.01
C GLY C 230 10.06 7.34 -4.94
N ALA C 231 9.70 6.08 -4.93
CA ALA C 231 8.60 5.65 -4.08
C ALA C 231 8.95 4.50 -3.07
N ALA C 232 10.18 4.01 -3.10
CA ALA C 232 10.55 2.97 -2.17
C ALA C 232 12.04 2.97 -1.88
N ILE C 233 12.39 3.27 -0.64
CA ILE C 233 13.79 3.19 -0.23
C ILE C 233 14.12 1.72 -0.10
N ALA C 234 15.29 1.36 -0.61
CA ALA C 234 15.73 -0.04 -0.63
C ALA C 234 17.17 -0.17 -1.03
N GLY C 235 17.80 -1.23 -0.56
CA GLY C 235 19.14 -1.57 -1.04
C GLY C 235 19.18 -3.01 -1.41
N VAL C 236 20.18 -3.40 -2.15
CA VAL C 236 20.32 -4.79 -2.53
C VAL C 236 21.82 -5.11 -2.70
N ILE C 237 22.21 -6.29 -2.24
CA ILE C 237 23.53 -6.84 -2.41
C ILE C 237 23.40 -8.07 -3.29
N VAL C 238 24.22 -8.12 -4.34
CA VAL C 238 24.22 -9.24 -5.26
C VAL C 238 25.57 -9.97 -5.18
N ASP C 239 25.50 -11.31 -5.01
CA ASP C 239 26.67 -12.21 -4.88
C ASP C 239 26.92 -12.83 -6.27
N GLY C 240 28.11 -12.56 -6.79
CA GLY C 240 28.57 -13.04 -8.10
C GLY C 240 28.84 -14.54 -8.09
N GLY C 241 29.13 -15.10 -6.91
CA GLY C 241 29.46 -16.53 -6.81
C GLY C 241 30.81 -16.85 -7.47
N THR C 242 31.69 -15.86 -7.57
CA THR C 242 32.89 -15.87 -8.44
C THR C 242 34.19 -15.93 -7.62
N PHE C 243 34.11 -15.84 -6.29
CA PHE C 243 35.27 -15.70 -5.46
C PHE C 243 35.50 -16.89 -4.52
N ASP C 244 36.75 -17.38 -4.46
CA ASP C 244 37.09 -18.47 -3.56
C ASP C 244 37.39 -17.90 -2.17
N TRP C 245 36.51 -18.21 -1.21
CA TRP C 245 36.58 -17.69 0.16
C TRP C 245 37.55 -18.46 1.10
N THR C 246 38.30 -19.42 0.56
CA THR C 246 39.08 -20.33 1.38
C THR C 246 40.57 -20.06 1.31
N GLN C 247 40.97 -18.95 0.69
CA GLN C 247 42.36 -18.70 0.39
C GLN C 247 43.17 -18.20 1.57
N GLY C 248 42.53 -17.76 2.66
CA GLY C 248 43.28 -17.39 3.84
C GLY C 248 42.77 -16.18 4.59
N ARG C 249 42.27 -15.15 3.89
CA ARG C 249 41.89 -13.93 4.60
C ARG C 249 40.51 -14.02 5.25
N PHE C 250 39.77 -15.11 4.98
CA PHE C 250 38.36 -15.20 5.45
C PHE C 250 38.02 -16.40 6.35
N PRO C 251 38.58 -16.41 7.56
CA PRO C 251 38.31 -17.52 8.42
C PRO C 251 36.86 -17.65 8.85
N GLU C 252 36.10 -16.55 8.82
CA GLU C 252 34.66 -16.62 9.10
C GLU C 252 33.88 -17.47 8.12
N PHE C 253 34.49 -17.75 6.98
CA PHE C 253 33.88 -18.56 5.94
C PHE C 253 34.33 -20.02 5.97
N THR C 254 35.41 -20.31 6.69
CA THR C 254 35.97 -21.68 6.78
C THR C 254 35.96 -22.26 8.18
N THR C 255 35.34 -21.59 9.15
CA THR C 255 35.25 -22.05 10.52
C THR C 255 33.79 -22.28 10.84
N PRO C 256 33.47 -23.43 11.47
CA PRO C 256 32.07 -23.69 11.82
C PRO C 256 31.45 -22.56 12.64
N ASP C 257 30.27 -22.12 12.30
CA ASP C 257 29.62 -21.01 12.98
C ASP C 257 28.68 -21.53 14.05
N PRO C 258 29.05 -21.34 15.32
CA PRO C 258 28.14 -21.81 16.35
C PRO C 258 26.83 -21.02 16.43
N SER C 259 26.74 -19.83 15.82
CA SER C 259 25.46 -19.08 15.80
C SER C 259 24.47 -19.74 14.85
N TYR C 260 24.97 -20.56 13.93
CA TYR C 260 24.13 -21.18 12.93
C TYR C 260 24.50 -22.65 12.64
N HIS C 261 24.25 -23.49 13.64
CA HIS C 261 24.35 -24.96 13.51
C HIS C 261 25.73 -25.51 13.15
N GLY C 262 26.79 -24.76 13.38
CA GLY C 262 28.13 -25.21 12.97
C GLY C 262 28.36 -25.18 11.47
N VAL C 263 27.54 -24.43 10.73
CA VAL C 263 27.74 -24.34 9.30
C VAL C 263 29.12 -23.74 8.95
N VAL C 264 29.74 -24.28 7.91
CA VAL C 264 30.92 -23.69 7.28
C VAL C 264 30.49 -23.01 5.98
N PHE C 265 30.47 -21.67 5.96
CA PHE C 265 29.82 -20.98 4.86
C PHE C 265 30.40 -21.30 3.51
N ALA C 266 31.72 -21.45 3.44
CA ALA C 266 32.36 -21.79 2.17
C ALA C 266 31.85 -23.10 1.59
N GLU C 267 31.46 -24.03 2.47
CA GLU C 267 30.94 -25.35 2.04
C GLU C 267 29.56 -25.23 1.36
N LEU C 268 28.90 -24.08 1.44
CA LEU C 268 27.67 -23.88 0.74
C LEU C 268 27.90 -23.51 -0.72
N GLY C 269 29.16 -23.40 -1.16
CA GLY C 269 29.41 -23.17 -2.58
C GLY C 269 29.18 -21.72 -3.00
N ALA C 270 28.70 -21.55 -4.24
CA ALA C 270 28.64 -20.27 -4.91
C ALA C 270 28.00 -19.11 -4.10
N PRO C 271 26.87 -19.34 -3.41
CA PRO C 271 26.17 -18.24 -2.74
C PRO C 271 26.56 -18.07 -1.27
N ALA C 272 27.70 -18.61 -0.87
CA ALA C 272 28.15 -18.52 0.55
C ALA C 272 28.05 -17.11 1.11
N TYR C 273 28.52 -16.14 0.35
CA TYR C 273 28.51 -14.75 0.86
C TYR C 273 27.11 -14.21 1.11
N ALA C 274 26.21 -14.36 0.15
CA ALA C 274 24.81 -13.93 0.34
C ALA C 274 24.09 -14.64 1.49
N LEU C 275 24.29 -15.95 1.61
CA LEU C 275 23.69 -16.69 2.68
C LEU C 275 24.21 -16.28 4.04
N LYS C 276 25.52 -16.08 4.16
CA LYS C 276 26.12 -15.62 5.39
C LYS C 276 25.57 -14.23 5.80
N ALA C 277 25.39 -13.34 4.83
CA ALA C 277 24.84 -12.00 5.11
C ALA C 277 23.40 -12.06 5.60
N ARG C 278 22.63 -13.01 5.08
CA ARG C 278 21.27 -13.18 5.52
C ARG C 278 21.19 -13.74 6.93
N VAL C 279 21.91 -14.82 7.20
CA VAL C 279 21.72 -15.53 8.47
C VAL C 279 22.45 -14.89 9.62
N GLN C 280 23.48 -14.08 9.33
CA GLN C 280 24.15 -13.35 10.40
C GLN C 280 23.71 -11.88 10.52
N LEU C 281 23.90 -11.09 9.47
CA LEU C 281 23.68 -9.69 9.56
C LEU C 281 22.20 -9.33 9.54
N LEU C 282 21.44 -9.86 8.61
CA LEU C 282 20.01 -9.51 8.59
C LEU C 282 19.39 -10.00 9.91
N ARG C 283 19.74 -11.19 10.34
CA ARG C 283 19.22 -11.79 11.57
C ARG C 283 19.49 -10.86 12.76
N ASP C 284 20.75 -10.45 12.93
CA ASP C 284 21.16 -9.68 14.12
C ASP C 284 20.94 -8.17 14.04
N LEU C 285 21.34 -7.57 12.91
CA LEU C 285 21.32 -6.11 12.74
C LEU C 285 19.99 -5.56 12.18
N GLY C 286 19.20 -6.41 11.55
CA GLY C 286 17.79 -6.08 11.36
C GLY C 286 17.45 -5.05 10.29
N SER C 287 18.33 -4.83 9.29
CA SER C 287 18.03 -3.88 8.21
C SER C 287 17.09 -4.46 7.15
N ALA C 288 15.92 -4.90 7.60
CA ALA C 288 14.95 -5.59 6.76
C ALA C 288 14.19 -4.61 5.87
N ALA C 289 13.81 -5.08 4.68
CA ALA C 289 12.93 -4.32 3.79
C ALA C 289 11.47 -4.66 4.11
N SER C 290 10.61 -3.67 4.07
CA SER C 290 9.15 -3.93 4.02
C SER C 290 8.80 -4.66 2.73
N PRO C 291 7.96 -5.71 2.81
CA PRO C 291 7.46 -6.40 1.61
C PRO C 291 6.80 -5.45 0.60
N PHE C 292 6.15 -4.43 1.14
CA PHE C 292 5.54 -3.40 0.33
C PHE C 292 6.58 -2.71 -0.56
N ASN C 293 7.72 -2.31 0.02
CA ASN C 293 8.83 -1.76 -0.73
C ASN C 293 9.36 -2.71 -1.81
N ALA C 294 9.47 -4.00 -1.51
CA ALA C 294 9.93 -4.97 -2.48
C ALA C 294 8.98 -5.05 -3.69
N PHE C 295 7.67 -5.04 -3.38
CA PHE C 295 6.63 -5.01 -4.37
C PHE C 295 6.84 -3.80 -5.28
N LEU C 296 7.01 -2.64 -4.68
CA LEU C 296 7.19 -1.41 -5.45
C LEU C 296 8.45 -1.43 -6.34
N VAL C 297 9.56 -1.92 -5.83
CA VAL C 297 10.77 -2.02 -6.64
C VAL C 297 10.56 -3.01 -7.77
N ALA C 298 9.95 -4.16 -7.46
CA ALA C 298 9.66 -5.19 -8.48
C ALA C 298 8.87 -4.53 -9.61
N GLN C 299 7.88 -3.72 -9.24
CA GLN C 299 7.11 -3.06 -10.25
C GLN C 299 7.96 -2.11 -11.11
N GLY C 300 8.83 -1.33 -10.50
CA GLY C 300 9.69 -0.48 -11.27
C GLY C 300 10.64 -1.26 -12.17
N LEU C 301 11.07 -2.43 -11.72
CA LEU C 301 12.04 -3.22 -12.49
C LEU C 301 11.45 -3.62 -13.84
N GLU C 302 10.11 -3.75 -13.90
CA GLU C 302 9.41 -4.17 -15.10
C GLU C 302 9.65 -3.31 -16.32
N THR C 303 10.02 -2.04 -16.10
CA THR C 303 10.36 -1.13 -17.17
C THR C 303 11.84 -0.70 -17.15
N LEU C 304 12.68 -1.36 -16.37
CA LEU C 304 14.07 -0.84 -16.21
C LEU C 304 14.81 -0.45 -17.48
N SER C 305 14.97 -1.43 -18.38
CA SER C 305 15.66 -1.19 -19.66
C SER C 305 15.07 -0.01 -20.43
N LEU C 306 13.74 0.10 -20.48
CA LEU C 306 13.09 1.16 -21.24
C LEU C 306 13.40 2.53 -20.61
N ARG C 307 13.35 2.60 -19.30
CA ARG C 307 13.65 3.86 -18.62
C ARG C 307 15.12 4.19 -18.84
N ILE C 308 16.00 3.22 -18.65
CA ILE C 308 17.42 3.54 -18.75
C ILE C 308 17.73 3.99 -20.19
N GLU C 309 17.16 3.33 -21.19
N GLU C 309 17.15 3.32 -21.18
CA GLU C 309 17.39 3.78 -22.58
CA GLU C 309 17.35 3.74 -22.58
C GLU C 309 17.08 5.27 -22.78
C GLU C 309 17.07 5.24 -22.78
N ARG C 310 15.95 5.72 -22.25
CA ARG C 310 15.52 7.11 -22.42
C ARG C 310 16.30 8.05 -21.51
N HIS C 311 16.59 7.65 -20.26
CA HIS C 311 17.50 8.43 -19.39
C HIS C 311 18.79 8.72 -20.10
N VAL C 312 19.39 7.67 -20.63
CA VAL C 312 20.68 7.76 -21.27
C VAL C 312 20.64 8.59 -22.59
N SER C 313 19.66 8.41 -23.48
CA SER C 313 19.69 9.20 -24.69
C SER C 313 19.38 10.67 -24.32
N ASN C 314 18.53 10.93 -23.30
CA ASN C 314 18.34 12.31 -22.81
C ASN C 314 19.64 12.90 -22.25
N ALA C 315 20.34 12.12 -21.43
CA ALA C 315 21.54 12.61 -20.78
C ALA C 315 22.64 12.90 -21.82
N GLN C 316 22.81 12.03 -22.80
CA GLN C 316 23.77 12.27 -23.87
C GLN C 316 23.46 13.59 -24.63
N ARG C 317 22.18 13.82 -24.94
CA ARG C 317 21.78 15.10 -25.57
C ARG C 317 22.03 16.34 -24.67
N VAL C 318 21.73 16.25 -23.38
CA VAL C 318 21.98 17.35 -22.47
C VAL C 318 23.50 17.62 -22.44
N ALA C 319 24.30 16.56 -22.36
CA ALA C 319 25.75 16.72 -22.32
C ALA C 319 26.29 17.42 -23.56
N GLU C 320 25.84 16.99 -24.74
CA GLU C 320 26.31 17.57 -25.99
C GLU C 320 25.86 19.06 -26.09
N PHE C 321 24.62 19.32 -25.66
CA PHE C 321 24.06 20.67 -25.65
C PHE C 321 24.90 21.57 -24.79
N LEU C 322 25.24 21.10 -23.60
CA LEU C 322 26.06 21.89 -22.69
C LEU C 322 27.47 22.11 -23.22
N ALA C 323 28.07 21.07 -23.79
CA ALA C 323 29.44 21.11 -24.27
C ALA C 323 29.56 22.08 -25.40
N ASP C 324 28.48 22.36 -26.09
CA ASP C 324 28.54 23.23 -27.22
C ASP C 324 28.35 24.72 -26.85
N ARG C 325 28.19 25.05 -25.56
CA ARG C 325 27.88 26.43 -25.14
C ARG C 325 29.09 27.20 -24.70
N GLU C 326 29.14 28.47 -25.11
CA GLU C 326 30.26 29.36 -24.74
C GLU C 326 30.24 29.70 -23.25
N ASP C 327 29.05 29.66 -22.62
CA ASP C 327 28.94 30.05 -21.19
C ASP C 327 29.11 28.83 -20.24
N VAL C 328 29.52 27.69 -20.80
CA VAL C 328 29.87 26.49 -20.02
C VAL C 328 31.36 26.23 -20.20
N VAL C 329 32.09 26.14 -19.11
CA VAL C 329 33.54 25.94 -19.16
C VAL C 329 33.91 24.48 -19.37
N THR C 330 33.18 23.57 -18.69
CA THR C 330 33.42 22.17 -18.90
C THR C 330 32.21 21.34 -18.50
N VAL C 331 32.13 20.18 -19.14
CA VAL C 331 31.12 19.17 -18.90
C VAL C 331 31.79 17.85 -18.56
N ASN C 332 31.34 17.23 -17.46
CA ASN C 332 31.76 15.89 -17.06
C ASN C 332 30.64 14.92 -17.43
N TYR C 333 30.94 14.05 -18.38
CA TYR C 333 30.06 12.99 -18.80
C TYR C 333 30.88 12.06 -19.72
N ALA C 334 31.00 10.79 -19.33
CA ALA C 334 31.83 9.85 -20.08
C ALA C 334 31.40 9.59 -21.47
N GLY C 335 30.14 9.84 -21.77
CA GLY C 335 29.62 9.64 -23.13
C GLY C 335 30.06 10.67 -24.13
N LEU C 336 30.65 11.76 -23.63
CA LEU C 336 31.26 12.76 -24.51
C LEU C 336 32.67 12.33 -24.97
N PRO C 337 32.96 12.52 -26.29
CA PRO C 337 34.26 12.19 -26.87
C PRO C 337 35.39 12.81 -26.10
N GLY C 338 35.22 14.03 -25.61
CA GLY C 338 36.26 14.64 -24.80
C GLY C 338 36.56 14.08 -23.41
N SER C 339 35.71 13.23 -22.87
CA SER C 339 35.96 12.72 -21.50
C SER C 339 37.19 11.78 -21.44
N PRO C 340 38.00 11.91 -20.39
CA PRO C 340 39.12 10.99 -20.21
C PRO C 340 38.64 9.54 -20.05
N TRP C 341 37.33 9.32 -19.76
CA TRP C 341 36.83 7.93 -19.59
C TRP C 341 36.00 7.47 -20.74
N HIS C 342 36.00 8.22 -21.84
CA HIS C 342 35.17 7.84 -22.97
C HIS C 342 35.62 6.52 -23.63
N GLU C 343 36.95 6.35 -23.86
CA GLU C 343 37.45 5.10 -24.40
C GLU C 343 37.14 3.94 -23.46
N ARG C 344 37.29 4.17 -22.16
CA ARG C 344 36.97 3.12 -21.24
C ARG C 344 35.46 2.79 -21.38
N ALA C 345 34.60 3.81 -21.47
CA ALA C 345 33.16 3.55 -21.69
C ALA C 345 32.85 2.69 -22.93
N LYS C 346 33.53 2.99 -24.03
CA LYS C 346 33.38 2.17 -25.22
C LYS C 346 33.66 0.69 -24.96
N LYS C 347 34.61 0.36 -24.08
CA LYS C 347 34.93 -1.01 -23.74
C LYS C 347 34.02 -1.62 -22.66
N LEU C 348 33.74 -0.89 -21.58
CA LEU C 348 33.05 -1.45 -20.42
C LEU C 348 31.58 -1.18 -20.35
N SER C 349 31.13 -0.16 -21.06
CA SER C 349 29.73 0.27 -21.04
C SER C 349 29.29 0.87 -22.36
N PRO C 350 29.30 0.06 -23.43
CA PRO C 350 29.06 0.60 -24.77
C PRO C 350 27.68 1.20 -25.01
N LYS C 351 26.64 0.84 -24.24
CA LYS C 351 25.32 1.42 -24.53
C LYS C 351 25.14 2.83 -23.95
N GLY C 352 26.13 3.33 -23.17
CA GLY C 352 26.04 4.68 -22.56
C GLY C 352 26.57 4.71 -21.14
N THR C 353 26.54 5.90 -20.56
CA THR C 353 27.28 6.18 -19.33
C THR C 353 26.43 6.81 -18.24
N GLY C 354 25.21 6.32 -18.13
CA GLY C 354 24.28 6.69 -17.06
C GLY C 354 23.58 8.02 -17.37
N ALA C 355 22.82 8.50 -16.40
CA ALA C 355 22.00 9.67 -16.61
C ALA C 355 22.40 10.85 -15.78
N VAL C 356 23.53 10.75 -15.10
CA VAL C 356 24.02 11.79 -14.24
C VAL C 356 25.20 12.51 -14.93
N LEU C 357 25.21 13.82 -14.78
CA LEU C 357 26.30 14.61 -15.31
C LEU C 357 26.55 15.82 -14.43
N SER C 358 27.65 16.51 -14.70
CA SER C 358 27.89 17.77 -14.03
C SER C 358 28.56 18.74 -14.99
N PHE C 359 28.50 20.03 -14.66
CA PHE C 359 29.14 21.02 -15.50
C PHE C 359 29.43 22.29 -14.69
N GLU C 360 30.33 23.08 -15.25
CA GLU C 360 30.84 24.26 -14.62
C GLU C 360 30.46 25.45 -15.46
N LEU C 361 29.88 26.46 -14.84
CA LEU C 361 29.52 27.68 -15.55
C LEU C 361 30.64 28.68 -15.48
N ALA C 362 30.78 29.45 -16.55
CA ALA C 362 31.68 30.60 -16.63
C ALA C 362 31.71 31.54 -15.40
N GLY C 363 30.56 31.87 -14.86
CA GLY C 363 30.54 32.87 -13.75
C GLY C 363 30.76 32.32 -12.36
N GLY C 364 31.20 31.08 -12.24
CA GLY C 364 31.58 30.55 -10.95
C GLY C 364 30.38 30.23 -10.07
N VAL C 365 30.59 30.38 -8.77
CA VAL C 365 29.67 29.91 -7.77
C VAL C 365 28.31 30.62 -7.79
N GLU C 366 28.31 31.94 -7.96
CA GLU C 366 27.05 32.67 -8.00
C GLU C 366 26.27 32.33 -9.25
N ALA C 367 26.96 32.13 -10.34
CA ALA C 367 26.31 31.67 -11.54
C ALA C 367 25.63 30.31 -11.33
N GLY C 368 26.33 29.35 -10.73
CA GLY C 368 25.77 28.02 -10.45
C GLY C 368 24.52 28.07 -9.58
N LYS C 369 24.59 28.85 -8.51
CA LYS C 369 23.40 29.01 -7.66
C LYS C 369 22.26 29.68 -8.41
N ALA C 370 22.55 30.73 -9.18
CA ALA C 370 21.49 31.41 -9.89
C ALA C 370 20.82 30.44 -10.90
N PHE C 371 21.68 29.69 -11.61
CA PHE C 371 21.25 28.69 -12.59
C PHE C 371 20.28 27.67 -11.94
N VAL C 372 20.72 27.01 -10.85
CA VAL C 372 19.88 25.98 -10.23
C VAL C 372 18.59 26.55 -9.66
N ASN C 373 18.66 27.71 -9.02
CA ASN C 373 17.50 28.33 -8.41
C ASN C 373 16.46 28.80 -9.40
N ALA C 374 16.81 28.93 -10.68
CA ALA C 374 15.84 29.41 -11.66
C ALA C 374 15.11 28.28 -12.35
N LEU C 375 15.57 27.02 -12.17
CA LEU C 375 14.98 25.91 -12.89
C LEU C 375 13.56 25.62 -12.36
N LYS C 376 12.60 25.37 -13.26
CA LYS C 376 11.22 25.14 -12.85
C LYS C 376 10.81 23.67 -13.01
N LEU C 377 11.26 23.03 -14.08
CA LEU C 377 10.91 21.63 -14.27
C LEU C 377 11.79 20.68 -13.46
N HIS C 378 13.09 20.93 -13.43
CA HIS C 378 13.97 20.11 -12.61
C HIS C 378 13.52 20.23 -11.17
N SER C 379 13.41 19.09 -10.50
CA SER C 379 13.15 19.04 -9.08
C SER C 379 14.39 19.38 -8.24
N HIS C 380 14.15 19.99 -7.10
CA HIS C 380 15.17 20.26 -6.12
C HIS C 380 15.05 19.32 -4.93
N VAL C 381 14.05 18.43 -4.92
CA VAL C 381 13.85 17.54 -3.80
C VAL C 381 13.87 16.05 -4.18
N ALA C 382 13.73 15.68 -5.44
CA ALA C 382 13.69 14.24 -5.81
C ALA C 382 15.09 13.62 -5.70
N ASN C 383 15.11 12.30 -5.58
N ASN C 383 15.20 12.32 -5.50
CA ASN C 383 16.32 11.48 -5.51
CA ASN C 383 16.52 11.72 -5.48
C ASN C 383 16.85 11.09 -6.89
C ASN C 383 16.87 11.15 -6.84
N ILE C 384 18.16 10.95 -7.03
CA ILE C 384 18.72 10.40 -8.22
C ILE C 384 17.99 9.10 -8.58
N GLY C 385 17.73 8.89 -9.85
CA GLY C 385 17.11 7.60 -10.26
C GLY C 385 15.60 7.61 -10.31
N ASP C 386 15.00 8.73 -9.94
CA ASP C 386 13.60 8.99 -10.23
C ASP C 386 13.43 9.16 -11.74
N VAL C 387 12.23 8.96 -12.25
CA VAL C 387 11.93 9.31 -13.64
C VAL C 387 12.08 10.83 -13.90
N ARG C 388 11.92 11.62 -12.85
CA ARG C 388 12.02 13.07 -12.86
C ARG C 388 13.44 13.56 -13.01
N SER C 389 13.61 14.57 -13.84
CA SER C 389 14.86 15.37 -13.88
C SER C 389 15.06 16.12 -12.55
N LEU C 390 16.31 16.20 -12.11
CA LEU C 390 16.57 16.88 -10.89
C LEU C 390 17.99 17.46 -10.79
N VAL C 391 18.06 18.48 -9.95
CA VAL C 391 19.29 19.05 -9.45
C VAL C 391 19.75 18.25 -8.25
N ILE C 392 20.95 17.71 -8.33
CA ILE C 392 21.50 16.98 -7.19
C ILE C 392 22.13 17.96 -6.21
N HIS C 393 21.84 17.87 -4.91
CA HIS C 393 22.40 18.82 -3.91
C HIS C 393 23.84 18.47 -3.48
N SER C 413 34.77 22.01 -8.78
CA SER C 413 35.04 23.41 -9.04
C SER C 413 34.00 24.30 -8.36
N PRO C 414 34.28 25.62 -8.30
CA PRO C 414 33.32 26.57 -7.73
C PRO C 414 31.91 26.52 -8.38
N GLY C 415 31.85 26.75 -9.68
CA GLY C 415 30.56 26.85 -10.32
C GLY C 415 29.92 25.54 -10.78
N LEU C 416 30.01 24.45 -9.98
CA LEU C 416 29.60 23.11 -10.48
C LEU C 416 28.11 22.78 -10.33
N VAL C 417 27.43 22.55 -11.43
CA VAL C 417 26.01 22.20 -11.41
C VAL C 417 25.93 20.66 -11.66
N ARG C 418 25.17 19.95 -10.83
CA ARG C 418 25.01 18.50 -10.93
C ARG C 418 23.55 18.14 -11.25
N LEU C 419 23.35 17.39 -12.34
CA LEU C 419 21.99 17.00 -12.77
C LEU C 419 21.86 15.50 -12.84
N ALA C 420 20.67 15.00 -12.51
CA ALA C 420 20.29 13.66 -12.90
C ALA C 420 19.17 13.84 -13.89
N VAL C 421 19.42 13.40 -15.13
CA VAL C 421 18.57 13.72 -16.25
C VAL C 421 17.45 12.68 -16.24
N GLY C 422 16.21 13.15 -16.32
CA GLY C 422 15.01 12.30 -16.32
C GLY C 422 14.56 11.87 -17.71
N ILE C 423 13.38 11.27 -17.78
CA ILE C 423 12.79 10.79 -19.02
C ILE C 423 11.69 11.67 -19.62
N GLU C 424 11.59 12.89 -19.09
CA GLU C 424 10.77 13.90 -19.74
C GLU C 424 11.22 14.13 -21.17
N GLY C 425 10.36 14.82 -21.92
CA GLY C 425 10.67 15.20 -23.31
C GLY C 425 11.95 16.07 -23.31
N ILE C 426 12.90 15.69 -24.16
CA ILE C 426 14.18 16.36 -24.21
C ILE C 426 14.03 17.87 -24.47
N GLU C 427 13.08 18.25 -25.30
CA GLU C 427 12.92 19.67 -25.62
C GLU C 427 12.51 20.48 -24.40
N ASP C 428 11.72 19.86 -23.52
CA ASP C 428 11.29 20.50 -22.30
C ASP C 428 12.42 20.60 -21.32
N ILE C 429 13.26 19.59 -21.25
CA ILE C 429 14.43 19.61 -20.36
C ILE C 429 15.39 20.74 -20.81
N LEU C 430 15.62 20.84 -22.10
CA LEU C 430 16.52 21.89 -22.65
C LEU C 430 15.99 23.31 -22.42
N ALA C 431 14.67 23.49 -22.56
CA ALA C 431 14.02 24.78 -22.34
C ALA C 431 14.12 25.16 -20.88
N ASP C 432 14.07 24.16 -20.00
CA ASP C 432 14.24 24.47 -18.56
C ASP C 432 15.66 24.92 -18.30
N LEU C 433 16.66 24.22 -18.86
CA LEU C 433 18.06 24.66 -18.65
C LEU C 433 18.29 26.08 -19.16
N GLU C 434 17.58 26.48 -20.22
CA GLU C 434 17.69 27.88 -20.74
C GLU C 434 17.21 28.90 -19.70
N LEU C 435 16.24 28.56 -18.86
CA LEU C 435 15.89 29.42 -17.69
C LEU C 435 17.11 29.64 -16.82
N GLY C 436 17.86 28.57 -16.58
CA GLY C 436 19.08 28.64 -15.79
C GLY C 436 20.15 29.51 -16.42
N PHE C 437 20.38 29.35 -17.74
CA PHE C 437 21.36 30.18 -18.45
C PHE C 437 21.00 31.68 -18.47
N ALA C 438 19.71 31.99 -18.57
CA ALA C 438 19.27 33.39 -18.53
C ALA C 438 19.51 33.98 -17.12
N ALA C 439 19.32 33.15 -16.09
CA ALA C 439 19.58 33.58 -14.71
C ALA C 439 21.05 33.78 -14.46
N ALA C 440 21.89 32.96 -15.08
CA ALA C 440 23.36 32.99 -14.87
C ALA C 440 23.98 34.14 -15.63
N ARG C 441 23.22 34.75 -16.54
CA ARG C 441 23.75 35.80 -17.41
C ARG C 441 24.27 37.02 -16.67
N LYS C 442 23.64 37.36 -15.56
CA LYS C 442 24.11 38.50 -14.76
C LYS C 442 25.51 38.24 -14.11
N PHE C 443 25.99 37.00 -14.11
CA PHE C 443 27.36 36.63 -13.66
C PHE C 443 28.20 36.06 -14.84
N SER C 444 28.88 36.95 -15.54
CA SER C 444 29.66 36.64 -16.74
C SER C 444 30.80 35.64 -16.53
N HIS D 19 -2.15 16.34 30.21
CA HIS D 19 -3.63 16.46 30.34
C HIS D 19 -4.37 15.17 29.86
N TRP D 20 -4.06 14.74 28.65
CA TRP D 20 -4.78 13.63 28.00
C TRP D 20 -4.46 12.30 28.63
N SER D 21 -5.48 11.45 28.77
CA SER D 21 -5.30 10.02 29.06
C SER D 21 -4.53 9.26 27.95
N PHE D 22 -4.00 8.09 28.34
CA PHE D 22 -3.34 7.15 27.42
C PHE D 22 -4.20 6.92 26.14
N GLU D 23 -5.47 6.64 26.36
CA GLU D 23 -6.44 6.37 25.29
C GLU D 23 -6.53 7.50 24.27
N THR D 24 -6.58 8.73 24.72
CA THR D 24 -6.63 9.83 23.80
C THR D 24 -5.28 10.01 23.09
N LYS D 25 -4.19 9.75 23.83
CA LYS D 25 -2.86 9.90 23.23
C LYS D 25 -2.58 8.86 22.12
N GLN D 26 -3.01 7.63 22.30
CA GLN D 26 -2.72 6.60 21.33
C GLN D 26 -3.40 6.88 19.99
N ILE D 27 -4.35 7.81 19.97
CA ILE D 27 -5.06 8.19 18.73
C ILE D 27 -4.56 9.54 18.24
N HIS D 28 -4.34 10.50 19.14
CA HIS D 28 -4.07 11.88 18.79
C HIS D 28 -2.65 12.41 19.09
N ALA D 29 -1.83 11.72 19.85
CA ALA D 29 -0.55 12.34 20.20
C ALA D 29 0.31 12.48 18.97
N GLY D 30 0.89 13.66 18.80
CA GLY D 30 1.75 13.95 17.68
C GLY D 30 1.03 14.50 16.47
N GLN D 31 -0.31 14.38 16.40
CA GLN D 31 -1.09 14.59 15.14
C GLN D 31 -0.78 15.94 14.51
N ASN D 38 -9.73 18.93 13.05
CA ASN D 38 -9.46 18.30 11.76
C ASN D 38 -8.58 17.06 11.82
N ALA D 39 -8.63 16.38 12.95
CA ALA D 39 -8.07 15.03 13.08
C ALA D 39 -8.65 14.03 12.03
N ARG D 40 -7.75 13.28 11.40
CA ARG D 40 -8.11 12.20 10.50
C ARG D 40 -6.96 11.16 10.48
N ALA D 41 -7.13 10.10 9.69
CA ALA D 41 -6.10 9.07 9.55
C ALA D 41 -4.79 9.66 8.96
N LEU D 42 -3.69 8.98 9.21
CA LEU D 42 -2.36 9.48 8.85
C LEU D 42 -2.12 9.27 7.34
N PRO D 43 -1.76 10.34 6.57
CA PRO D 43 -1.46 10.02 5.16
C PRO D 43 -0.16 9.19 5.01
N ILE D 44 0.04 8.56 3.85
CA ILE D 44 1.27 7.78 3.64
C ILE D 44 2.24 8.51 2.71
N TYR D 45 3.29 9.08 3.30
CA TYR D 45 4.26 9.79 2.47
C TYR D 45 5.22 8.78 1.86
N GLN D 46 4.72 7.99 0.91
CA GLN D 46 5.52 6.92 0.32
C GLN D 46 6.43 7.48 -0.78
N THR D 47 7.59 7.90 -0.36
CA THR D 47 8.44 8.76 -1.18
C THR D 47 9.85 8.71 -0.59
N THR D 48 10.82 8.66 -1.50
CA THR D 48 12.23 8.86 -1.18
C THR D 48 12.73 10.28 -1.43
N SER D 49 11.88 11.22 -1.82
CA SER D 49 12.36 12.60 -1.96
C SER D 49 12.73 13.10 -0.57
N TYR D 50 13.34 14.28 -0.52
CA TYR D 50 13.66 14.94 0.76
C TYR D 50 12.39 15.45 1.46
N ARG D 73 15.78 13.96 3.92
CA ARG D 73 15.72 12.51 3.68
C ARG D 73 15.77 11.64 4.96
N LEU D 74 16.27 12.18 6.09
CA LEU D 74 16.40 11.37 7.32
C LEU D 74 15.24 11.61 8.33
N GLY D 75 14.05 11.93 7.78
CA GLY D 75 12.75 12.13 8.49
C GLY D 75 11.61 12.02 7.43
N ASN D 76 10.42 11.64 7.86
CA ASN D 76 9.31 11.41 6.93
C ASN D 76 8.07 11.83 7.69
N PRO D 77 7.14 12.55 7.06
CA PRO D 77 6.00 13.01 7.90
C PRO D 77 5.10 11.91 8.46
N THR D 78 5.00 10.75 7.80
CA THR D 78 4.23 9.65 8.36
C THR D 78 4.97 9.09 9.56
N THR D 79 6.25 8.79 9.38
CA THR D 79 7.05 8.20 10.42
C THR D 79 7.19 9.15 11.65
N ASP D 80 7.28 10.44 11.38
N ASP D 80 7.27 10.43 11.39
CA ASP D 80 7.40 11.47 12.43
CA ASP D 80 7.44 11.43 12.44
C ASP D 80 6.26 11.32 13.42
C ASP D 80 6.25 11.42 13.42
N VAL D 81 5.03 11.19 12.92
CA VAL D 81 3.85 11.08 13.78
C VAL D 81 3.90 9.84 14.66
N VAL D 82 4.28 8.72 14.09
CA VAL D 82 4.37 7.49 14.84
C VAL D 82 5.46 7.57 15.92
N GLU D 83 6.57 8.21 15.62
CA GLU D 83 7.58 8.49 16.64
C GLU D 83 7.02 9.35 17.79
N GLN D 84 6.46 10.50 17.46
CA GLN D 84 5.92 11.37 18.51
C GLN D 84 4.90 10.65 19.35
N ARG D 85 4.05 9.86 18.67
CA ARG D 85 3.02 9.15 19.33
C ARG D 85 3.63 8.18 20.36
N ILE D 86 4.56 7.34 19.91
CA ILE D 86 5.16 6.34 20.81
C ILE D 86 5.90 7.03 21.97
N ALA D 87 6.60 8.13 21.67
CA ALA D 87 7.30 8.93 22.68
C ALA D 87 6.27 9.44 23.72
N ALA D 88 5.10 9.91 23.25
CA ALA D 88 4.05 10.38 24.17
C ALA D 88 3.52 9.29 25.05
N LEU D 89 3.37 8.09 24.52
CA LEU D 89 2.85 6.97 25.33
C LEU D 89 3.80 6.50 26.46
N GLU D 90 5.11 6.54 26.18
CA GLU D 90 6.14 6.20 27.19
C GLU D 90 6.54 7.40 28.07
N GLY D 91 6.14 8.62 27.66
CA GLY D 91 6.50 9.85 28.36
C GLY D 91 7.92 10.36 28.08
N GLY D 92 8.47 10.00 26.92
CA GLY D 92 9.84 10.36 26.56
C GLY D 92 9.85 11.68 25.84
N VAL D 93 11.02 12.14 25.44
CA VAL D 93 11.15 13.39 24.75
C VAL D 93 11.19 13.24 23.22
N ALA D 94 11.51 12.05 22.70
CA ALA D 94 11.73 11.85 21.28
C ALA D 94 11.83 10.37 21.02
N ALA D 95 11.52 9.97 19.79
CA ALA D 95 11.69 8.59 19.38
C ALA D 95 12.15 8.48 17.94
N LEU D 96 12.75 7.32 17.65
CA LEU D 96 13.28 7.04 16.32
C LEU D 96 12.75 5.71 15.85
N PHE D 97 12.01 5.70 14.72
CA PHE D 97 11.35 4.53 14.21
C PHE D 97 12.22 3.88 13.13
N LEU D 98 12.41 2.57 13.21
CA LEU D 98 13.40 1.83 12.41
C LEU D 98 12.83 0.57 11.73
N SER D 99 13.63 -0.04 10.87
CA SER D 99 13.23 -1.20 10.05
C SER D 99 12.72 -2.43 10.85
N SER D 100 13.21 -2.57 12.08
CA SER D 100 12.91 -3.73 12.96
C SER D 100 13.32 -3.51 14.40
N GLY D 101 12.79 -4.34 15.30
CA GLY D 101 13.28 -4.39 16.66
C GLY D 101 14.76 -4.73 16.73
N GLN D 102 15.21 -5.64 15.89
CA GLN D 102 16.64 -5.95 15.88
C GLN D 102 17.50 -4.74 15.57
N ALA D 103 17.07 -3.94 14.59
CA ALA D 103 17.78 -2.68 14.31
C ALA D 103 17.67 -1.67 15.43
N ALA D 104 16.51 -1.63 16.12
CA ALA D 104 16.42 -0.77 17.32
C ALA D 104 17.38 -1.20 18.44
N GLU D 105 17.53 -2.50 18.70
CA GLU D 105 18.48 -2.94 19.73
C GLU D 105 19.88 -2.52 19.27
N THR D 106 20.13 -2.75 17.99
CA THR D 106 21.45 -2.49 17.40
C THR D 106 21.78 -1.03 17.52
N PHE D 107 20.89 -0.16 17.09
CA PHE D 107 21.13 1.27 17.18
C PHE D 107 21.24 1.74 18.63
N ALA D 108 20.48 1.14 19.54
CA ALA D 108 20.44 1.64 20.90
C ALA D 108 21.85 1.47 21.53
N ILE D 109 22.49 0.35 21.22
CA ILE D 109 23.89 0.07 21.66
C ILE D 109 24.93 0.90 20.89
N LEU D 110 24.85 0.88 19.56
CA LEU D 110 25.87 1.53 18.76
C LEU D 110 25.85 3.04 18.85
N ASN D 111 24.78 3.63 19.34
CA ASN D 111 24.77 5.06 19.57
C ASN D 111 25.68 5.46 20.72
N LEU D 112 25.96 4.50 21.61
CA LEU D 112 26.79 4.70 22.81
C LEU D 112 28.13 3.99 22.78
N ALA D 113 28.23 2.86 22.09
CA ALA D 113 29.38 1.97 22.18
C ALA D 113 29.97 1.64 20.82
N GLY D 114 31.31 1.60 20.75
CA GLY D 114 31.98 1.11 19.53
C GLY D 114 33.09 0.16 19.89
N ALA D 115 34.00 -0.09 18.96
CA ALA D 115 35.02 -1.10 19.17
C ALA D 115 35.82 -0.71 20.40
N GLY D 116 36.13 -1.67 21.25
CA GLY D 116 36.86 -1.42 22.52
C GLY D 116 35.95 -1.11 23.69
N ASP D 117 34.63 -0.94 23.47
CA ASP D 117 33.71 -0.71 24.58
C ASP D 117 33.02 -1.96 25.10
N HIS D 118 32.23 -1.78 26.17
CA HIS D 118 31.67 -2.83 26.99
C HIS D 118 30.21 -2.48 27.35
N ILE D 119 29.41 -3.51 27.51
CA ILE D 119 28.00 -3.42 27.91
C ILE D 119 27.75 -4.46 29.00
N VAL D 120 26.97 -4.10 30.00
CA VAL D 120 26.51 -5.06 30.97
C VAL D 120 25.04 -5.37 30.74
N SER D 121 24.74 -6.67 30.57
CA SER D 121 23.41 -7.12 30.25
C SER D 121 22.93 -8.21 31.17
N SER D 122 21.63 -8.19 31.42
CA SER D 122 20.90 -9.29 31.99
C SER D 122 21.04 -10.53 31.11
N PRO D 123 21.09 -11.73 31.73
CA PRO D 123 21.12 -12.95 30.95
C PRO D 123 19.71 -13.34 30.48
N ARG D 124 18.67 -12.70 30.97
CA ARG D 124 17.32 -13.11 30.57
C ARG D 124 16.97 -12.27 29.33
N LEU D 125 17.30 -12.83 28.17
CA LEU D 125 17.20 -12.09 26.91
C LEU D 125 16.45 -12.84 25.87
N TYR D 126 15.64 -12.12 25.11
CA TYR D 126 15.18 -12.62 23.81
C TYR D 126 16.34 -13.15 22.99
N GLY D 127 16.13 -14.31 22.38
CA GLY D 127 17.15 -14.96 21.56
C GLY D 127 17.78 -14.09 20.47
N GLY D 128 16.99 -13.29 19.76
CA GLY D 128 17.57 -12.37 18.78
C GLY D 128 18.53 -11.34 19.39
N THR D 129 18.22 -10.89 20.60
CA THR D 129 19.06 -9.89 21.28
C THR D 129 20.33 -10.56 21.77
N TYR D 130 20.20 -11.75 22.33
CA TYR D 130 21.36 -12.55 22.69
C TYR D 130 22.32 -12.76 21.51
N ASN D 131 21.79 -13.09 20.35
CA ASN D 131 22.63 -13.36 19.18
C ASN D 131 23.35 -12.12 18.72
N LEU D 132 22.63 -11.01 18.72
CA LEU D 132 23.22 -9.72 18.40
C LEU D 132 24.35 -9.42 19.39
N PHE D 133 24.08 -9.61 20.66
CA PHE D 133 25.03 -9.22 21.69
C PHE D 133 26.27 -10.10 21.65
N HIS D 134 26.02 -11.40 21.62
CA HIS D 134 27.08 -12.36 21.69
C HIS D 134 27.90 -12.51 20.38
N TYR D 135 27.29 -12.38 19.21
CA TYR D 135 28.00 -12.65 17.96
C TYR D 135 28.34 -11.39 17.19
N SER D 136 27.32 -10.71 16.65
CA SER D 136 27.57 -9.62 15.79
C SER D 136 28.30 -8.49 16.50
N LEU D 137 27.91 -8.14 17.71
CA LEU D 137 28.55 -7.03 18.38
C LEU D 137 29.99 -7.37 18.75
N ALA D 138 30.26 -8.63 19.10
CA ALA D 138 31.61 -9.06 19.37
C ALA D 138 32.46 -8.83 18.14
N LYS D 139 31.87 -8.98 16.95
CA LYS D 139 32.67 -8.82 15.73
C LYS D 139 33.08 -7.38 15.57
N LEU D 140 32.28 -6.50 16.15
CA LEU D 140 32.50 -5.08 16.05
C LEU D 140 33.34 -4.57 17.20
N GLY D 141 33.90 -5.49 17.98
CA GLY D 141 34.83 -5.17 19.06
C GLY D 141 34.16 -4.70 20.33
N ILE D 142 32.86 -4.98 20.46
CA ILE D 142 32.08 -4.66 21.65
C ILE D 142 31.84 -5.90 22.51
N GLU D 143 32.29 -5.84 23.76
CA GLU D 143 32.17 -6.95 24.66
C GLU D 143 30.90 -6.79 25.48
N VAL D 144 29.98 -7.74 25.34
CA VAL D 144 28.77 -7.74 26.16
C VAL D 144 28.95 -8.79 27.23
N SER D 145 28.93 -8.36 28.50
CA SER D 145 29.00 -9.28 29.64
C SER D 145 27.60 -9.47 30.27
N PHE D 146 27.26 -10.69 30.67
CA PHE D 146 25.96 -11.01 31.30
C PHE D 146 26.10 -11.28 32.79
N VAL D 147 25.38 -10.55 33.64
CA VAL D 147 25.35 -10.85 35.07
C VAL D 147 24.79 -12.24 35.31
N ASP D 148 25.18 -12.89 36.42
CA ASP D 148 24.71 -14.25 36.73
C ASP D 148 23.24 -14.27 37.11
N ASP D 149 22.88 -13.38 38.02
CA ASP D 149 21.48 -13.18 38.42
C ASP D 149 21.15 -11.71 38.24
N PRO D 150 20.19 -11.37 37.37
CA PRO D 150 19.85 -9.93 37.25
C PRO D 150 19.08 -9.34 38.46
N ASP D 151 18.58 -10.19 39.35
CA ASP D 151 17.93 -9.75 40.57
C ASP D 151 18.96 -9.38 41.65
N ASN D 152 20.20 -9.76 41.41
CA ASN D 152 21.28 -9.47 42.35
C ASN D 152 21.95 -8.18 41.96
N LEU D 153 21.53 -7.11 42.62
CA LEU D 153 21.99 -5.78 42.33
C LEU D 153 23.49 -5.68 42.49
N ASP D 154 24.05 -6.42 43.44
CA ASP D 154 25.50 -6.40 43.63
C ASP D 154 26.23 -7.05 42.45
N SER D 155 25.59 -7.98 41.73
CA SER D 155 26.23 -8.53 40.54
C SER D 155 26.38 -7.47 39.46
N TRP D 156 25.39 -6.58 39.33
CA TRP D 156 25.44 -5.53 38.32
C TRP D 156 26.66 -4.64 38.58
N GLN D 157 26.79 -4.22 39.83
CA GLN D 157 27.87 -3.36 40.30
C GLN D 157 29.22 -3.97 39.99
N ALA D 158 29.38 -5.26 40.33
CA ALA D 158 30.64 -5.98 40.12
C ALA D 158 31.02 -6.11 38.66
N ALA D 159 30.04 -6.13 37.75
CA ALA D 159 30.32 -6.22 36.29
C ALA D 159 30.72 -4.89 35.65
N VAL D 160 30.61 -3.77 36.36
CA VAL D 160 31.01 -2.47 35.84
C VAL D 160 32.49 -2.40 35.48
N ARG D 161 32.81 -1.85 34.30
CA ARG D 161 34.21 -1.68 33.87
C ARG D 161 34.45 -0.24 33.42
N PRO D 162 35.74 0.17 33.29
CA PRO D 162 35.98 1.56 32.88
C PRO D 162 35.41 1.91 31.50
N ASN D 163 35.35 0.91 30.61
CA ASN D 163 34.84 1.09 29.25
C ASN D 163 33.32 0.73 29.06
N THR D 164 32.61 0.52 30.17
CA THR D 164 31.21 0.13 30.13
C THR D 164 30.42 1.33 29.71
N LYS D 165 29.51 1.14 28.73
CA LYS D 165 28.77 2.28 28.18
C LYS D 165 27.24 2.18 28.37
N ALA D 166 26.77 1.02 28.79
CA ALA D 166 25.37 0.87 29.16
C ALA D 166 25.09 -0.39 29.95
N PHE D 167 23.93 -0.37 30.61
CA PHE D 167 23.28 -1.55 31.16
C PHE D 167 22.05 -1.77 30.27
N PHE D 168 21.66 -3.03 30.16
CA PHE D 168 20.51 -3.47 29.38
C PHE D 168 19.76 -4.59 30.06
N GLY D 169 18.42 -4.48 29.99
CA GLY D 169 17.58 -5.55 30.42
C GLY D 169 16.20 -5.41 29.84
N GLU D 170 15.40 -6.43 30.00
CA GLU D 170 14.05 -6.43 29.47
C GLU D 170 13.09 -6.33 30.63
N THR D 171 12.09 -5.45 30.55
CA THR D 171 11.25 -5.16 31.67
C THR D 171 10.47 -6.40 32.13
N ILE D 172 10.07 -7.24 31.17
CA ILE D 172 9.50 -8.54 31.45
C ILE D 172 10.18 -9.49 30.47
N SER D 173 10.82 -10.53 30.96
CA SER D 173 11.52 -11.47 30.07
C SER D 173 10.71 -12.73 29.87
N ASN D 174 11.06 -13.47 28.83
CA ASN D 174 10.24 -14.56 28.33
C ASN D 174 11.13 -15.73 27.99
N PRO D 175 10.84 -16.95 28.47
CA PRO D 175 9.65 -17.55 29.14
C PRO D 175 9.54 -17.49 30.70
N GLN D 176 10.44 -16.78 31.37
CA GLN D 176 10.46 -16.80 32.82
C GLN D 176 9.33 -15.93 33.37
N ILE D 177 9.01 -14.88 32.64
CA ILE D 177 8.03 -13.88 33.07
C ILE D 177 8.38 -13.39 34.47
N ASP D 178 9.64 -12.99 34.63
CA ASP D 178 10.05 -12.13 35.72
C ASP D 178 9.76 -10.70 35.36
N LEU D 179 9.95 -9.84 36.34
CA LEU D 179 10.07 -8.44 36.13
C LEU D 179 11.46 -7.95 36.50
N LEU D 180 12.10 -7.23 35.59
CA LEU D 180 13.35 -6.56 35.91
C LEU D 180 13.15 -5.59 37.06
N ASP D 181 14.15 -5.50 37.95
CA ASP D 181 14.16 -4.50 39.02
C ASP D 181 14.63 -3.20 38.40
N THR D 182 13.75 -2.51 37.70
CA THR D 182 14.21 -1.34 36.97
C THR D 182 14.74 -0.20 37.87
N PRO D 183 14.00 0.15 38.94
CA PRO D 183 14.54 1.20 39.81
C PRO D 183 15.93 0.87 40.40
N GLY D 184 16.12 -0.38 40.77
CA GLY D 184 17.33 -0.79 41.46
C GLY D 184 18.52 -0.95 40.51
N VAL D 185 18.24 -1.46 39.32
CA VAL D 185 19.27 -1.56 38.28
C VAL D 185 19.67 -0.16 37.81
N ALA D 186 18.67 0.71 37.62
CA ALA D 186 18.91 2.10 37.25
C ALA D 186 19.76 2.88 38.25
N GLU D 187 19.51 2.70 39.54
CA GLU D 187 20.39 3.39 40.53
C GLU D 187 21.83 2.83 40.54
N VAL D 188 22.01 1.54 40.31
CA VAL D 188 23.35 1.04 40.13
C VAL D 188 24.00 1.66 38.89
N ALA D 189 23.31 1.61 37.75
CA ALA D 189 23.82 2.27 36.55
C ALA D 189 24.15 3.72 36.79
N HIS D 190 23.19 4.50 37.28
CA HIS D 190 23.41 5.97 37.35
C HIS D 190 24.53 6.42 38.32
N ARG D 191 24.71 5.72 39.41
CA ARG D 191 25.78 6.14 40.36
C ARG D 191 27.17 5.86 39.78
N ASN D 192 27.25 5.11 38.68
CA ASN D 192 28.51 4.83 37.98
C ASN D 192 28.60 5.66 36.72
N GLY D 193 27.64 6.56 36.53
CA GLY D 193 27.58 7.40 35.33
C GLY D 193 27.16 6.65 34.08
N ILE D 194 26.30 5.65 34.20
CA ILE D 194 25.97 4.79 33.07
C ILE D 194 24.44 4.81 32.84
N PRO D 195 23.99 4.88 31.57
CA PRO D 195 22.52 4.89 31.34
C PRO D 195 21.95 3.49 31.33
N LEU D 196 20.65 3.33 31.59
CA LEU D 196 20.00 2.03 31.49
C LEU D 196 19.14 2.01 30.25
N ILE D 197 19.34 0.97 29.45
CA ILE D 197 18.47 0.71 28.31
C ILE D 197 17.60 -0.47 28.66
N VAL D 198 16.29 -0.34 28.47
CA VAL D 198 15.41 -1.48 28.63
C VAL D 198 14.57 -1.72 27.42
N ASP D 199 14.35 -2.98 27.11
CA ASP D 199 13.36 -3.40 26.14
C ASP D 199 12.02 -3.53 26.88
N ASN D 200 11.02 -2.77 26.43
CA ASN D 200 9.67 -2.80 27.04
C ASN D 200 8.59 -3.42 26.10
N THR D 201 9.04 -4.28 25.20
CA THR D 201 8.18 -4.89 24.18
C THR D 201 6.96 -5.67 24.79
N ILE D 202 7.25 -6.55 25.75
CA ILE D 202 6.26 -7.48 26.30
C ILE D 202 5.29 -6.71 27.20
N ALA D 203 5.78 -5.80 28.02
CA ALA D 203 4.92 -5.07 28.96
C ALA D 203 4.02 -4.09 28.22
N THR D 204 4.66 -3.41 27.26
CA THR D 204 4.14 -2.29 26.53
C THR D 204 4.07 -1.07 27.43
N PRO D 205 3.97 0.10 26.82
CA PRO D 205 3.73 1.26 27.66
C PRO D 205 2.41 1.25 28.41
N TYR D 206 1.48 0.36 28.07
CA TYR D 206 0.18 0.41 28.76
C TYR D 206 0.34 -0.12 30.19
N LEU D 207 1.30 -1.03 30.35
CA LEU D 207 1.54 -1.71 31.61
C LEU D 207 2.66 -1.09 32.43
N ILE D 208 3.75 -0.66 31.77
CA ILE D 208 4.95 -0.06 32.43
C ILE D 208 5.48 1.09 31.60
N ARG D 209 5.69 2.23 32.23
CA ARG D 209 6.40 3.31 31.63
C ARG D 209 7.78 3.39 32.32
N PRO D 210 8.78 2.67 31.78
CA PRO D 210 10.06 2.49 32.51
C PRO D 210 10.83 3.77 32.78
N PHE D 211 10.58 4.84 32.03
CA PHE D 211 11.18 6.13 32.38
C PHE D 211 10.79 6.56 33.82
N THR D 212 9.63 6.09 34.31
CA THR D 212 9.15 6.49 35.64
C THR D 212 9.89 5.74 36.73
N GLN D 213 10.65 4.72 36.34
CA GLN D 213 11.29 3.78 37.20
C GLN D 213 12.81 3.79 37.05
N GLY D 214 13.36 4.82 36.41
CA GLY D 214 14.80 4.95 36.24
C GLY D 214 15.44 4.57 34.91
N ALA D 215 14.67 4.05 33.94
CA ALA D 215 15.29 3.74 32.65
C ALA D 215 15.52 5.03 31.90
N ASP D 216 16.57 5.05 31.07
CA ASP D 216 16.89 6.25 30.28
C ASP D 216 16.54 6.12 28.79
N ILE D 217 16.55 4.88 28.31
CA ILE D 217 16.25 4.55 26.89
C ILE D 217 15.38 3.33 26.93
N VAL D 218 14.33 3.34 26.12
CA VAL D 218 13.41 2.21 25.99
C VAL D 218 13.37 1.75 24.51
N VAL D 219 13.42 0.43 24.31
CA VAL D 219 13.36 -0.15 23.01
C VAL D 219 12.08 -1.00 22.91
N HIS D 220 11.37 -0.87 21.78
CA HIS D 220 10.32 -1.83 21.45
C HIS D 220 10.55 -2.51 20.10
N SER D 221 10.18 -3.77 19.99
CA SER D 221 9.93 -4.39 18.71
C SER D 221 8.46 -4.03 18.42
N ALA D 222 8.28 -2.96 17.67
CA ALA D 222 6.95 -2.53 17.23
C ALA D 222 6.29 -3.53 16.33
N THR D 223 7.09 -4.43 15.77
CA THR D 223 6.57 -5.63 15.16
C THR D 223 5.50 -6.32 15.98
N LYS D 224 5.62 -6.27 17.32
CA LYS D 224 4.80 -7.12 18.16
C LYS D 224 3.55 -6.32 18.60
N TYR D 225 3.38 -6.03 19.90
CA TYR D 225 2.16 -5.42 20.40
C TYR D 225 1.83 -4.03 19.89
N LEU D 226 2.82 -3.20 19.59
CA LEU D 226 2.52 -1.82 19.21
C LEU D 226 1.72 -1.81 17.92
N GLY D 227 2.21 -2.48 16.89
CA GLY D 227 1.48 -2.63 15.62
C GLY D 227 0.30 -3.57 15.80
N GLY D 228 0.56 -4.73 16.42
CA GLY D 228 -0.51 -5.55 16.95
C GLY D 228 -1.13 -6.56 16.00
N HIS D 229 -0.84 -6.49 14.69
CA HIS D 229 -1.59 -7.29 13.75
C HIS D 229 -0.71 -8.19 12.90
N GLY D 230 0.54 -8.38 13.29
CA GLY D 230 1.40 -9.29 12.53
C GLY D 230 1.66 -8.83 11.11
N ALA D 231 1.58 -7.53 10.85
CA ALA D 231 1.59 -7.01 9.47
C ALA D 231 2.66 -5.99 9.16
N ALA D 232 3.55 -5.72 10.10
CA ALA D 232 4.54 -4.70 9.88
C ALA D 232 5.73 -4.83 10.80
N ILE D 233 6.85 -5.32 10.25
N ILE D 233 6.84 -5.32 10.27
CA ILE D 233 8.13 -5.36 10.97
CA ILE D 233 8.08 -5.36 11.01
C ILE D 233 8.63 -3.93 11.23
C ILE D 233 8.60 -3.94 11.24
N ALA D 234 9.04 -3.67 12.46
CA ALA D 234 9.42 -2.32 12.85
C ALA D 234 10.06 -2.32 14.22
N GLY D 235 10.94 -1.36 14.45
CA GLY D 235 11.47 -1.10 15.82
C GLY D 235 11.41 0.37 16.15
N VAL D 236 11.58 0.66 17.44
CA VAL D 236 11.59 2.01 17.88
C VAL D 236 12.45 2.15 19.12
N ILE D 237 13.18 3.24 19.13
CA ILE D 237 13.94 3.67 20.31
C ILE D 237 13.31 4.91 20.85
N VAL D 238 13.03 4.91 22.16
CA VAL D 238 12.53 6.11 22.85
C VAL D 238 13.57 6.67 23.84
N ASP D 239 13.87 7.96 23.69
CA ASP D 239 14.76 8.74 24.56
C ASP D 239 13.95 9.39 25.71
N GLY D 240 14.22 8.96 26.94
CA GLY D 240 13.57 9.52 28.16
C GLY D 240 13.97 10.96 28.42
N GLY D 241 15.15 11.32 27.91
CA GLY D 241 15.71 12.66 28.13
C GLY D 241 16.12 12.90 29.59
N THR D 242 16.41 11.82 30.32
CA THR D 242 16.68 11.82 31.77
C THR D 242 18.16 11.65 32.17
N PHE D 243 19.07 11.67 31.20
CA PHE D 243 20.44 11.29 31.45
C PHE D 243 21.38 12.42 31.11
N ASP D 244 22.32 12.66 32.02
CA ASP D 244 23.36 13.63 31.81
C ASP D 244 24.46 12.90 31.07
N TRP D 245 24.68 13.30 29.82
CA TRP D 245 25.66 12.69 28.90
C TRP D 245 27.06 13.25 29.06
N THR D 246 27.26 14.17 30.02
CA THR D 246 28.53 14.94 30.14
C THR D 246 29.35 14.54 31.33
N GLN D 247 28.99 13.45 32.00
CA GLN D 247 29.63 13.07 33.26
C GLN D 247 30.99 12.46 33.03
N GLY D 248 31.28 11.98 31.82
CA GLY D 248 32.64 11.54 31.51
C GLY D 248 32.79 10.30 30.65
N ARG D 249 31.84 9.37 30.71
CA ARG D 249 31.95 8.17 29.87
C ARG D 249 31.56 8.35 28.39
N PHE D 250 31.14 9.56 27.99
CA PHE D 250 30.58 9.81 26.66
C PHE D 250 31.11 11.04 25.90
N PRO D 251 32.39 11.01 25.51
CA PRO D 251 32.96 12.11 24.75
C PRO D 251 32.35 12.30 23.35
N GLU D 252 31.73 11.28 22.80
CA GLU D 252 30.94 11.46 21.58
C GLU D 252 29.79 12.45 21.75
N PHE D 253 29.31 12.64 22.97
CA PHE D 253 28.28 13.65 23.27
C PHE D 253 28.81 15.05 23.65
N THR D 254 30.10 15.16 23.95
CA THR D 254 30.69 16.42 24.38
C THR D 254 31.77 16.92 23.46
N THR D 255 31.91 16.35 22.27
CA THR D 255 32.94 16.72 21.31
C THR D 255 32.28 17.15 20.00
N PRO D 256 32.66 18.30 19.40
CA PRO D 256 32.03 18.65 18.14
C PRO D 256 32.14 17.50 17.14
N ASP D 257 31.05 17.21 16.47
CA ASP D 257 31.01 16.14 15.51
C ASP D 257 31.37 16.68 14.15
N PRO D 258 32.57 16.34 13.65
CA PRO D 258 32.90 16.82 12.32
C PRO D 258 31.97 16.24 11.23
N SER D 259 31.29 15.11 11.47
CA SER D 259 30.31 14.58 10.48
C SER D 259 29.04 15.43 10.40
N TYR D 260 28.84 16.32 11.38
CA TYR D 260 27.60 17.05 11.46
C TYR D 260 27.76 18.49 11.97
N HIS D 261 28.42 19.31 11.17
CA HIS D 261 28.61 20.73 11.42
C HIS D 261 29.23 21.05 12.75
N GLY D 262 30.06 20.17 13.30
CA GLY D 262 30.68 20.46 14.59
C GLY D 262 29.69 20.50 15.74
N VAL D 263 28.52 19.94 15.54
CA VAL D 263 27.53 19.93 16.60
C VAL D 263 28.06 19.16 17.80
N VAL D 264 27.77 19.66 18.99
CA VAL D 264 28.05 18.98 20.26
C VAL D 264 26.69 18.45 20.78
N PHE D 265 26.47 17.14 20.73
CA PHE D 265 25.13 16.62 20.95
C PHE D 265 24.55 16.95 22.31
N ALA D 266 25.37 16.98 23.35
CA ALA D 266 24.89 17.30 24.70
C ALA D 266 24.27 18.69 24.80
N GLU D 267 24.78 19.64 24.01
CA GLU D 267 24.23 21.01 23.98
C GLU D 267 22.85 21.11 23.30
N LEU D 268 22.39 20.02 22.72
CA LEU D 268 21.01 19.97 22.25
C LEU D 268 20.03 19.61 23.37
N GLY D 269 20.51 19.37 24.59
CA GLY D 269 19.60 19.16 25.70
C GLY D 269 18.91 17.79 25.73
N ALA D 270 17.65 17.75 26.13
CA ALA D 270 16.98 16.51 26.49
C ALA D 270 17.04 15.39 25.41
N PRO D 271 16.79 15.70 24.13
CA PRO D 271 16.78 14.60 23.13
C PRO D 271 18.13 14.37 22.40
N ALA D 272 19.22 14.71 23.07
CA ALA D 272 20.55 14.52 22.52
C ALA D 272 20.72 13.12 21.95
N TYR D 273 20.36 12.10 22.71
CA TYR D 273 20.59 10.70 22.31
C TYR D 273 19.80 10.35 21.03
N ALA D 274 18.52 10.73 20.98
CA ALA D 274 17.69 10.43 19.82
C ALA D 274 18.19 11.15 18.58
N LEU D 275 18.61 12.42 18.75
CA LEU D 275 19.06 13.22 17.62
C LEU D 275 20.37 12.67 17.05
N LYS D 276 21.28 12.30 17.96
CA LYS D 276 22.55 11.64 17.58
C LYS D 276 22.32 10.35 16.77
N ALA D 277 21.40 9.54 17.26
CA ALA D 277 21.05 8.28 16.59
C ALA D 277 20.52 8.53 15.18
N ARG D 278 19.72 9.59 15.01
CA ARG D 278 19.17 9.88 13.69
C ARG D 278 20.22 10.36 12.70
N VAL D 279 21.00 11.34 13.11
CA VAL D 279 21.93 12.01 12.20
C VAL D 279 23.21 11.25 11.94
N GLN D 280 23.59 10.36 12.83
CA GLN D 280 24.72 9.48 12.60
C GLN D 280 24.32 8.07 12.17
N LEU D 281 23.61 7.33 13.03
CA LEU D 281 23.36 5.90 12.76
C LEU D 281 22.37 5.67 11.59
N LEU D 282 21.25 6.36 11.61
CA LEU D 282 20.27 6.20 10.53
C LEU D 282 20.82 6.68 9.20
N ARG D 283 21.50 7.82 9.21
CA ARG D 283 22.16 8.35 8.05
C ARG D 283 23.10 7.32 7.45
N ASP D 284 24.01 6.75 8.28
CA ASP D 284 25.11 5.91 7.79
C ASP D 284 24.72 4.42 7.62
N LEU D 285 24.10 3.87 8.65
CA LEU D 285 23.75 2.44 8.66
C LEU D 285 22.43 2.14 7.96
N GLY D 286 21.52 3.09 7.92
CA GLY D 286 20.42 2.96 6.91
C GLY D 286 19.29 1.97 7.24
N SER D 287 19.09 1.66 8.52
CA SER D 287 18.00 0.78 8.98
C SER D 287 16.64 1.52 9.05
N ALA D 288 16.26 2.09 7.91
CA ALA D 288 15.09 2.97 7.79
C ALA D 288 13.81 2.13 7.73
N ALA D 289 12.74 2.69 8.30
CA ALA D 289 11.40 2.15 8.12
C ALA D 289 10.73 2.67 6.84
N SER D 290 10.03 1.80 6.13
CA SER D 290 9.08 2.20 5.13
C SER D 290 7.95 3.03 5.75
N PRO D 291 7.56 4.14 5.11
CA PRO D 291 6.40 4.90 5.57
C PRO D 291 5.13 4.04 5.63
N PHE D 292 5.04 3.02 4.78
CA PHE D 292 3.86 2.12 4.80
C PHE D 292 3.79 1.30 6.12
N ASN D 293 4.96 0.82 6.57
CA ASN D 293 5.03 0.12 7.81
C ASN D 293 4.75 1.05 9.02
N ALA D 294 5.18 2.30 8.96
CA ALA D 294 4.84 3.27 9.99
C ALA D 294 3.32 3.51 10.06
N PHE D 295 2.70 3.70 8.90
CA PHE D 295 1.25 3.83 8.80
C PHE D 295 0.53 2.63 9.47
N LEU D 296 0.95 1.42 9.15
CA LEU D 296 0.35 0.21 9.72
C LEU D 296 0.55 0.15 11.23
N VAL D 297 1.73 0.50 11.71
CA VAL D 297 1.92 0.61 13.17
C VAL D 297 1.05 1.71 13.78
N ALA D 298 0.93 2.89 13.19
CA ALA D 298 -0.03 3.91 13.70
C ALA D 298 -1.46 3.35 13.83
N GLN D 299 -1.87 2.56 12.85
CA GLN D 299 -3.20 1.94 12.88
C GLN D 299 -3.33 1.02 14.12
N GLY D 300 -2.28 0.29 14.43
CA GLY D 300 -2.32 -0.59 15.57
C GLY D 300 -2.30 0.20 16.86
N LEU D 301 -1.49 1.25 16.90
CA LEU D 301 -1.46 2.11 18.08
C LEU D 301 -2.82 2.66 18.46
N GLU D 302 -3.68 2.87 17.47
CA GLU D 302 -4.99 3.44 17.74
C GLU D 302 -5.85 2.57 18.63
N THR D 303 -5.59 1.28 18.72
CA THR D 303 -6.32 0.40 19.64
C THR D 303 -5.43 -0.20 20.77
N LEU D 304 -4.17 0.23 20.89
CA LEU D 304 -3.24 -0.39 21.83
C LEU D 304 -3.81 -0.66 23.23
N SER D 305 -4.32 0.34 23.94
CA SER D 305 -4.83 0.09 25.30
C SER D 305 -5.92 -0.98 25.34
N LEU D 306 -6.81 -0.92 24.36
CA LEU D 306 -7.90 -1.87 24.23
C LEU D 306 -7.42 -3.30 24.02
N ARG D 307 -6.45 -3.47 23.13
CA ARG D 307 -5.91 -4.81 22.88
C ARG D 307 -5.13 -5.33 24.09
N ILE D 308 -4.22 -4.52 24.62
CA ILE D 308 -3.46 -4.96 25.78
C ILE D 308 -4.40 -5.34 26.96
N GLU D 309 -5.41 -4.54 27.25
N GLU D 309 -5.42 -4.53 27.25
CA GLU D 309 -6.39 -4.90 28.29
CA GLU D 309 -6.42 -4.87 28.28
C GLU D 309 -6.90 -6.32 28.07
C GLU D 309 -6.94 -6.29 28.08
N ARG D 310 -7.29 -6.63 26.83
CA ARG D 310 -7.86 -7.95 26.55
C ARG D 310 -6.84 -9.05 26.52
N HIS D 311 -5.66 -8.80 25.95
CA HIS D 311 -4.57 -9.77 25.97
C HIS D 311 -4.27 -10.18 27.42
N VAL D 312 -4.23 -9.18 28.31
CA VAL D 312 -3.82 -9.39 29.70
C VAL D 312 -4.92 -10.05 30.57
N SER D 313 -6.19 -9.71 30.38
CA SER D 313 -7.24 -10.47 31.14
C SER D 313 -7.35 -11.92 30.60
N ASN D 314 -7.24 -12.11 29.28
CA ASN D 314 -7.12 -13.48 28.75
C ASN D 314 -5.94 -14.24 29.31
N ALA D 315 -4.77 -13.60 29.35
CA ALA D 315 -3.57 -14.31 29.80
C ALA D 315 -3.65 -14.57 31.30
N GLN D 316 -4.16 -13.59 32.06
CA GLN D 316 -4.36 -13.75 33.50
C GLN D 316 -5.30 -14.90 33.80
N ARG D 317 -6.42 -14.97 33.08
CA ARG D 317 -7.30 -16.14 33.17
C ARG D 317 -6.65 -17.45 32.70
N VAL D 318 -5.89 -17.43 31.63
CA VAL D 318 -5.23 -18.67 31.18
C VAL D 318 -4.18 -19.09 32.23
N ALA D 319 -3.52 -18.12 32.85
CA ALA D 319 -2.49 -18.45 33.82
C ALA D 319 -3.18 -19.19 35.00
N GLU D 320 -4.27 -18.61 35.48
CA GLU D 320 -5.03 -19.11 36.64
C GLU D 320 -5.56 -20.50 36.32
N PHE D 321 -6.18 -20.65 35.15
CA PHE D 321 -6.59 -21.95 34.61
C PHE D 321 -5.49 -22.97 34.77
N LEU D 322 -4.34 -22.68 34.18
CA LEU D 322 -3.23 -23.64 34.16
C LEU D 322 -2.71 -24.04 35.55
N ALA D 323 -2.73 -23.09 36.47
CA ALA D 323 -2.22 -23.30 37.82
C ALA D 323 -3.09 -24.29 38.63
N ASP D 324 -4.39 -24.29 38.37
CA ASP D 324 -5.37 -25.17 39.01
C ASP D 324 -5.30 -26.63 38.59
N ARG D 325 -4.41 -27.00 37.67
CA ARG D 325 -4.43 -28.36 37.11
C ARG D 325 -3.34 -29.30 37.62
N GLU D 326 -3.76 -30.50 37.99
CA GLU D 326 -2.88 -31.51 38.55
C GLU D 326 -1.90 -32.01 37.51
N ASP D 327 -2.25 -31.97 36.23
CA ASP D 327 -1.31 -32.40 35.19
C ASP D 327 -0.35 -31.30 34.73
N VAL D 328 -0.42 -30.13 35.38
CA VAL D 328 0.52 -29.03 35.15
C VAL D 328 1.44 -28.81 36.35
N VAL D 329 2.74 -29.02 36.13
CA VAL D 329 3.77 -28.97 37.19
C VAL D 329 4.05 -27.56 37.69
N THR D 330 4.30 -26.62 36.78
CA THR D 330 4.37 -25.23 37.16
C THR D 330 4.01 -24.26 36.01
N VAL D 331 3.71 -23.01 36.40
CA VAL D 331 3.31 -21.94 35.51
C VAL D 331 4.18 -20.73 35.80
N ASN D 332 4.77 -20.15 34.77
CA ASN D 332 5.45 -18.91 34.91
C ASN D 332 4.59 -17.79 34.38
N TYR D 333 4.22 -16.86 35.26
CA TYR D 333 3.48 -15.69 34.92
C TYR D 333 3.44 -14.82 36.16
N ALA D 334 4.16 -13.69 36.14
CA ALA D 334 4.25 -12.81 37.32
C ALA D 334 2.91 -12.41 37.96
N GLY D 335 1.84 -12.48 37.15
CA GLY D 335 0.48 -12.20 37.65
C GLY D 335 -0.14 -13.21 38.58
N LEU D 336 0.41 -14.43 38.63
CA LEU D 336 0.02 -15.44 39.59
C LEU D 336 0.63 -15.11 40.95
N PRO D 337 -0.19 -15.17 42.02
CA PRO D 337 0.33 -14.94 43.39
C PRO D 337 1.54 -15.80 43.79
N GLY D 338 1.69 -16.99 43.22
CA GLY D 338 2.86 -17.87 43.52
C GLY D 338 4.19 -17.48 42.86
N SER D 339 4.14 -16.67 41.79
CA SER D 339 5.38 -16.27 41.13
C SER D 339 6.32 -15.51 42.06
N PRO D 340 7.64 -15.78 41.97
CA PRO D 340 8.59 -14.93 42.70
C PRO D 340 8.52 -13.44 42.34
N TRP D 341 7.98 -13.08 41.18
CA TRP D 341 7.97 -11.68 40.77
C TRP D 341 6.60 -11.01 40.96
N HIS D 342 5.72 -11.68 41.70
CA HIS D 342 4.36 -11.22 41.84
C HIS D 342 4.31 -9.88 42.59
N GLU D 343 5.12 -9.79 43.64
CA GLU D 343 5.15 -8.61 44.46
C GLU D 343 5.80 -7.43 43.73
N ARG D 344 6.85 -7.70 42.98
CA ARG D 344 7.41 -6.68 42.12
C ARG D 344 6.37 -6.21 41.08
N ALA D 345 5.62 -7.15 40.53
CA ALA D 345 4.55 -6.76 39.61
C ALA D 345 3.53 -5.79 40.27
N LYS D 346 3.17 -6.00 41.54
CA LYS D 346 2.23 -5.10 42.20
C LYS D 346 2.81 -3.69 42.29
N LYS D 347 4.14 -3.60 42.40
CA LYS D 347 4.77 -2.30 42.54
C LYS D 347 4.96 -1.68 41.16
N LEU D 348 5.55 -2.44 40.24
CA LEU D 348 5.98 -1.87 38.95
C LEU D 348 5.01 -2.08 37.77
N SER D 349 4.08 -3.02 37.90
CA SER D 349 3.17 -3.35 36.76
C SER D 349 1.80 -3.77 37.29
N PRO D 350 1.13 -2.87 38.04
CA PRO D 350 -0.06 -3.31 38.78
C PRO D 350 -1.23 -3.79 37.89
N LYS D 351 -1.28 -3.28 36.66
CA LYS D 351 -2.42 -3.61 35.76
C LYS D 351 -2.27 -4.97 35.14
N GLY D 352 -1.13 -5.63 35.31
CA GLY D 352 -0.94 -6.98 34.81
C GLY D 352 0.45 -7.14 34.26
N THR D 353 0.80 -8.36 33.86
CA THR D 353 2.16 -8.72 33.56
C THR D 353 2.34 -9.28 32.14
N GLY D 354 1.77 -8.58 31.17
CA GLY D 354 1.89 -8.99 29.77
C GLY D 354 1.04 -10.20 29.44
N ALA D 355 1.24 -10.70 28.24
CA ALA D 355 0.35 -11.69 27.68
C ALA D 355 1.06 -12.92 27.23
N VAL D 356 2.31 -13.07 27.64
CA VAL D 356 3.11 -14.21 27.27
C VAL D 356 3.29 -15.06 28.56
N LEU D 357 3.33 -16.38 28.43
CA LEU D 357 3.53 -17.28 29.57
C LEU D 357 4.07 -18.62 29.13
N SER D 358 4.47 -19.43 30.11
CA SER D 358 4.98 -20.75 29.84
C SER D 358 4.57 -21.62 31.01
N PHE D 359 4.55 -22.93 30.80
CA PHE D 359 4.18 -23.87 31.84
C PHE D 359 4.79 -25.21 31.53
N GLU D 360 5.05 -26.00 32.58
CA GLU D 360 5.61 -27.35 32.44
C GLU D 360 4.53 -28.40 32.57
N LEU D 361 4.46 -29.31 31.58
CA LEU D 361 3.60 -30.52 31.62
C LEU D 361 4.30 -31.80 32.12
N ALA D 362 3.52 -32.74 32.66
CA ALA D 362 4.03 -34.05 33.11
C ALA D 362 4.39 -35.00 31.94
N LYS D 369 4.80 -32.13 22.99
CA LYS D 369 4.68 -32.59 21.62
C LYS D 369 3.26 -33.05 21.27
N ALA D 370 2.65 -33.83 22.15
CA ALA D 370 1.25 -34.27 21.94
C ALA D 370 0.26 -33.12 22.14
N PHE D 371 0.49 -32.34 23.19
CA PHE D 371 -0.35 -31.22 23.62
C PHE D 371 -0.52 -30.18 22.51
N VAL D 372 0.59 -29.75 21.90
CA VAL D 372 0.56 -28.75 20.83
C VAL D 372 -0.02 -29.30 19.53
N ASN D 373 0.35 -30.54 19.18
CA ASN D 373 -0.17 -31.16 17.97
C ASN D 373 -1.70 -31.23 17.96
N ALA D 374 -2.33 -31.26 19.13
CA ALA D 374 -3.80 -31.34 19.21
C ALA D 374 -4.50 -29.97 19.05
N LEU D 375 -3.79 -28.89 19.38
CA LEU D 375 -4.37 -27.54 19.32
C LEU D 375 -4.88 -27.20 17.92
N LYS D 376 -6.10 -26.68 17.83
CA LYS D 376 -6.68 -26.33 16.53
C LYS D 376 -6.75 -24.79 16.31
N LEU D 377 -6.78 -24.01 17.38
CA LEU D 377 -6.94 -22.57 17.30
C LEU D 377 -5.63 -21.81 17.44
N HIS D 378 -4.72 -22.27 18.31
CA HIS D 378 -3.43 -21.60 18.48
C HIS D 378 -2.64 -21.70 17.21
N SER D 379 -2.04 -20.60 16.73
CA SER D 379 -1.16 -20.67 15.59
C SER D 379 0.22 -21.15 16.02
N HIS D 380 0.91 -21.85 15.12
CA HIS D 380 2.32 -22.19 15.29
C HIS D 380 3.22 -21.13 14.66
N VAL D 381 2.67 -20.24 13.84
CA VAL D 381 3.51 -19.30 13.11
C VAL D 381 3.32 -17.84 13.47
N ALA D 382 2.25 -17.46 14.16
CA ALA D 382 2.04 -16.03 14.44
C ALA D 382 3.11 -15.51 15.39
N ASN D 383 3.57 -14.26 15.20
CA ASN D 383 4.53 -13.65 16.13
C ASN D 383 3.86 -13.22 17.41
N ILE D 384 4.65 -13.19 18.47
CA ILE D 384 4.25 -12.62 19.73
C ILE D 384 3.72 -11.20 19.44
N GLY D 385 2.60 -10.84 20.03
CA GLY D 385 2.08 -9.49 19.87
C GLY D 385 1.07 -9.35 18.73
N ASP D 386 0.83 -10.44 18.03
CA ASP D 386 -0.27 -10.48 17.07
C ASP D 386 -1.58 -10.67 17.86
N VAL D 387 -2.68 -10.39 17.21
CA VAL D 387 -3.99 -10.60 17.79
C VAL D 387 -4.25 -12.08 17.99
N ARG D 388 -3.59 -12.88 17.17
CA ARG D 388 -3.74 -14.31 17.14
C ARG D 388 -2.92 -14.96 18.25
N SER D 389 -3.54 -15.90 18.99
CA SER D 389 -2.80 -16.72 20.01
C SER D 389 -1.77 -17.60 19.32
N LEU D 390 -0.60 -17.74 19.95
CA LEU D 390 0.52 -18.50 19.43
C LEU D 390 0.95 -19.55 20.45
N VAL D 391 1.33 -20.73 19.97
CA VAL D 391 1.90 -21.79 20.80
C VAL D 391 3.26 -22.29 20.29
N ILE D 392 4.13 -22.70 21.22
CA ILE D 392 5.44 -23.34 20.93
C ILE D 392 5.84 -24.38 22.03
N HIS D 393 6.18 -25.60 21.59
CA HIS D 393 6.84 -26.60 22.43
C HIS D 393 8.28 -26.79 21.97
N PRO D 394 9.25 -26.06 22.58
CA PRO D 394 10.68 -26.19 22.26
C PRO D 394 11.37 -27.34 23.00
N SER D 413 12.72 -26.82 30.29
CA SER D 413 12.21 -28.15 30.56
C SER D 413 11.86 -28.86 29.25
N PRO D 414 11.95 -30.20 29.21
CA PRO D 414 11.58 -30.93 27.99
C PRO D 414 10.04 -31.08 27.86
N GLY D 415 9.30 -30.62 28.87
CA GLY D 415 7.86 -30.44 28.76
C GLY D 415 7.42 -28.98 28.87
N LEU D 416 8.31 -28.04 28.51
CA LEU D 416 7.94 -26.63 28.61
C LEU D 416 7.08 -26.24 27.40
N VAL D 417 5.95 -25.60 27.68
CA VAL D 417 5.08 -25.03 26.64
C VAL D 417 5.02 -23.51 26.76
N ARG D 418 5.11 -22.84 25.62
CA ARG D 418 5.16 -21.39 25.60
C ARG D 418 3.95 -20.86 24.86
N LEU D 419 3.24 -19.91 25.46
CA LEU D 419 2.09 -19.29 24.81
C LEU D 419 2.21 -17.81 24.71
N ALA D 420 1.75 -17.28 23.58
CA ALA D 420 1.42 -15.89 23.53
C ALA D 420 -0.08 -15.91 23.37
N VAL D 421 -0.74 -15.35 24.37
CA VAL D 421 -2.18 -15.37 24.47
C VAL D 421 -2.76 -14.19 23.70
N GLY D 422 -3.60 -14.50 22.73
CA GLY D 422 -4.27 -13.51 21.90
C GLY D 422 -5.53 -12.90 22.50
N ILE D 423 -6.29 -12.20 21.64
CA ILE D 423 -7.54 -11.55 22.02
C ILE D 423 -8.79 -12.25 21.48
N GLU D 424 -8.63 -13.51 21.08
CA GLU D 424 -9.76 -14.39 20.84
C GLU D 424 -10.62 -14.49 22.11
N GLY D 425 -11.82 -15.06 21.96
CA GLY D 425 -12.73 -15.24 23.11
C GLY D 425 -12.08 -16.19 24.11
N ILE D 426 -12.02 -15.80 25.38
CA ILE D 426 -11.32 -16.65 26.38
C ILE D 426 -11.81 -18.09 26.43
N GLU D 427 -13.11 -18.28 26.29
CA GLU D 427 -13.65 -19.64 26.35
C GLU D 427 -13.17 -20.52 25.20
N ASP D 428 -12.93 -19.93 24.03
CA ASP D 428 -12.43 -20.70 22.88
C ASP D 428 -10.94 -21.04 23.05
N ILE D 429 -10.20 -20.13 23.67
CA ILE D 429 -8.79 -20.36 23.99
C ILE D 429 -8.67 -21.54 24.95
N LEU D 430 -9.48 -21.51 26.02
CA LEU D 430 -9.43 -22.58 27.08
C LEU D 430 -9.96 -23.91 26.55
N ALA D 431 -11.05 -23.87 25.79
CA ALA D 431 -11.46 -25.02 25.00
C ALA D 431 -10.31 -25.62 24.24
N ASP D 432 -9.51 -24.79 23.58
CA ASP D 432 -8.47 -25.29 22.67
C ASP D 432 -7.34 -25.95 23.47
N LEU D 433 -7.09 -25.38 24.64
CA LEU D 433 -6.08 -25.91 25.57
C LEU D 433 -6.53 -27.28 26.10
N GLU D 434 -7.79 -27.38 26.48
CA GLU D 434 -8.36 -28.69 26.91
C GLU D 434 -8.15 -29.78 25.90
N LEU D 435 -8.10 -29.42 24.62
CA LEU D 435 -7.78 -30.40 23.59
C LEU D 435 -6.33 -30.79 23.74
N GLY D 436 -5.52 -29.84 24.19
CA GLY D 436 -4.09 -30.09 24.44
C GLY D 436 -3.92 -31.19 25.48
N PHE D 437 -4.50 -30.98 26.64
CA PHE D 437 -4.57 -31.99 27.68
C PHE D 437 -5.41 -33.19 27.17
N ALA D 438 -4.78 -34.06 26.37
CA ALA D 438 -5.41 -35.27 25.85
C ALA D 438 -4.38 -36.16 25.16
S SO4 E . -12.14 -3.41 -15.92
O1 SO4 E . -13.50 -3.26 -15.35
O2 SO4 E . -12.30 -3.43 -17.39
O3 SO4 E . -11.27 -2.26 -15.58
O4 SO4 E . -11.58 -4.60 -15.36
S SO4 F . -14.15 -10.28 -25.75
O1 SO4 F . -15.28 -10.93 -25.04
O2 SO4 F . -14.25 -10.67 -27.17
O3 SO4 F . -14.16 -8.80 -25.72
O4 SO4 F . -12.89 -10.69 -25.06
S SO4 G . -19.86 5.12 2.03
O1 SO4 G . -21.07 4.97 2.89
O2 SO4 G . -20.31 5.29 0.61
O3 SO4 G . -19.21 6.34 2.35
O4 SO4 G . -18.98 3.95 2.26
S SO4 H . -27.27 12.71 7.29
O1 SO4 H . -27.70 13.52 8.45
O2 SO4 H . -28.06 13.22 6.15
O3 SO4 H . -25.82 12.84 7.07
O4 SO4 H . -27.57 11.29 7.50
S SO4 I . 19.71 5.06 0.08
O1 SO4 I . 18.89 6.22 0.17
O2 SO4 I . 20.94 5.37 -0.66
O3 SO4 I . 20.13 4.72 1.45
O4 SO4 I . 19.03 3.95 -0.62
S SO4 J . 27.71 13.59 -3.03
O1 SO4 J . 26.36 13.85 -3.56
O2 SO4 J . 28.79 14.27 -3.78
O3 SO4 J . 27.82 14.13 -1.66
O4 SO4 J . 27.93 12.15 -3.16
S SO4 K . 12.01 -7.78 15.27
O1 SO4 K . 11.12 -6.60 15.05
O2 SO4 K . 13.39 -7.66 14.65
O3 SO4 K . 12.22 -7.88 16.75
O4 SO4 K . 11.49 -8.95 14.71
S SO4 L . 13.49 -16.97 22.45
O1 SO4 L . 12.07 -16.73 22.16
O2 SO4 L . 14.22 -17.34 21.23
O3 SO4 L . 14.03 -15.72 22.99
O4 SO4 L . 13.64 -18.07 23.41
#